data_9M4S
# 
_entry.id   9M4S 
# 
_audit_conform.dict_name       mmcif_pdbx.dic 
_audit_conform.dict_version    5.406 
_audit_conform.dict_location   http://mmcif.pdb.org/dictionaries/ascii/mmcif_pdbx.dic 
# 
loop_
_database_2.database_id 
_database_2.database_code 
_database_2.pdbx_database_accession 
_database_2.pdbx_DOI 
PDB   9M4S         pdb_00009m4s 10.2210/pdb9m4s/pdb 
WWPDB D_1300057174 ?            ?                   
# 
_pdbx_audit_revision_history.ordinal             1 
_pdbx_audit_revision_history.data_content_type   'Structure model' 
_pdbx_audit_revision_history.major_revision      1 
_pdbx_audit_revision_history.minor_revision      0 
_pdbx_audit_revision_history.revision_date       2025-11-05 
_pdbx_audit_revision_history.part_number         ? 
# 
_pdbx_audit_revision_details.ordinal             1 
_pdbx_audit_revision_details.revision_ordinal    1 
_pdbx_audit_revision_details.data_content_type   'Structure model' 
_pdbx_audit_revision_details.provider            repository 
_pdbx_audit_revision_details.type                'Initial release' 
_pdbx_audit_revision_details.description         ? 
_pdbx_audit_revision_details.details             ? 
# 
_pdbx_database_status.status_code                     REL 
_pdbx_database_status.status_code_sf                  REL 
_pdbx_database_status.status_code_mr                  ? 
_pdbx_database_status.entry_id                        9M4S 
_pdbx_database_status.recvd_initial_deposition_date   2025-03-04 
_pdbx_database_status.SG_entry                        N 
_pdbx_database_status.deposit_site                    PDBJ 
_pdbx_database_status.process_site                    PDBC 
_pdbx_database_status.status_code_cs                  ? 
_pdbx_database_status.status_code_nmr_data            ? 
_pdbx_database_status.methods_development_category    ? 
_pdbx_database_status.pdb_format_compatible           Y 
# 
_pdbx_contact_author.id                 2 
_pdbx_contact_author.email              dujm@sustech.edu.cn 
_pdbx_contact_author.name_first         Jiamu 
_pdbx_contact_author.name_last          Du 
_pdbx_contact_author.name_mi            ? 
_pdbx_contact_author.role               'principal investigator/group leader' 
_pdbx_contact_author.identifier_ORCID   0000-0002-1337-0786 
# 
loop_
_audit_author.name 
_audit_author.pdbx_ordinal 
_audit_author.identifier_ORCID 
'Li, X.' 1 ?                   
'Du, J.' 2 0000-0002-1337-0786 
# 
_citation.abstract                  ? 
_citation.abstract_id_CAS           ? 
_citation.book_id_ISBN              ? 
_citation.book_publisher            ? 
_citation.book_publisher_city       ? 
_citation.book_title                ? 
_citation.coordinate_linkage        ? 
_citation.country                   UK 
_citation.database_id_Medline       ? 
_citation.details                   ? 
_citation.id                        primary 
_citation.journal_abbrev            'Nat Commun' 
_citation.journal_id_ASTM           ? 
_citation.journal_id_CSD            ? 
_citation.journal_id_ISSN           2041-1723 
_citation.journal_full              ? 
_citation.journal_issue             ? 
_citation.journal_volume            16 
_citation.language                  ? 
_citation.page_first                9376 
_citation.page_last                 9376 
_citation.title                     
'A pair of readers of histone H3K4 methylation recruit Polycomb repressive complex 2 to regulate photoperiodic flowering.' 
_citation.year                      2025 
_citation.database_id_CSD           ? 
_citation.pdbx_database_id_DOI      10.1038/s41467-025-64419-6 
_citation.pdbx_database_id_PubMed   41130979 
_citation.pdbx_database_id_patent   ? 
_citation.unpublished_flag          ? 
# 
loop_
_citation_author.citation_id 
_citation_author.name 
_citation_author.ordinal 
_citation_author.identifier_ORCID 
primary 'Luo, X.'   1  0000-0002-8708-5881 
primary 'Li, X.'    2  ?                   
primary 'Chen, Z.'  3  0000-0003-3334-6764 
primary 'Tian, S.'  4  ?                   
primary 'Liu, Y.'   5  ?                   
primary 'Shang, Z.' 6  0009-0002-0306-8118 
primary 'Chen, L.'  7  ?                   
primary 'Sun, Y.'   8  ?                   
primary 'Du, J.'    9  0000-0002-1337-0786 
primary 'He, Y.'    10 0000-0003-3304-4555 
# 
loop_
_entity.id 
_entity.type 
_entity.src_method 
_entity.pdbx_description 
_entity.formula_weight 
_entity.pdbx_number_of_molecules 
_entity.pdbx_ec 
_entity.pdbx_mutation 
_entity.pdbx_fragment 
_entity.details 
1 polymer     man 'PHD finger protein ING2' 8588.702 1  ? ? ? ?                 
2 polymer     syn 'Histone H3.1'            1192.412 1  ? ? ? 'H3K4me3 peptide' 
3 non-polymer syn 'ZINC ION'                65.409   2  ? ? ? ?                 
4 water       nat water                     18.015   79 ? ? ? ?                 
# 
_entity_name_com.entity_id   1 
_entity_name_com.name        'Protein INHIBITOR OF GROWTH 2,Protein AtING2' 
# 
loop_
_entity_poly.entity_id 
_entity_poly.type 
_entity_poly.nstd_linkage 
_entity_poly.nstd_monomer 
_entity_poly.pdbx_seq_one_letter_code 
_entity_poly.pdbx_seq_one_letter_code_can 
_entity_poly.pdbx_strand_id 
_entity_poly.pdbx_target_identifier 
1 'polypeptide(L)' no no  NRKDLMPIEEQPIDPNEPTYCVCHQVSFGDMIACDNENCQGGEWFHYTCVGLTPETRFKGKWYCPTCRLLPQSH 
NRKDLMPIEEQPIDPNEPTYCVCHQVSFGDMIACDNENCQGGEWFHYTCVGLTPETRFKGKWYCPTCRLLPQSH A ? 
2 'polypeptide(L)' no yes 'ART(M3L)QTARKS'                                                           ARTKQTARKS P ? 
# 
loop_
_pdbx_entity_nonpoly.entity_id 
_pdbx_entity_nonpoly.name 
_pdbx_entity_nonpoly.comp_id 
3 'ZINC ION' ZN  
4 water      HOH 
# 
loop_
_entity_poly_seq.entity_id 
_entity_poly_seq.num 
_entity_poly_seq.mon_id 
_entity_poly_seq.hetero 
1 1  ASN n 
1 2  ARG n 
1 3  LYS n 
1 4  ASP n 
1 5  LEU n 
1 6  MET n 
1 7  PRO n 
1 8  ILE n 
1 9  GLU n 
1 10 GLU n 
1 11 GLN n 
1 12 PRO n 
1 13 ILE n 
1 14 ASP n 
1 15 PRO n 
1 16 ASN n 
1 17 GLU n 
1 18 PRO n 
1 19 THR n 
1 20 TYR n 
1 21 CYS n 
1 22 VAL n 
1 23 CYS n 
1 24 HIS n 
1 25 GLN n 
1 26 VAL n 
1 27 SER n 
1 28 PHE n 
1 29 GLY n 
1 30 ASP n 
1 31 MET n 
1 32 ILE n 
1 33 ALA n 
1 34 CYS n 
1 35 ASP n 
1 36 ASN n 
1 37 GLU n 
1 38 ASN n 
1 39 CYS n 
1 40 GLN n 
1 41 GLY n 
1 42 GLY n 
1 43 GLU n 
1 44 TRP n 
1 45 PHE n 
1 46 HIS n 
1 47 TYR n 
1 48 THR n 
1 49 CYS n 
1 50 VAL n 
1 51 GLY n 
1 52 LEU n 
1 53 THR n 
1 54 PRO n 
1 55 GLU n 
1 56 THR n 
1 57 ARG n 
1 58 PHE n 
1 59 LYS n 
1 60 GLY n 
1 61 LYS n 
1 62 TRP n 
1 63 TYR n 
1 64 CYS n 
1 65 PRO n 
1 66 THR n 
1 67 CYS n 
1 68 ARG n 
1 69 LEU n 
1 70 LEU n 
1 71 PRO n 
1 72 GLN n 
1 73 SER n 
1 74 HIS n 
2 1  ALA n 
2 2  ARG n 
2 3  THR n 
2 4  M3L n 
2 5  GLN n 
2 6  THR n 
2 7  ALA n 
2 8  ARG n 
2 9  LYS n 
2 10 SER n 
# 
_entity_src_gen.entity_id                          1 
_entity_src_gen.pdbx_src_id                        1 
_entity_src_gen.pdbx_alt_source_flag               sample 
_entity_src_gen.pdbx_seq_type                      'Biological sequence' 
_entity_src_gen.pdbx_beg_seq_num                   1 
_entity_src_gen.pdbx_end_seq_num                   74 
_entity_src_gen.gene_src_common_name               'thale cress' 
_entity_src_gen.gene_src_genus                     ? 
_entity_src_gen.pdbx_gene_src_gene                 'ING2, At1g54390, F20D21.22' 
_entity_src_gen.gene_src_species                   ? 
_entity_src_gen.gene_src_strain                    ? 
_entity_src_gen.gene_src_tissue                    ? 
_entity_src_gen.gene_src_tissue_fraction           ? 
_entity_src_gen.gene_src_details                   ? 
_entity_src_gen.pdbx_gene_src_fragment             ? 
_entity_src_gen.pdbx_gene_src_scientific_name      'Arabidopsis thaliana' 
_entity_src_gen.pdbx_gene_src_ncbi_taxonomy_id     3702 
_entity_src_gen.pdbx_gene_src_variant              ? 
_entity_src_gen.pdbx_gene_src_cell_line            ? 
_entity_src_gen.pdbx_gene_src_atcc                 ? 
_entity_src_gen.pdbx_gene_src_organ                ? 
_entity_src_gen.pdbx_gene_src_organelle            ? 
_entity_src_gen.pdbx_gene_src_cell                 ? 
_entity_src_gen.pdbx_gene_src_cellular_location    ? 
_entity_src_gen.host_org_common_name               ? 
_entity_src_gen.pdbx_host_org_scientific_name      'Escherichia coli BL21(DE3)' 
_entity_src_gen.pdbx_host_org_ncbi_taxonomy_id     469008 
_entity_src_gen.host_org_genus                     ? 
_entity_src_gen.pdbx_host_org_gene                 ? 
_entity_src_gen.pdbx_host_org_organ                ? 
_entity_src_gen.host_org_species                   ? 
_entity_src_gen.pdbx_host_org_tissue               ? 
_entity_src_gen.pdbx_host_org_tissue_fraction      ? 
_entity_src_gen.pdbx_host_org_strain               ? 
_entity_src_gen.pdbx_host_org_variant              ? 
_entity_src_gen.pdbx_host_org_cell_line            ? 
_entity_src_gen.pdbx_host_org_atcc                 ? 
_entity_src_gen.pdbx_host_org_culture_collection   ? 
_entity_src_gen.pdbx_host_org_cell                 ? 
_entity_src_gen.pdbx_host_org_organelle            ? 
_entity_src_gen.pdbx_host_org_cellular_location    ? 
_entity_src_gen.pdbx_host_org_vector_type          plasmid 
_entity_src_gen.pdbx_host_org_vector               ? 
_entity_src_gen.host_org_details                   ? 
_entity_src_gen.expression_system_id               ? 
_entity_src_gen.plasmid_name                       pMal 
_entity_src_gen.plasmid_details                    ? 
_entity_src_gen.pdbx_description                   ? 
# 
_pdbx_entity_src_syn.entity_id              2 
_pdbx_entity_src_syn.pdbx_src_id            1 
_pdbx_entity_src_syn.pdbx_alt_source_flag   sample 
_pdbx_entity_src_syn.pdbx_beg_seq_num       1 
_pdbx_entity_src_syn.pdbx_end_seq_num       10 
_pdbx_entity_src_syn.organism_scientific    'Arabidopsis thaliana' 
_pdbx_entity_src_syn.organism_common_name   'thale cress' 
_pdbx_entity_src_syn.ncbi_taxonomy_id       3702 
_pdbx_entity_src_syn.details                ? 
# 
loop_
_chem_comp.id 
_chem_comp.type 
_chem_comp.mon_nstd_flag 
_chem_comp.name 
_chem_comp.pdbx_synonyms 
_chem_comp.formula 
_chem_comp.formula_weight 
ALA 'L-peptide linking' y ALANINE           ? 'C3 H7 N O2'     89.093  
ARG 'L-peptide linking' y ARGININE          ? 'C6 H15 N4 O2 1' 175.209 
ASN 'L-peptide linking' y ASPARAGINE        ? 'C4 H8 N2 O3'    132.118 
ASP 'L-peptide linking' y 'ASPARTIC ACID'   ? 'C4 H7 N O4'     133.103 
CYS 'L-peptide linking' y CYSTEINE          ? 'C3 H7 N O2 S'   121.158 
GLN 'L-peptide linking' y GLUTAMINE         ? 'C5 H10 N2 O3'   146.144 
GLU 'L-peptide linking' y 'GLUTAMIC ACID'   ? 'C5 H9 N O4'     147.129 
GLY 'peptide linking'   y GLYCINE           ? 'C2 H5 N O2'     75.067  
HIS 'L-peptide linking' y HISTIDINE         ? 'C6 H10 N3 O2 1' 156.162 
HOH non-polymer         . WATER             ? 'H2 O'           18.015  
ILE 'L-peptide linking' y ISOLEUCINE        ? 'C6 H13 N O2'    131.173 
LEU 'L-peptide linking' y LEUCINE           ? 'C6 H13 N O2'    131.173 
LYS 'L-peptide linking' y LYSINE            ? 'C6 H15 N2 O2 1' 147.195 
M3L 'L-peptide linking' n N-TRIMETHYLLYSINE ? 'C9 H21 N2 O2 1' 189.275 
MET 'L-peptide linking' y METHIONINE        ? 'C5 H11 N O2 S'  149.211 
PHE 'L-peptide linking' y PHENYLALANINE     ? 'C9 H11 N O2'    165.189 
PRO 'L-peptide linking' y PROLINE           ? 'C5 H9 N O2'     115.130 
SER 'L-peptide linking' y SERINE            ? 'C3 H7 N O3'     105.093 
THR 'L-peptide linking' y THREONINE         ? 'C4 H9 N O3'     119.119 
TRP 'L-peptide linking' y TRYPTOPHAN        ? 'C11 H12 N2 O2'  204.225 
TYR 'L-peptide linking' y TYROSINE          ? 'C9 H11 N O3'    181.189 
VAL 'L-peptide linking' y VALINE            ? 'C5 H11 N O2'    117.146 
ZN  non-polymer         . 'ZINC ION'        ? 'Zn 2'           65.409  
# 
loop_
_pdbx_poly_seq_scheme.asym_id 
_pdbx_poly_seq_scheme.entity_id 
_pdbx_poly_seq_scheme.seq_id 
_pdbx_poly_seq_scheme.mon_id 
_pdbx_poly_seq_scheme.ndb_seq_num 
_pdbx_poly_seq_scheme.pdb_seq_num 
_pdbx_poly_seq_scheme.auth_seq_num 
_pdbx_poly_seq_scheme.pdb_mon_id 
_pdbx_poly_seq_scheme.auth_mon_id 
_pdbx_poly_seq_scheme.pdb_strand_id 
_pdbx_poly_seq_scheme.pdb_ins_code 
_pdbx_poly_seq_scheme.hetero 
A 1 1  ASN 1  189 ?   ?   ?   A . n 
A 1 2  ARG 2  190 ?   ?   ?   A . n 
A 1 3  LYS 3  191 ?   ?   ?   A . n 
A 1 4  ASP 4  192 ?   ?   ?   A . n 
A 1 5  LEU 5  193 ?   ?   ?   A . n 
A 1 6  MET 6  194 ?   ?   ?   A . n 
A 1 7  PRO 7  195 ?   ?   ?   A . n 
A 1 8  ILE 8  196 ?   ?   ?   A . n 
A 1 9  GLU 9  197 ?   ?   ?   A . n 
A 1 10 GLU 10 198 ?   ?   ?   A . n 
A 1 11 GLN 11 199 ?   ?   ?   A . n 
A 1 12 PRO 12 200 ?   ?   ?   A . n 
A 1 13 ILE 13 201 201 ILE ILE A . n 
A 1 14 ASP 14 202 202 ASP ASP A . n 
A 1 15 PRO 15 203 203 PRO PRO A . n 
A 1 16 ASN 16 204 204 ASN ASN A . n 
A 1 17 GLU 17 205 205 GLU GLU A . n 
A 1 18 PRO 18 206 206 PRO PRO A . n 
A 1 19 THR 19 207 207 THR THR A . n 
A 1 20 TYR 20 208 208 TYR TYR A . n 
A 1 21 CYS 21 209 209 CYS CYS A . n 
A 1 22 VAL 22 210 210 VAL VAL A . n 
A 1 23 CYS 23 211 211 CYS CYS A . n 
A 1 24 HIS 24 212 212 HIS HIS A . n 
A 1 25 GLN 25 213 213 GLN GLN A . n 
A 1 26 VAL 26 214 214 VAL VAL A . n 
A 1 27 SER 27 215 215 SER SER A . n 
A 1 28 PHE 28 216 216 PHE PHE A . n 
A 1 29 GLY 29 217 217 GLY GLY A . n 
A 1 30 ASP 30 218 218 ASP ASP A . n 
A 1 31 MET 31 219 219 MET MET A . n 
A 1 32 ILE 32 220 220 ILE ILE A . n 
A 1 33 ALA 33 221 221 ALA ALA A . n 
A 1 34 CYS 34 222 222 CYS CYS A . n 
A 1 35 ASP 35 223 223 ASP ASP A . n 
A 1 36 ASN 36 224 224 ASN ASN A . n 
A 1 37 GLU 37 225 225 GLU GLU A . n 
A 1 38 ASN 38 226 226 ASN ASN A . n 
A 1 39 CYS 39 227 227 CYS CYS A . n 
A 1 40 GLN 40 228 228 GLN GLN A . n 
A 1 41 GLY 41 229 229 GLY GLY A . n 
A 1 42 GLY 42 230 230 GLY GLY A . n 
A 1 43 GLU 43 231 231 GLU GLU A . n 
A 1 44 TRP 44 232 232 TRP TRP A . n 
A 1 45 PHE 45 233 233 PHE PHE A . n 
A 1 46 HIS 46 234 234 HIS HIS A . n 
A 1 47 TYR 47 235 235 TYR TYR A . n 
A 1 48 THR 48 236 236 THR THR A . n 
A 1 49 CYS 49 237 237 CYS CYS A . n 
A 1 50 VAL 50 238 238 VAL VAL A . n 
A 1 51 GLY 51 239 239 GLY GLY A . n 
A 1 52 LEU 52 240 240 LEU LEU A . n 
A 1 53 THR 53 241 241 THR THR A . n 
A 1 54 PRO 54 242 242 PRO PRO A . n 
A 1 55 GLU 55 243 243 GLU GLU A . n 
A 1 56 THR 56 244 244 THR THR A . n 
A 1 57 ARG 57 245 245 ARG ARG A . n 
A 1 58 PHE 58 246 246 PHE PHE A . n 
A 1 59 LYS 59 247 247 LYS LYS A . n 
A 1 60 GLY 60 248 248 GLY GLY A . n 
A 1 61 LYS 61 249 249 LYS LYS A . n 
A 1 62 TRP 62 250 250 TRP TRP A . n 
A 1 63 TYR 63 251 251 TYR TYR A . n 
A 1 64 CYS 64 252 252 CYS CYS A . n 
A 1 65 PRO 65 253 253 PRO PRO A . n 
A 1 66 THR 66 254 254 THR THR A . n 
A 1 67 CYS 67 255 255 CYS CYS A . n 
A 1 68 ARG 68 256 256 ARG ARG A . n 
A 1 69 LEU 69 257 257 LEU LEU A . n 
A 1 70 LEU 70 258 258 LEU LEU A . n 
A 1 71 PRO 71 259 259 PRO PRO A . n 
A 1 72 GLN 72 260 260 GLN GLN A . n 
A 1 73 SER 73 261 ?   ?   ?   A . n 
A 1 74 HIS 74 262 ?   ?   ?   A . n 
B 2 1  ALA 1  1   1   ALA ALA P . n 
B 2 2  ARG 2  2   2   ARG ARG P . n 
B 2 3  THR 3  3   3   THR THR P . n 
B 2 4  M3L 4  4   4   M3L M3L P . n 
B 2 5  GLN 5  5   5   GLN GLN P . n 
B 2 6  THR 6  6   6   THR THR P . n 
B 2 7  ALA 7  7   7   ALA ALA P . n 
B 2 8  ARG 8  8   8   ARG ARG P . n 
B 2 9  LYS 9  9   9   LYS LYS P . n 
B 2 10 SER 10 10  ?   ?   ?   P . n 
# 
_pdbx_entity_instance_feature.ordinal        1 
_pdbx_entity_instance_feature.comp_id        M3L 
_pdbx_entity_instance_feature.asym_id        ? 
_pdbx_entity_instance_feature.seq_num        ? 
_pdbx_entity_instance_feature.auth_comp_id   M3L 
_pdbx_entity_instance_feature.auth_asym_id   ? 
_pdbx_entity_instance_feature.auth_seq_num   ? 
_pdbx_entity_instance_feature.feature_type   'SUBJECT OF INVESTIGATION' 
_pdbx_entity_instance_feature.details        ? 
# 
loop_
_pdbx_nonpoly_scheme.asym_id 
_pdbx_nonpoly_scheme.entity_id 
_pdbx_nonpoly_scheme.mon_id 
_pdbx_nonpoly_scheme.ndb_seq_num 
_pdbx_nonpoly_scheme.pdb_seq_num 
_pdbx_nonpoly_scheme.auth_seq_num 
_pdbx_nonpoly_scheme.pdb_mon_id 
_pdbx_nonpoly_scheme.auth_mon_id 
_pdbx_nonpoly_scheme.pdb_strand_id 
_pdbx_nonpoly_scheme.pdb_ins_code 
C 3 ZN  1  501 501 ZN  ZN  A . 
D 3 ZN  1  502 502 ZN  ZN  A . 
E 4 HOH 1  601 41  HOH HOH A . 
E 4 HOH 2  602 1   HOH HOH A . 
E 4 HOH 3  603 78  HOH HOH A . 
E 4 HOH 4  604 11  HOH HOH A . 
E 4 HOH 5  605 50  HOH HOH A . 
E 4 HOH 6  606 49  HOH HOH A . 
E 4 HOH 7  607 38  HOH HOH A . 
E 4 HOH 8  608 39  HOH HOH A . 
E 4 HOH 9  609 66  HOH HOH A . 
E 4 HOH 10 610 25  HOH HOH A . 
E 4 HOH 11 611 18  HOH HOH A . 
E 4 HOH 12 612 7   HOH HOH A . 
E 4 HOH 13 613 6   HOH HOH A . 
E 4 HOH 14 614 28  HOH HOH A . 
E 4 HOH 15 615 42  HOH HOH A . 
E 4 HOH 16 616 67  HOH HOH A . 
E 4 HOH 17 617 2   HOH HOH A . 
E 4 HOH 18 618 24  HOH HOH A . 
E 4 HOH 19 619 17  HOH HOH A . 
E 4 HOH 20 620 37  HOH HOH A . 
E 4 HOH 21 621 21  HOH HOH A . 
E 4 HOH 22 622 16  HOH HOH A . 
E 4 HOH 23 623 43  HOH HOH A . 
E 4 HOH 24 624 62  HOH HOH A . 
E 4 HOH 25 625 4   HOH HOH A . 
E 4 HOH 26 626 55  HOH HOH A . 
E 4 HOH 27 627 9   HOH HOH A . 
E 4 HOH 28 628 44  HOH HOH A . 
E 4 HOH 29 629 53  HOH HOH A . 
E 4 HOH 30 630 61  HOH HOH A . 
E 4 HOH 31 631 40  HOH HOH A . 
E 4 HOH 32 632 27  HOH HOH A . 
E 4 HOH 33 633 26  HOH HOH A . 
E 4 HOH 34 634 5   HOH HOH A . 
E 4 HOH 35 635 23  HOH HOH A . 
E 4 HOH 36 636 13  HOH HOH A . 
E 4 HOH 37 637 54  HOH HOH A . 
E 4 HOH 38 638 46  HOH HOH A . 
E 4 HOH 39 639 15  HOH HOH A . 
E 4 HOH 40 640 12  HOH HOH A . 
E 4 HOH 41 641 14  HOH HOH A . 
E 4 HOH 42 642 33  HOH HOH A . 
E 4 HOH 43 643 34  HOH HOH A . 
E 4 HOH 44 644 71  HOH HOH A . 
E 4 HOH 45 645 56  HOH HOH A . 
E 4 HOH 46 646 32  HOH HOH A . 
E 4 HOH 47 647 45  HOH HOH A . 
E 4 HOH 48 648 22  HOH HOH A . 
E 4 HOH 49 649 60  HOH HOH A . 
E 4 HOH 50 650 64  HOH HOH A . 
E 4 HOH 51 651 75  HOH HOH A . 
E 4 HOH 52 652 35  HOH HOH A . 
E 4 HOH 53 653 48  HOH HOH A . 
E 4 HOH 54 654 31  HOH HOH A . 
E 4 HOH 55 655 8   HOH HOH A . 
E 4 HOH 56 656 77  HOH HOH A . 
E 4 HOH 57 657 10  HOH HOH A . 
E 4 HOH 58 658 74  HOH HOH A . 
E 4 HOH 59 659 51  HOH HOH A . 
E 4 HOH 60 660 47  HOH HOH A . 
E 4 HOH 61 661 3   HOH HOH A . 
E 4 HOH 62 662 65  HOH HOH A . 
E 4 HOH 63 663 69  HOH HOH A . 
E 4 HOH 64 664 73  HOH HOH A . 
E 4 HOH 65 665 79  HOH HOH A . 
E 4 HOH 66 666 59  HOH HOH A . 
E 4 HOH 67 667 68  HOH HOH A . 
F 4 HOH 1  101 30  HOH HOH P . 
F 4 HOH 2  102 57  HOH HOH P . 
F 4 HOH 3  103 20  HOH HOH P . 
F 4 HOH 4  104 29  HOH HOH P . 
F 4 HOH 5  105 19  HOH HOH P . 
F 4 HOH 6  106 76  HOH HOH P . 
F 4 HOH 7  107 58  HOH HOH P . 
F 4 HOH 8  108 70  HOH HOH P . 
F 4 HOH 9  109 52  HOH HOH P . 
F 4 HOH 10 110 36  HOH HOH P . 
F 4 HOH 11 111 63  HOH HOH P . 
F 4 HOH 12 112 72  HOH HOH P . 
# 
loop_
_software.citation_id 
_software.classification 
_software.compiler_name 
_software.compiler_version 
_software.contact_author 
_software.contact_author_email 
_software.date 
_software.description 
_software.dependencies 
_software.hardware 
_software.language 
_software.location 
_software.mods 
_software.name 
_software.os 
_software.os_version 
_software.type 
_software.version 
_software.pdbx_ordinal 
? refinement       ? ? ? ? ? ? ? ? ? ? ? PHENIX   ? ? ? '(1.13_2998: ???)' 1 
? 'data scaling'   ? ? ? ? ? ? ? ? ? ? ? HKL-3000 ? ? ? .                  2 
? 'data reduction' ? ? ? ? ? ? ? ? ? ? ? HKL-3000 ? ? ? .                  3 
? phasing          ? ? ? ? ? ? ? ? ? ? ? PHENIX   ? ? ? .                  4 
# 
_cell.angle_alpha                  90.00 
_cell.angle_alpha_esd              ? 
_cell.angle_beta                   90.00 
_cell.angle_beta_esd               ? 
_cell.angle_gamma                  120.00 
_cell.angle_gamma_esd              ? 
_cell.entry_id                     9M4S 
_cell.details                      ? 
_cell.formula_units_Z              ? 
_cell.length_a                     50.699 
_cell.length_a_esd                 ? 
_cell.length_b                     50.699 
_cell.length_b_esd                 ? 
_cell.length_c                     55.239 
_cell.length_c_esd                 ? 
_cell.volume                       ? 
_cell.volume_esd                   ? 
_cell.Z_PDB                        6 
_cell.reciprocal_angle_alpha       ? 
_cell.reciprocal_angle_beta        ? 
_cell.reciprocal_angle_gamma       ? 
_cell.reciprocal_angle_alpha_esd   ? 
_cell.reciprocal_angle_beta_esd    ? 
_cell.reciprocal_angle_gamma_esd   ? 
_cell.reciprocal_length_a          ? 
_cell.reciprocal_length_b          ? 
_cell.reciprocal_length_c          ? 
_cell.reciprocal_length_a_esd      ? 
_cell.reciprocal_length_b_esd      ? 
_cell.reciprocal_length_c_esd      ? 
_cell.pdbx_unique_axis             ? 
_cell.pdbx_esd_method              ? 
# 
_symmetry.entry_id                         9M4S 
_symmetry.cell_setting                     ? 
_symmetry.Int_Tables_number                169 
_symmetry.space_group_name_Hall            ? 
_symmetry.space_group_name_H-M             'P 61' 
_symmetry.pdbx_full_space_group_name_H-M   ? 
# 
_exptl.absorpt_coefficient_mu     ? 
_exptl.absorpt_correction_T_max   ? 
_exptl.absorpt_correction_T_min   ? 
_exptl.absorpt_correction_type    ? 
_exptl.absorpt_process_details    ? 
_exptl.entry_id                   9M4S 
_exptl.crystals_number            1 
_exptl.details                    ? 
_exptl.method                     'X-RAY DIFFRACTION' 
_exptl.method_details             ? 
# 
_exptl_crystal.colour                       ? 
_exptl_crystal.density_diffrn               ? 
_exptl_crystal.density_Matthews             2.08 
_exptl_crystal.density_method               ? 
_exptl_crystal.density_percent_sol          40.95 
_exptl_crystal.description                  ? 
_exptl_crystal.F_000                        ? 
_exptl_crystal.id                           1 
_exptl_crystal.preparation                  ? 
_exptl_crystal.size_max                     ? 
_exptl_crystal.size_mid                     ? 
_exptl_crystal.size_min                     ? 
_exptl_crystal.size_rad                     ? 
_exptl_crystal.colour_lustre                ? 
_exptl_crystal.colour_modifier              ? 
_exptl_crystal.colour_primary               ? 
_exptl_crystal.density_meas                 ? 
_exptl_crystal.density_meas_esd             ? 
_exptl_crystal.density_meas_gt              ? 
_exptl_crystal.density_meas_lt              ? 
_exptl_crystal.density_meas_temp            ? 
_exptl_crystal.density_meas_temp_esd        ? 
_exptl_crystal.density_meas_temp_gt         ? 
_exptl_crystal.density_meas_temp_lt         ? 
_exptl_crystal.pdbx_crystal_image_url       ? 
_exptl_crystal.pdbx_crystal_image_format    ? 
_exptl_crystal.pdbx_mosaicity               ? 
_exptl_crystal.pdbx_mosaicity_esd           ? 
_exptl_crystal.pdbx_mosaic_method           ? 
_exptl_crystal.pdbx_mosaic_block_size       ? 
_exptl_crystal.pdbx_mosaic_block_size_esd   ? 
# 
_exptl_crystal_grow.apparatus       ? 
_exptl_crystal_grow.atmosphere      ? 
_exptl_crystal_grow.crystal_id      1 
_exptl_crystal_grow.details         ? 
_exptl_crystal_grow.method          'VAPOR DIFFUSION, SITTING DROP' 
_exptl_crystal_grow.method_ref      ? 
_exptl_crystal_grow.pH              8.5 
_exptl_crystal_grow.pressure        ? 
_exptl_crystal_grow.pressure_esd    ? 
_exptl_crystal_grow.seeding         ? 
_exptl_crystal_grow.seeding_ref     ? 
_exptl_crystal_grow.temp_details    ? 
_exptl_crystal_grow.temp_esd        ? 
_exptl_crystal_grow.time            ? 
_exptl_crystal_grow.pdbx_details    '0.1M NiCl2, 20% PEG2000 MME, and 0.1M Tris, pH 8.5' 
_exptl_crystal_grow.pdbx_pH_range   ? 
_exptl_crystal_grow.temp            293 
# 
_diffrn.ambient_environment              ? 
_diffrn.ambient_temp                     100 
_diffrn.ambient_temp_details             ? 
_diffrn.ambient_temp_esd                 ? 
_diffrn.crystal_id                       1 
_diffrn.crystal_support                  ? 
_diffrn.crystal_treatment                ? 
_diffrn.details                          ? 
_diffrn.id                               1 
_diffrn.ambient_pressure                 ? 
_diffrn.ambient_pressure_esd             ? 
_diffrn.ambient_pressure_gt              ? 
_diffrn.ambient_pressure_lt              ? 
_diffrn.ambient_temp_gt                  ? 
_diffrn.ambient_temp_lt                  ? 
_diffrn.pdbx_serial_crystal_experiment   N 
# 
_diffrn_detector.details                      ? 
_diffrn_detector.detector                     PIXEL 
_diffrn_detector.diffrn_id                    1 
_diffrn_detector.type                         'DECTRIS PILATUS 6M' 
_diffrn_detector.area_resol_mean              ? 
_diffrn_detector.dtime                        ? 
_diffrn_detector.pdbx_frames_total            ? 
_diffrn_detector.pdbx_collection_time_total   ? 
_diffrn_detector.pdbx_collection_date         2017-01-17 
_diffrn_detector.pdbx_frequency               ? 
_diffrn_detector.id                           ? 
_diffrn_detector.number_of_axes               ? 
# 
_diffrn_radiation.collimation                      ? 
_diffrn_radiation.diffrn_id                        1 
_diffrn_radiation.filter_edge                      ? 
_diffrn_radiation.inhomogeneity                    ? 
_diffrn_radiation.monochromator                    'LN2-cooled DCM with Si(111) crystals' 
_diffrn_radiation.polarisn_norm                    ? 
_diffrn_radiation.polarisn_ratio                   ? 
_diffrn_radiation.probe                            ? 
_diffrn_radiation.type                             ? 
_diffrn_radiation.xray_symbol                      ? 
_diffrn_radiation.wavelength_id                    1 
_diffrn_radiation.pdbx_monochromatic_or_laue_m_l   M 
_diffrn_radiation.pdbx_wavelength_list             ? 
_diffrn_radiation.pdbx_wavelength                  ? 
_diffrn_radiation.pdbx_diffrn_protocol             'SINGLE WAVELENGTH' 
_diffrn_radiation.pdbx_analyzer                    ? 
_diffrn_radiation.pdbx_scattering_type             x-ray 
# 
_diffrn_radiation_wavelength.id           1 
_diffrn_radiation_wavelength.wavelength   0.9792 
_diffrn_radiation_wavelength.wt           1.0 
# 
_diffrn_source.current                     ? 
_diffrn_source.details                     ? 
_diffrn_source.diffrn_id                   1 
_diffrn_source.power                       ? 
_diffrn_source.size                        ? 
_diffrn_source.source                      SYNCHROTRON 
_diffrn_source.target                      ? 
_diffrn_source.type                        'SSRF BEAMLINE BL18U1' 
_diffrn_source.voltage                     ? 
_diffrn_source.take-off_angle              ? 
_diffrn_source.pdbx_wavelength_list        0.9792 
_diffrn_source.pdbx_wavelength             ? 
_diffrn_source.pdbx_synchrotron_beamline   BL18U1 
_diffrn_source.pdbx_synchrotron_site       SSRF 
# 
_reflns.B_iso_Wilson_estimate                          ? 
_reflns.entry_id                                       9M4S 
_reflns.data_reduction_details                         ? 
_reflns.data_reduction_method                          ? 
_reflns.d_resolution_high                              1.60 
_reflns.d_resolution_low                               50.00 
_reflns.details                                        ? 
_reflns.limit_h_max                                    ? 
_reflns.limit_h_min                                    ? 
_reflns.limit_k_max                                    ? 
_reflns.limit_k_min                                    ? 
_reflns.limit_l_max                                    ? 
_reflns.limit_l_min                                    ? 
_reflns.number_all                                     ? 
_reflns.number_obs                                     10759 
_reflns.observed_criterion                             ? 
_reflns.observed_criterion_F_max                       ? 
_reflns.observed_criterion_F_min                       ? 
_reflns.observed_criterion_I_max                       ? 
_reflns.observed_criterion_I_min                       ? 
_reflns.observed_criterion_sigma_F                     ? 
_reflns.observed_criterion_sigma_I                     ? 
_reflns.percent_possible_obs                           99.8 
_reflns.R_free_details                                 ? 
_reflns.Rmerge_F_all                                   ? 
_reflns.Rmerge_F_obs                                   ? 
_reflns.Friedel_coverage                               ? 
_reflns.number_gt                                      ? 
_reflns.threshold_expression                           ? 
_reflns.pdbx_redundancy                                8.4 
_reflns.pdbx_netI_over_av_sigmaI                       ? 
_reflns.pdbx_netI_over_sigmaI                          8.6 
_reflns.pdbx_res_netI_over_av_sigmaI_2                 ? 
_reflns.pdbx_res_netI_over_sigmaI_2                    ? 
_reflns.pdbx_chi_squared                               ? 
_reflns.pdbx_scaling_rejects                           ? 
_reflns.pdbx_d_res_high_opt                            ? 
_reflns.pdbx_d_res_low_opt                             ? 
_reflns.pdbx_d_res_opt_method                          ? 
_reflns.phase_calculation_details                      ? 
_reflns.pdbx_Rrim_I_all                                ? 
_reflns.pdbx_Rpim_I_all                                ? 
_reflns.pdbx_d_opt                                     ? 
_reflns.pdbx_number_measured_all                       ? 
_reflns.pdbx_diffrn_id                                 1 
_reflns.pdbx_ordinal                                   1 
_reflns.pdbx_CC_half                                   0.946 
_reflns.pdbx_CC_star                                   0.986 
_reflns.pdbx_R_split                                   ? 
_reflns.pdbx_Rmerge_I_obs                              0.093 
_reflns.pdbx_Rmerge_I_all                              ? 
_reflns.pdbx_Rsym_value                                ? 
_reflns.pdbx_CC_split_method                           ? 
_reflns.pdbx_aniso_diffraction_limit_axis_1_ortho[1]   ? 
_reflns.pdbx_aniso_diffraction_limit_axis_1_ortho[2]   ? 
_reflns.pdbx_aniso_diffraction_limit_axis_1_ortho[3]   ? 
_reflns.pdbx_aniso_diffraction_limit_axis_2_ortho[1]   ? 
_reflns.pdbx_aniso_diffraction_limit_axis_2_ortho[2]   ? 
_reflns.pdbx_aniso_diffraction_limit_axis_2_ortho[3]   ? 
_reflns.pdbx_aniso_diffraction_limit_axis_3_ortho[1]   ? 
_reflns.pdbx_aniso_diffraction_limit_axis_3_ortho[2]   ? 
_reflns.pdbx_aniso_diffraction_limit_axis_3_ortho[3]   ? 
_reflns.pdbx_aniso_diffraction_limit_1                 ? 
_reflns.pdbx_aniso_diffraction_limit_2                 ? 
_reflns.pdbx_aniso_diffraction_limit_3                 ? 
_reflns.pdbx_aniso_B_tensor_eigenvector_1_ortho[1]     ? 
_reflns.pdbx_aniso_B_tensor_eigenvector_1_ortho[2]     ? 
_reflns.pdbx_aniso_B_tensor_eigenvector_1_ortho[3]     ? 
_reflns.pdbx_aniso_B_tensor_eigenvector_2_ortho[1]     ? 
_reflns.pdbx_aniso_B_tensor_eigenvector_2_ortho[2]     ? 
_reflns.pdbx_aniso_B_tensor_eigenvector_2_ortho[3]     ? 
_reflns.pdbx_aniso_B_tensor_eigenvector_3_ortho[1]     ? 
_reflns.pdbx_aniso_B_tensor_eigenvector_3_ortho[2]     ? 
_reflns.pdbx_aniso_B_tensor_eigenvector_3_ortho[3]     ? 
_reflns.pdbx_aniso_B_tensor_eigenvalue_1               ? 
_reflns.pdbx_aniso_B_tensor_eigenvalue_2               ? 
_reflns.pdbx_aniso_B_tensor_eigenvalue_3               ? 
_reflns.pdbx_orthogonalization_convention              ? 
_reflns.pdbx_percent_possible_ellipsoidal              ? 
_reflns.pdbx_percent_possible_spherical                ? 
_reflns.pdbx_percent_possible_ellipsoidal_anomalous    ? 
_reflns.pdbx_percent_possible_spherical_anomalous      ? 
_reflns.pdbx_redundancy_anomalous                      ? 
_reflns.pdbx_CC_half_anomalous                         ? 
_reflns.pdbx_absDiff_over_sigma_anomalous              ? 
_reflns.pdbx_percent_possible_anomalous                ? 
_reflns.pdbx_observed_signal_threshold                 ? 
_reflns.pdbx_signal_type                               ? 
_reflns.pdbx_signal_details                            ? 
_reflns.pdbx_signal_software_id                        ? 
# 
loop_
_reflns_shell.d_res_high 
_reflns_shell.d_res_low 
_reflns_shell.meanI_over_sigI_all 
_reflns_shell.meanI_over_sigI_obs 
_reflns_shell.number_measured_all 
_reflns_shell.number_measured_obs 
_reflns_shell.number_possible 
_reflns_shell.number_unique_all 
_reflns_shell.number_unique_obs 
_reflns_shell.percent_possible_obs 
_reflns_shell.Rmerge_F_all 
_reflns_shell.Rmerge_F_obs 
_reflns_shell.meanI_over_sigI_gt 
_reflns_shell.meanI_over_uI_all 
_reflns_shell.meanI_over_uI_gt 
_reflns_shell.number_measured_gt 
_reflns_shell.number_unique_gt 
_reflns_shell.percent_possible_gt 
_reflns_shell.Rmerge_F_gt 
_reflns_shell.Rmerge_I_gt 
_reflns_shell.pdbx_redundancy 
_reflns_shell.pdbx_chi_squared 
_reflns_shell.pdbx_netI_over_sigmaI_all 
_reflns_shell.pdbx_netI_over_sigmaI_obs 
_reflns_shell.pdbx_Rrim_I_all 
_reflns_shell.pdbx_Rpim_I_all 
_reflns_shell.pdbx_rejects 
_reflns_shell.pdbx_ordinal 
_reflns_shell.pdbx_diffrn_id 
_reflns_shell.pdbx_CC_half 
_reflns_shell.pdbx_CC_star 
_reflns_shell.pdbx_R_split 
_reflns_shell.percent_possible_all 
_reflns_shell.Rmerge_I_all 
_reflns_shell.Rmerge_I_obs 
_reflns_shell.pdbx_Rsym_value 
_reflns_shell.pdbx_percent_possible_ellipsoidal 
_reflns_shell.pdbx_percent_possible_spherical 
_reflns_shell.pdbx_percent_possible_ellipsoidal_anomalous 
_reflns_shell.pdbx_percent_possible_spherical_anomalous 
_reflns_shell.pdbx_redundancy_anomalous 
_reflns_shell.pdbx_CC_half_anomalous 
_reflns_shell.pdbx_absDiff_over_sigma_anomalous 
_reflns_shell.pdbx_percent_possible_anomalous 
1.60 1.66  ? ? ? ? ? ? 1055 ? ? ? ? ? ? ? ? ? ? ? 8.6 1.277 ? ? 0.361 0.123 ? 1  1 0.946 0.986 ? 100.0 ? 0.339 ? ? ? ? ? ? ? ? ? 
1.66 1.72  ? ? ? ? ? ? 1086 ? ? ? ? ? ? ? ? ? ? ? 8.4 1.523 ? ? 0.297 0.102 ? 2  1 0.960 0.990 ? 100.0 ? 0.279 ? ? ? ? ? ? ? ? ? 
1.72 1.80  ? ? ? ? ? ? 1052 ? ? ? ? ? ? ? ? ? ? ? 8.0 1.752 ? ? 0.249 0.088 ? 3  1 0.966 0.991 ? 99.8  ? 0.233 ? ? ? ? ? ? ? ? ? 
1.80 1.90  ? ? ? ? ? ? 1083 ? ? ? ? ? ? ? ? ? ? ? 8.5 2.051 ? ? 0.215 0.073 ? 4  1 0.975 0.994 ? 99.9  ? 0.202 ? ? ? ? ? ? ? ? ? 
1.90 2.02  ? ? ? ? ? ? 1058 ? ? ? ? ? ? ? ? ? ? ? 8.5 2.562 ? ? 0.193 0.066 ? 5  1 0.980 0.995 ? 99.9  ? 0.182 ? ? ? ? ? ? ? ? ? 
2.02 2.17  ? ? ? ? ? ? 1080 ? ? ? ? ? ? ? ? ? ? ? 8.1 2.756 ? ? 0.157 0.055 ? 6  1 0.983 0.996 ? 99.8  ? 0.147 ? ? ? ? ? ? ? ? ? 
2.17 2.39  ? ? ? ? ? ? 1074 ? ? ? ? ? ? ? ? ? ? ? 8.5 2.917 ? ? 0.135 0.046 ? 7  1 0.989 0.997 ? 99.8  ? 0.126 ? ? ? ? ? ? ? ? ? 
2.39 2.74  ? ? ? ? ? ? 1084 ? ? ? ? ? ? ? ? ? ? ? 8.4 2.727 ? ? 0.112 0.039 ? 8  1 0.992 0.998 ? 99.8  ? 0.105 ? ? ? ? ? ? ? ? ? 
2.74 3.45  ? ? ? ? ? ? 1088 ? ? ? ? ? ? ? ? ? ? ? 8.6 2.699 ? ? 0.090 0.030 ? 9  1 0.995 0.999 ? 100.0 ? 0.084 ? ? ? ? ? ? ? ? ? 
3.45 50.00 ? ? ? ? ? ? 1099 ? ? ? ? ? ? ? ? ? ? ? 8.3 2.450 ? ? 0.069 0.024 ? 10 1 0.996 0.999 ? 99.1  ? 0.065 ? ? ? ? ? ? ? ? ? 
# 
_refine.aniso_B[1][1]                            ? 
_refine.aniso_B[1][2]                            ? 
_refine.aniso_B[1][3]                            ? 
_refine.aniso_B[2][2]                            ? 
_refine.aniso_B[2][3]                            ? 
_refine.aniso_B[3][3]                            ? 
_refine.B_iso_max                                ? 
_refine.B_iso_mean                               ? 
_refine.B_iso_min                                ? 
_refine.correlation_coeff_Fo_to_Fc               ? 
_refine.correlation_coeff_Fo_to_Fc_free          ? 
_refine.details                                  ? 
_refine.diff_density_max                         ? 
_refine.diff_density_max_esd                     ? 
_refine.diff_density_min                         ? 
_refine.diff_density_min_esd                     ? 
_refine.diff_density_rms                         ? 
_refine.diff_density_rms_esd                     ? 
_refine.entry_id                                 9M4S 
_refine.pdbx_refine_id                           'X-RAY DIFFRACTION' 
_refine.ls_abs_structure_details                 ? 
_refine.ls_abs_structure_Flack                   ? 
_refine.ls_abs_structure_Flack_esd               ? 
_refine.ls_abs_structure_Rogers                  ? 
_refine.ls_abs_structure_Rogers_esd              ? 
_refine.ls_d_res_high                            1.601 
_refine.ls_d_res_low                             43.907 
_refine.ls_extinction_coef                       ? 
_refine.ls_extinction_coef_esd                   ? 
_refine.ls_extinction_expression                 ? 
_refine.ls_extinction_method                     ? 
_refine.ls_goodness_of_fit_all                   ? 
_refine.ls_goodness_of_fit_all_esd               ? 
_refine.ls_goodness_of_fit_obs                   ? 
_refine.ls_goodness_of_fit_obs_esd               ? 
_refine.ls_hydrogen_treatment                    ? 
_refine.ls_matrix_type                           ? 
_refine.ls_number_constraints                    ? 
_refine.ls_number_parameters                     ? 
_refine.ls_number_reflns_all                     ? 
_refine.ls_number_reflns_obs                     10700 
_refine.ls_number_reflns_R_free                  514 
_refine.ls_number_reflns_R_work                  ? 
_refine.ls_number_restraints                     ? 
_refine.ls_percent_reflns_obs                    99.95 
_refine.ls_percent_reflns_R_free                 4.80 
_refine.ls_R_factor_all                          ? 
_refine.ls_R_factor_obs                          0.1870 
_refine.ls_R_factor_R_free                       0.2246 
_refine.ls_R_factor_R_free_error                 ? 
_refine.ls_R_factor_R_free_error_details         ? 
_refine.ls_R_factor_R_work                       0.1851 
_refine.ls_R_Fsqd_factor_obs                     ? 
_refine.ls_R_I_factor_obs                        ? 
_refine.ls_redundancy_reflns_all                 ? 
_refine.ls_redundancy_reflns_obs                 ? 
_refine.ls_restrained_S_all                      ? 
_refine.ls_restrained_S_obs                      ? 
_refine.ls_shift_over_esd_max                    ? 
_refine.ls_shift_over_esd_mean                   ? 
_refine.ls_structure_factor_coef                 ? 
_refine.ls_weighting_details                     ? 
_refine.ls_weighting_scheme                      ? 
_refine.ls_wR_factor_all                         ? 
_refine.ls_wR_factor_obs                         ? 
_refine.ls_wR_factor_R_free                      ? 
_refine.ls_wR_factor_R_work                      ? 
_refine.occupancy_max                            ? 
_refine.occupancy_min                            ? 
_refine.solvent_model_details                    'FLAT BULK SOLVENT MODEL' 
_refine.solvent_model_param_bsol                 ? 
_refine.solvent_model_param_ksol                 ? 
_refine.correlation_coeff_I_to_Fcsqd_work        ? 
_refine.correlation_coeff_I_to_Fcsqd_free        ? 
_refine.pdbx_R_complete                          ? 
_refine.ls_R_factor_gt                           ? 
_refine.ls_goodness_of_fit_gt                    ? 
_refine.ls_goodness_of_fit_ref                   ? 
_refine.ls_shift_over_su_max                     ? 
_refine.ls_shift_over_su_max_lt                  ? 
_refine.ls_shift_over_su_mean                    ? 
_refine.ls_shift_over_su_mean_lt                 ? 
_refine.pdbx_ls_sigma_I                          ? 
_refine.pdbx_ls_sigma_F                          0.32 
_refine.pdbx_ls_sigma_Fsqd                       ? 
_refine.pdbx_data_cutoff_high_absF               ? 
_refine.pdbx_data_cutoff_high_rms_absF           ? 
_refine.pdbx_data_cutoff_low_absF                ? 
_refine.pdbx_isotropic_thermal_model             ? 
_refine.pdbx_ls_cross_valid_method               'FREE R-VALUE' 
_refine.pdbx_method_to_determine_struct          'MOLECULAR REPLACEMENT' 
_refine.pdbx_starting_model                      ? 
_refine.pdbx_stereochemistry_target_values       ML 
_refine.pdbx_R_Free_selection_details            ? 
_refine.pdbx_stereochem_target_val_spec_case     ? 
_refine.pdbx_overall_ESU_R                       ? 
_refine.pdbx_overall_ESU_R_Free                  ? 
_refine.pdbx_solvent_vdw_probe_radii             1.11 
_refine.pdbx_solvent_ion_probe_radii             ? 
_refine.pdbx_solvent_shrinkage_radii             0.90 
_refine.pdbx_real_space_R                        ? 
_refine.pdbx_density_correlation                 ? 
_refine.pdbx_pd_number_of_powder_patterns        ? 
_refine.pdbx_pd_number_of_points                 ? 
_refine.pdbx_pd_meas_number_of_points            ? 
_refine.pdbx_pd_proc_ls_prof_R_factor            ? 
_refine.pdbx_pd_proc_ls_prof_wR_factor           ? 
_refine.pdbx_pd_Marquardt_correlation_coeff      ? 
_refine.pdbx_pd_Fsqrd_R_factor                   ? 
_refine.pdbx_pd_ls_matrix_band_width             ? 
_refine.pdbx_overall_phase_error                 21.96 
_refine.pdbx_overall_SU_R_free_Cruickshank_DPI   ? 
_refine.pdbx_overall_SU_R_free_Blow_DPI          ? 
_refine.pdbx_overall_SU_R_Blow_DPI               ? 
_refine.pdbx_TLS_residual_ADP_flag               ? 
_refine.pdbx_diffrn_id                           1 
_refine.overall_SU_B                             ? 
_refine.overall_SU_ML                            0.13 
_refine.overall_SU_R_Cruickshank_DPI             ? 
_refine.overall_SU_R_free                        ? 
_refine.overall_FOM_free_R_set                   ? 
_refine.overall_FOM_work_R_set                   ? 
_refine.pdbx_average_fsc_overall                 ? 
_refine.pdbx_average_fsc_work                    ? 
_refine.pdbx_average_fsc_free                    ? 
# 
_refine_hist.pdbx_refine_id                   'X-RAY DIFFRACTION' 
_refine_hist.cycle_id                         LAST 
_refine_hist.details                          ? 
_refine_hist.d_res_high                       1.601 
_refine_hist.d_res_low                        43.907 
_refine_hist.number_atoms_solvent             79 
_refine_hist.number_atoms_total               637 
_refine_hist.number_reflns_all                ? 
_refine_hist.number_reflns_obs                ? 
_refine_hist.number_reflns_R_free             ? 
_refine_hist.number_reflns_R_work             ? 
_refine_hist.R_factor_all                     ? 
_refine_hist.R_factor_obs                     ? 
_refine_hist.R_factor_R_free                  ? 
_refine_hist.R_factor_R_work                  ? 
_refine_hist.pdbx_number_residues_total       ? 
_refine_hist.pdbx_B_iso_mean_ligand           ? 
_refine_hist.pdbx_B_iso_mean_solvent          ? 
_refine_hist.pdbx_number_atoms_protein        556 
_refine_hist.pdbx_number_atoms_nucleic_acid   0 
_refine_hist.pdbx_number_atoms_ligand         2 
_refine_hist.pdbx_number_atoms_lipid          ? 
_refine_hist.pdbx_number_atoms_carb           ? 
_refine_hist.pdbx_pseudo_atom_details         ? 
# 
loop_
_refine_ls_restr.pdbx_refine_id 
_refine_ls_restr.criterion 
_refine_ls_restr.dev_ideal 
_refine_ls_restr.dev_ideal_target 
_refine_ls_restr.number 
_refine_ls_restr.rejects 
_refine_ls_restr.type 
_refine_ls_restr.weight 
_refine_ls_restr.pdbx_restraint_function 
'X-RAY DIFFRACTION' ? 0.016  ? 571 ? f_bond_d           ? ? 
'X-RAY DIFFRACTION' ? 1.501  ? 775 ? f_angle_d          ? ? 
'X-RAY DIFFRACTION' ? 19.647 ? 208 ? f_dihedral_angle_d ? ? 
'X-RAY DIFFRACTION' ? 0.080  ? 79  ? f_chiral_restr     ? ? 
'X-RAY DIFFRACTION' ? 0.010  ? 100 ? f_plane_restr      ? ? 
# 
loop_
_refine_ls_shell.pdbx_refine_id 
_refine_ls_shell.d_res_high 
_refine_ls_shell.d_res_low 
_refine_ls_shell.number_reflns_all 
_refine_ls_shell.number_reflns_obs 
_refine_ls_shell.number_reflns_R_free 
_refine_ls_shell.number_reflns_R_work 
_refine_ls_shell.percent_reflns_obs 
_refine_ls_shell.percent_reflns_R_free 
_refine_ls_shell.R_factor_all 
_refine_ls_shell.R_factor_obs 
_refine_ls_shell.R_factor_R_free_error 
_refine_ls_shell.R_factor_R_work 
_refine_ls_shell.redundancy_reflns_all 
_refine_ls_shell.redundancy_reflns_obs 
_refine_ls_shell.wR_factor_all 
_refine_ls_shell.wR_factor_obs 
_refine_ls_shell.wR_factor_R_free 
_refine_ls_shell.wR_factor_R_work 
_refine_ls_shell.pdbx_R_complete 
_refine_ls_shell.correlation_coeff_Fo_to_Fc 
_refine_ls_shell.correlation_coeff_Fo_to_Fc_free 
_refine_ls_shell.correlation_coeff_I_to_Fcsqd_work 
_refine_ls_shell.correlation_coeff_I_to_Fcsqd_free 
_refine_ls_shell.pdbx_total_number_of_bins_used 
_refine_ls_shell.pdbx_phase_error 
_refine_ls_shell.pdbx_fsc_work 
_refine_ls_shell.pdbx_fsc_free 
_refine_ls_shell.R_factor_R_free 
'X-RAY DIFFRACTION' 1.601  1.6849 . . 172 2835 100.00 . . . . 0.2001 . . . . . . . . . . . . . . . 0.1998 
'X-RAY DIFFRACTION' 1.6849 1.7905 . . 114 2905 100.00 . . . . 0.1914 . . . . . . . . . . . . . . . 0.2585 
'X-RAY DIFFRACTION' 1.7905 1.9287 . . 136 2829 100.00 . . . . 0.1966 . . . . . . . . . . . . . . . 0.2512 
'X-RAY DIFFRACTION' 1.9287 2.1228 . . 124 2850 100.00 . . . . 0.1862 . . . . . . . . . . . . . . . 0.2296 
'X-RAY DIFFRACTION' 2.1228 2.4299 . . 123 2888 100.00 . . . . 0.1784 . . . . . . . . . . . . . . . 0.1979 
'X-RAY DIFFRACTION' 2.4299 3.0614 . . 193 2785 100.00 . . . . 0.1966 . . . . . . . . . . . . . . . 0.2316 
'X-RAY DIFFRACTION' 3.0614 43.907 . . 143 2849 100.00 . . . . 0.1761 . . . . . . . . . . . . . . . 0.2213 
# 
_struct.entry_id                     9M4S 
_struct.title                        'crystal structure of Arabidopsis thaliana ING2 PHD finger in complex with an H3K4me3 peptide' 
_struct.pdbx_model_details           ? 
_struct.pdbx_formula_weight          ? 
_struct.pdbx_formula_weight_method   ? 
_struct.pdbx_model_type_details      ? 
_struct.pdbx_CASP_flag               N 
# 
_struct_keywords.entry_id        9M4S 
_struct_keywords.text            'histone modification, epigenetic regulation, H3K4me3, ING1, GENE REGULATION' 
_struct_keywords.pdbx_keywords   'GENE REGULATION' 
# 
loop_
_struct_asym.id 
_struct_asym.pdbx_blank_PDB_chainid_flag 
_struct_asym.pdbx_modified 
_struct_asym.entity_id 
_struct_asym.details 
A N N 1 ? 
B N N 2 ? 
C N N 3 ? 
D N N 3 ? 
E N N 4 ? 
F N N 4 ? 
# 
loop_
_struct_ref.id 
_struct_ref.db_name 
_struct_ref.db_code 
_struct_ref.pdbx_db_accession 
_struct_ref.pdbx_db_isoform 
_struct_ref.entity_id 
_struct_ref.pdbx_seq_one_letter_code 
_struct_ref.pdbx_align_begin 
1 UNP ING2_ARATH B3H615 ? 1 NRKDLMPIEEQPIDPNEPTYCVCHQVSFGDMIACDNENCQGGEWFHYTCVGLTPETRFKGKWYCPTCRLLPQSH 189 
2 UNP H31_ARATH  P59226 ? 2 ARTKQTARKS                                                                 2   
# 
loop_
_struct_ref_seq.align_id 
_struct_ref_seq.ref_id 
_struct_ref_seq.pdbx_PDB_id_code 
_struct_ref_seq.pdbx_strand_id 
_struct_ref_seq.seq_align_beg 
_struct_ref_seq.pdbx_seq_align_beg_ins_code 
_struct_ref_seq.seq_align_end 
_struct_ref_seq.pdbx_seq_align_end_ins_code 
_struct_ref_seq.pdbx_db_accession 
_struct_ref_seq.db_align_beg 
_struct_ref_seq.pdbx_db_align_beg_ins_code 
_struct_ref_seq.db_align_end 
_struct_ref_seq.pdbx_db_align_end_ins_code 
_struct_ref_seq.pdbx_auth_seq_align_beg 
_struct_ref_seq.pdbx_auth_seq_align_end 
1 1 9M4S A 1 ? 74 ? B3H615 189 ? 262 ? 189 262 
2 2 9M4S P 1 ? 10 ? P59226 2   ? 11  ? 1   10  
# 
_pdbx_struct_assembly.id                   1 
_pdbx_struct_assembly.details              author_and_software_defined_assembly 
_pdbx_struct_assembly.method_details       PISA 
_pdbx_struct_assembly.oligomeric_details   dimeric 
_pdbx_struct_assembly.oligomeric_count     2 
# 
loop_
_pdbx_struct_assembly_prop.biol_id 
_pdbx_struct_assembly_prop.type 
_pdbx_struct_assembly_prop.value 
_pdbx_struct_assembly_prop.details 
1 'ABSA (A^2)' 1150 ? 
1 MORE         -4   ? 
1 'SSA (A^2)'  5210 ? 
# 
_pdbx_struct_assembly_gen.assembly_id       1 
_pdbx_struct_assembly_gen.oper_expression   1 
_pdbx_struct_assembly_gen.asym_id_list      A,B,C,D,E,F 
# 
_pdbx_struct_assembly_auth_evidence.id                     1 
_pdbx_struct_assembly_auth_evidence.assembly_id            1 
_pdbx_struct_assembly_auth_evidence.experimental_support   'isothermal titration calorimetry' 
_pdbx_struct_assembly_auth_evidence.details                ? 
# 
_pdbx_struct_oper_list.id                   1 
_pdbx_struct_oper_list.type                 'identity operation' 
_pdbx_struct_oper_list.name                 1_555 
_pdbx_struct_oper_list.symmetry_operation   x,y,z 
_pdbx_struct_oper_list.matrix[1][1]         1.0000000000 
_pdbx_struct_oper_list.matrix[1][2]         0.0000000000 
_pdbx_struct_oper_list.matrix[1][3]         0.0000000000 
_pdbx_struct_oper_list.vector[1]            0.0000000000 
_pdbx_struct_oper_list.matrix[2][1]         0.0000000000 
_pdbx_struct_oper_list.matrix[2][2]         1.0000000000 
_pdbx_struct_oper_list.matrix[2][3]         0.0000000000 
_pdbx_struct_oper_list.vector[2]            0.0000000000 
_pdbx_struct_oper_list.matrix[3][1]         0.0000000000 
_pdbx_struct_oper_list.matrix[3][2]         0.0000000000 
_pdbx_struct_oper_list.matrix[3][3]         1.0000000000 
_pdbx_struct_oper_list.vector[3]            0.0000000000 
# 
loop_
_struct_conf.conf_type_id 
_struct_conf.id 
_struct_conf.pdbx_PDB_helix_id 
_struct_conf.beg_label_comp_id 
_struct_conf.beg_label_asym_id 
_struct_conf.beg_label_seq_id 
_struct_conf.pdbx_beg_PDB_ins_code 
_struct_conf.end_label_comp_id 
_struct_conf.end_label_asym_id 
_struct_conf.end_label_seq_id 
_struct_conf.pdbx_end_PDB_ins_code 
_struct_conf.beg_auth_comp_id 
_struct_conf.beg_auth_asym_id 
_struct_conf.beg_auth_seq_id 
_struct_conf.end_auth_comp_id 
_struct_conf.end_auth_asym_id 
_struct_conf.end_auth_seq_id 
_struct_conf.pdbx_PDB_helix_class 
_struct_conf.details 
_struct_conf.pdbx_PDB_helix_length 
HELX_P HELX_P1 AA1 THR A 48 ? GLY A 51 ? THR A 236 GLY A 239 5 ? 4 
HELX_P HELX_P2 AA2 THR A 66 ? LEU A 70 ? THR A 254 LEU A 258 5 ? 5 
# 
_struct_conf_type.id          HELX_P 
_struct_conf_type.criteria    ? 
_struct_conf_type.reference   ? 
# 
loop_
_struct_conn.id 
_struct_conn.conn_type_id 
_struct_conn.pdbx_leaving_atom_flag 
_struct_conn.pdbx_PDB_id 
_struct_conn.ptnr1_label_asym_id 
_struct_conn.ptnr1_label_comp_id 
_struct_conn.ptnr1_label_seq_id 
_struct_conn.ptnr1_label_atom_id 
_struct_conn.pdbx_ptnr1_label_alt_id 
_struct_conn.pdbx_ptnr1_PDB_ins_code 
_struct_conn.pdbx_ptnr1_standard_comp_id 
_struct_conn.ptnr1_symmetry 
_struct_conn.ptnr2_label_asym_id 
_struct_conn.ptnr2_label_comp_id 
_struct_conn.ptnr2_label_seq_id 
_struct_conn.ptnr2_label_atom_id 
_struct_conn.pdbx_ptnr2_label_alt_id 
_struct_conn.pdbx_ptnr2_PDB_ins_code 
_struct_conn.ptnr1_auth_asym_id 
_struct_conn.ptnr1_auth_comp_id 
_struct_conn.ptnr1_auth_seq_id 
_struct_conn.ptnr2_auth_asym_id 
_struct_conn.ptnr2_auth_comp_id 
_struct_conn.ptnr2_auth_seq_id 
_struct_conn.ptnr2_symmetry 
_struct_conn.pdbx_ptnr3_label_atom_id 
_struct_conn.pdbx_ptnr3_label_seq_id 
_struct_conn.pdbx_ptnr3_label_comp_id 
_struct_conn.pdbx_ptnr3_label_asym_id 
_struct_conn.pdbx_ptnr3_label_alt_id 
_struct_conn.pdbx_ptnr3_PDB_ins_code 
_struct_conn.details 
_struct_conn.pdbx_dist_value 
_struct_conn.pdbx_value_order 
_struct_conn.pdbx_role 
covale1 covale both ? B THR 3  C   ? ? ? 1_555 B M3L 4 N  ? ? P THR 3   P M3L 4   1_555 ? ? ? ? ? ? ? 1.334 ? ? 
covale2 covale both ? B M3L 4  C   ? ? ? 1_555 B GLN 5 N  ? ? P M3L 4   P GLN 5   1_555 ? ? ? ? ? ? ? 1.338 ? ? 
metalc1 metalc ?    ? A CYS 21 SG  ? ? ? 1_555 C ZN  . ZN ? ? A CYS 209 A ZN  501 1_555 ? ? ? ? ? ? ? 2.311 ? ? 
metalc2 metalc ?    ? A CYS 23 SG  ? ? ? 1_555 C ZN  . ZN ? ? A CYS 211 A ZN  501 1_555 ? ? ? ? ? ? ? 2.291 ? ? 
metalc3 metalc ?    ? A CYS 34 SG  ? ? ? 1_555 D ZN  . ZN ? ? A CYS 222 A ZN  502 1_555 ? ? ? ? ? ? ? 2.388 ? ? 
metalc4 metalc ?    ? A CYS 39 SG  ? ? ? 1_555 D ZN  . ZN ? ? A CYS 227 A ZN  502 1_555 ? ? ? ? ? ? ? 2.334 ? ? 
metalc5 metalc ?    ? A HIS 46 ND1 ? ? ? 1_555 C ZN  . ZN ? ? A HIS 234 A ZN  501 1_555 ? ? ? ? ? ? ? 2.126 ? ? 
metalc6 metalc ?    ? A CYS 49 SG  ? ? ? 1_555 C ZN  . ZN ? ? A CYS 237 A ZN  501 1_555 ? ? ? ? ? ? ? 2.348 ? ? 
metalc7 metalc ?    ? A CYS 64 SG  ? ? ? 1_555 D ZN  . ZN ? ? A CYS 252 A ZN  502 1_555 ? ? ? ? ? ? ? 2.366 ? ? 
metalc8 metalc ?    ? A CYS 67 SG  ? ? ? 1_555 D ZN  . ZN ? ? A CYS 255 A ZN  502 1_555 ? ? ? ? ? ? ? 2.322 ? ? 
# 
loop_
_struct_conn_type.id 
_struct_conn_type.criteria 
_struct_conn_type.reference 
covale ? ? 
metalc ? ? 
# 
loop_
_pdbx_struct_conn_angle.id 
_pdbx_struct_conn_angle.ptnr1_label_atom_id 
_pdbx_struct_conn_angle.ptnr1_label_alt_id 
_pdbx_struct_conn_angle.ptnr1_label_asym_id 
_pdbx_struct_conn_angle.ptnr1_label_comp_id 
_pdbx_struct_conn_angle.ptnr1_label_seq_id 
_pdbx_struct_conn_angle.ptnr1_auth_atom_id 
_pdbx_struct_conn_angle.ptnr1_auth_asym_id 
_pdbx_struct_conn_angle.ptnr1_auth_comp_id 
_pdbx_struct_conn_angle.ptnr1_auth_seq_id 
_pdbx_struct_conn_angle.ptnr1_PDB_ins_code 
_pdbx_struct_conn_angle.ptnr1_symmetry 
_pdbx_struct_conn_angle.ptnr2_label_atom_id 
_pdbx_struct_conn_angle.ptnr2_label_alt_id 
_pdbx_struct_conn_angle.ptnr2_label_asym_id 
_pdbx_struct_conn_angle.ptnr2_label_comp_id 
_pdbx_struct_conn_angle.ptnr2_label_seq_id 
_pdbx_struct_conn_angle.ptnr2_auth_atom_id 
_pdbx_struct_conn_angle.ptnr2_auth_asym_id 
_pdbx_struct_conn_angle.ptnr2_auth_comp_id 
_pdbx_struct_conn_angle.ptnr2_auth_seq_id 
_pdbx_struct_conn_angle.ptnr2_PDB_ins_code 
_pdbx_struct_conn_angle.ptnr2_symmetry 
_pdbx_struct_conn_angle.ptnr3_label_atom_id 
_pdbx_struct_conn_angle.ptnr3_label_alt_id 
_pdbx_struct_conn_angle.ptnr3_label_asym_id 
_pdbx_struct_conn_angle.ptnr3_label_comp_id 
_pdbx_struct_conn_angle.ptnr3_label_seq_id 
_pdbx_struct_conn_angle.ptnr3_auth_atom_id 
_pdbx_struct_conn_angle.ptnr3_auth_asym_id 
_pdbx_struct_conn_angle.ptnr3_auth_comp_id 
_pdbx_struct_conn_angle.ptnr3_auth_seq_id 
_pdbx_struct_conn_angle.ptnr3_PDB_ins_code 
_pdbx_struct_conn_angle.ptnr3_symmetry 
_pdbx_struct_conn_angle.value 
_pdbx_struct_conn_angle.value_esd 
1  SG  ? A CYS 21 ? A CYS 209 ? 1_555 ZN ? C ZN . ? A ZN 501 ? 1_555 SG  ? A CYS 23 ? A CYS 211 ? 1_555 116.9 ? 
2  SG  ? A CYS 21 ? A CYS 209 ? 1_555 ZN ? C ZN . ? A ZN 501 ? 1_555 ND1 ? A HIS 46 ? A HIS 234 ? 1_555 100.9 ? 
3  SG  ? A CYS 23 ? A CYS 211 ? 1_555 ZN ? C ZN . ? A ZN 501 ? 1_555 ND1 ? A HIS 46 ? A HIS 234 ? 1_555 95.2  ? 
4  SG  ? A CYS 21 ? A CYS 209 ? 1_555 ZN ? C ZN . ? A ZN 501 ? 1_555 SG  ? A CYS 49 ? A CYS 237 ? 1_555 107.6 ? 
5  SG  ? A CYS 23 ? A CYS 211 ? 1_555 ZN ? C ZN . ? A ZN 501 ? 1_555 SG  ? A CYS 49 ? A CYS 237 ? 1_555 116.1 ? 
6  ND1 ? A HIS 46 ? A HIS 234 ? 1_555 ZN ? C ZN . ? A ZN 501 ? 1_555 SG  ? A CYS 49 ? A CYS 237 ? 1_555 119.1 ? 
7  SG  ? A CYS 34 ? A CYS 222 ? 1_555 ZN ? D ZN . ? A ZN 502 ? 1_555 SG  ? A CYS 39 ? A CYS 227 ? 1_555 110.1 ? 
8  SG  ? A CYS 34 ? A CYS 222 ? 1_555 ZN ? D ZN . ? A ZN 502 ? 1_555 SG  ? A CYS 64 ? A CYS 252 ? 1_555 113.6 ? 
9  SG  ? A CYS 39 ? A CYS 227 ? 1_555 ZN ? D ZN . ? A ZN 502 ? 1_555 SG  ? A CYS 64 ? A CYS 252 ? 1_555 106.2 ? 
10 SG  ? A CYS 34 ? A CYS 222 ? 1_555 ZN ? D ZN . ? A ZN 502 ? 1_555 SG  ? A CYS 67 ? A CYS 255 ? 1_555 104.2 ? 
11 SG  ? A CYS 39 ? A CYS 227 ? 1_555 ZN ? D ZN . ? A ZN 502 ? 1_555 SG  ? A CYS 67 ? A CYS 255 ? 1_555 117.9 ? 
12 SG  ? A CYS 64 ? A CYS 252 ? 1_555 ZN ? D ZN . ? A ZN 502 ? 1_555 SG  ? A CYS 67 ? A CYS 255 ? 1_555 105.1 ? 
# 
_pdbx_modification_feature.ordinal                            1 
_pdbx_modification_feature.label_comp_id                      M3L 
_pdbx_modification_feature.label_asym_id                      B 
_pdbx_modification_feature.label_seq_id                       4 
_pdbx_modification_feature.label_alt_id                       ? 
_pdbx_modification_feature.modified_residue_label_comp_id     . 
_pdbx_modification_feature.modified_residue_label_asym_id     . 
_pdbx_modification_feature.modified_residue_label_seq_id      . 
_pdbx_modification_feature.modified_residue_label_alt_id      . 
_pdbx_modification_feature.auth_comp_id                       M3L 
_pdbx_modification_feature.auth_asym_id                       P 
_pdbx_modification_feature.auth_seq_id                        4 
_pdbx_modification_feature.PDB_ins_code                       ? 
_pdbx_modification_feature.symmetry                           1_555 
_pdbx_modification_feature.modified_residue_auth_comp_id      . 
_pdbx_modification_feature.modified_residue_auth_asym_id      . 
_pdbx_modification_feature.modified_residue_auth_seq_id       . 
_pdbx_modification_feature.modified_residue_PDB_ins_code      . 
_pdbx_modification_feature.modified_residue_symmetry          . 
_pdbx_modification_feature.comp_id_linking_atom               . 
_pdbx_modification_feature.modified_residue_id_linking_atom   . 
_pdbx_modification_feature.modified_residue_id                LYS 
_pdbx_modification_feature.ref_pcm_id                         1 
_pdbx_modification_feature.ref_comp_id                        M3L 
_pdbx_modification_feature.type                               Methylation 
_pdbx_modification_feature.category                           'Named protein modification' 
# 
loop_
_struct_sheet.id 
_struct_sheet.type 
_struct_sheet.number_strands 
_struct_sheet.details 
AA1 ? 2 ? 
AA2 ? 3 ? 
# 
loop_
_struct_sheet_order.sheet_id 
_struct_sheet_order.range_id_1 
_struct_sheet_order.range_id_2 
_struct_sheet_order.offset 
_struct_sheet_order.sense 
AA1 1 2 ? anti-parallel 
AA2 1 2 ? anti-parallel 
AA2 2 3 ? anti-parallel 
# 
loop_
_struct_sheet_range.sheet_id 
_struct_sheet_range.id 
_struct_sheet_range.beg_label_comp_id 
_struct_sheet_range.beg_label_asym_id 
_struct_sheet_range.beg_label_seq_id 
_struct_sheet_range.pdbx_beg_PDB_ins_code 
_struct_sheet_range.end_label_comp_id 
_struct_sheet_range.end_label_asym_id 
_struct_sheet_range.end_label_seq_id 
_struct_sheet_range.pdbx_end_PDB_ins_code 
_struct_sheet_range.beg_auth_comp_id 
_struct_sheet_range.beg_auth_asym_id 
_struct_sheet_range.beg_auth_seq_id 
_struct_sheet_range.end_auth_comp_id 
_struct_sheet_range.end_auth_asym_id 
_struct_sheet_range.end_auth_seq_id 
AA1 1 THR A 19 ? TYR A 20 ? THR A 207 TYR A 208 
AA1 2 GLN A 25 ? VAL A 26 ? GLN A 213 VAL A 214 
AA2 1 TRP A 44 ? HIS A 46 ? TRP A 232 HIS A 234 
AA2 2 ASP A 30 ? ALA A 33 ? ASP A 218 ALA A 221 
AA2 3 THR B 3  ? GLN B 5  ? THR P 3   GLN P 5   
# 
loop_
_pdbx_struct_sheet_hbond.sheet_id 
_pdbx_struct_sheet_hbond.range_id_1 
_pdbx_struct_sheet_hbond.range_id_2 
_pdbx_struct_sheet_hbond.range_1_label_atom_id 
_pdbx_struct_sheet_hbond.range_1_label_comp_id 
_pdbx_struct_sheet_hbond.range_1_label_asym_id 
_pdbx_struct_sheet_hbond.range_1_label_seq_id 
_pdbx_struct_sheet_hbond.range_1_PDB_ins_code 
_pdbx_struct_sheet_hbond.range_1_auth_atom_id 
_pdbx_struct_sheet_hbond.range_1_auth_comp_id 
_pdbx_struct_sheet_hbond.range_1_auth_asym_id 
_pdbx_struct_sheet_hbond.range_1_auth_seq_id 
_pdbx_struct_sheet_hbond.range_2_label_atom_id 
_pdbx_struct_sheet_hbond.range_2_label_comp_id 
_pdbx_struct_sheet_hbond.range_2_label_asym_id 
_pdbx_struct_sheet_hbond.range_2_label_seq_id 
_pdbx_struct_sheet_hbond.range_2_PDB_ins_code 
_pdbx_struct_sheet_hbond.range_2_auth_atom_id 
_pdbx_struct_sheet_hbond.range_2_auth_comp_id 
_pdbx_struct_sheet_hbond.range_2_auth_asym_id 
_pdbx_struct_sheet_hbond.range_2_auth_seq_id 
AA1 1 2 N TYR A 20 ? N TYR A 208 O GLN A 25 ? O GLN A 213 
AA2 1 2 O PHE A 45 ? O PHE A 233 N ILE A 32 ? N ILE A 220 
AA2 2 3 N MET A 31 ? N MET A 219 O M3L B 4  ? O M3L P 4   
# 
_pdbx_entry_details.entry_id                   9M4S 
_pdbx_entry_details.nonpolymer_details         ? 
_pdbx_entry_details.sequence_details           ? 
_pdbx_entry_details.compound_details           ? 
_pdbx_entry_details.source_details             ? 
_pdbx_entry_details.has_ligand_of_interest     Y 
_pdbx_entry_details.has_protein_modification   Y 
# 
loop_
_pdbx_validate_torsion.id 
_pdbx_validate_torsion.PDB_model_num 
_pdbx_validate_torsion.auth_comp_id 
_pdbx_validate_torsion.auth_asym_id 
_pdbx_validate_torsion.auth_seq_id 
_pdbx_validate_torsion.PDB_ins_code 
_pdbx_validate_torsion.label_alt_id 
_pdbx_validate_torsion.phi 
_pdbx_validate_torsion.psi 
1 1 CYS A 209 ? ? 75.06 174.64 
2 1 GLU A 231 ? ? 69.54 -56.54 
# 
_pdbx_struct_mod_residue.id               1 
_pdbx_struct_mod_residue.label_asym_id    B 
_pdbx_struct_mod_residue.label_comp_id    M3L 
_pdbx_struct_mod_residue.label_seq_id     4 
_pdbx_struct_mod_residue.auth_asym_id     P 
_pdbx_struct_mod_residue.auth_comp_id     M3L 
_pdbx_struct_mod_residue.auth_seq_id      4 
_pdbx_struct_mod_residue.PDB_ins_code     ? 
_pdbx_struct_mod_residue.parent_comp_id   LYS 
_pdbx_struct_mod_residue.details          'modified residue' 
# 
loop_
_pdbx_refine_tls.id 
_pdbx_refine_tls.pdbx_refine_id 
_pdbx_refine_tls.details 
_pdbx_refine_tls.method 
_pdbx_refine_tls.origin_x 
_pdbx_refine_tls.origin_y 
_pdbx_refine_tls.origin_z 
_pdbx_refine_tls.T[1][1] 
_pdbx_refine_tls.T[1][1]_esd 
_pdbx_refine_tls.T[1][2] 
_pdbx_refine_tls.T[1][2]_esd 
_pdbx_refine_tls.T[1][3] 
_pdbx_refine_tls.T[1][3]_esd 
_pdbx_refine_tls.T[2][2] 
_pdbx_refine_tls.T[2][2]_esd 
_pdbx_refine_tls.T[2][3] 
_pdbx_refine_tls.T[2][3]_esd 
_pdbx_refine_tls.T[3][3] 
_pdbx_refine_tls.T[3][3]_esd 
_pdbx_refine_tls.L[1][1] 
_pdbx_refine_tls.L[1][1]_esd 
_pdbx_refine_tls.L[1][2] 
_pdbx_refine_tls.L[1][2]_esd 
_pdbx_refine_tls.L[1][3] 
_pdbx_refine_tls.L[1][3]_esd 
_pdbx_refine_tls.L[2][2] 
_pdbx_refine_tls.L[2][2]_esd 
_pdbx_refine_tls.L[2][3] 
_pdbx_refine_tls.L[2][3]_esd 
_pdbx_refine_tls.L[3][3] 
_pdbx_refine_tls.L[3][3]_esd 
_pdbx_refine_tls.S[1][1] 
_pdbx_refine_tls.S[1][1]_esd 
_pdbx_refine_tls.S[1][2] 
_pdbx_refine_tls.S[1][2]_esd 
_pdbx_refine_tls.S[1][3] 
_pdbx_refine_tls.S[1][3]_esd 
_pdbx_refine_tls.S[2][1] 
_pdbx_refine_tls.S[2][1]_esd 
_pdbx_refine_tls.S[2][2] 
_pdbx_refine_tls.S[2][2]_esd 
_pdbx_refine_tls.S[2][3] 
_pdbx_refine_tls.S[2][3]_esd 
_pdbx_refine_tls.S[3][1] 
_pdbx_refine_tls.S[3][1]_esd 
_pdbx_refine_tls.S[3][2] 
_pdbx_refine_tls.S[3][2]_esd 
_pdbx_refine_tls.S[3][3] 
_pdbx_refine_tls.S[3][3]_esd 
1 'X-RAY DIFFRACTION' ? refined -1.1889 -13.3426 12.0515  0.9340 ? -0.0504 ? 0.2673  ? 0.2406 ? 0.0845  ? 0.5254 ? 3.8743 ? -1.7017 ? 3.4266  ? 1.0316 ? -0.8938 ? 4.3451 ? -0.1347 ? -0.4572 ? -1.1868 ? 0.6914  ? -0.1296 ? -0.4342 ? 0.7407  ? -0.2216 ? 0.2277  ? 
2 'X-RAY DIFFRACTION' ? refined 1.7708  -3.5737  4.1770   0.1932 ? -0.0158 ? 0.0091  ? 0.1745 ? -0.0007 ? 0.1624 ? 4.4819 ? -1.7570 ? -0.1705 ? 5.7785 ? 0.2971  ? 3.1242 ? -0.1505 ? -0.1891 ? -0.2500 ? 0.4255  ? 0.1108  ? -0.0994 ? 0.1859  ? 0.1463  ? 0.0538  ? 
3 'X-RAY DIFFRACTION' ? refined -4.2315 -4.0181  -7.2252  0.1470 ? -0.0168 ? -0.0096 ? 0.1491 ? 0.0025  ? 0.1739 ? 7.1114 ? -1.7926 ? 2.6013  ? 6.5572 ? -0.0155 ? 4.5384 ? 0.1021  ? -0.0490 ? -0.3623 ? -0.2068 ? 0.1877  ? 0.2128  ? 0.1861  ? 0.0133  ? -0.2919 ? 
4 'X-RAY DIFFRACTION' ? refined 2.9660  4.6861   2.6466   0.1909 ? -0.0123 ? -0.0048 ? 0.1951 ? 0.0031  ? 0.1401 ? 4.7231 ? -0.3498 ? 0.0783  ? 6.7695 ? 1.1767  ? 2.8265 ? -0.0705 ? -0.1515 ? 0.1516  ? 0.3337  ? 0.1286  ? -0.3454 ? -0.0637 ? 0.1384  ? -0.0258 ? 
5 'X-RAY DIFFRACTION' ? refined -3.9587 11.9702  -0.1856  0.2721 ? -0.0055 ? 0.0119  ? 0.2743 ? -0.0215 ? 0.3286 ? 3.7167 ? 1.0357  ? 5.5670  ? 0.5073 ? 1.7399  ? 8.4983 ? 0.0782  ? -0.7547 ? 0.5842  ? 0.2296  ? -0.1085 ? 0.4759  ? -0.2151 ? -0.7253 ? 0.0354  ? 
6 'X-RAY DIFFRACTION' ? refined 1.3206  1.2813   -11.9210 0.1380 ? -0.0016 ? 0.0040  ? 0.2186 ? -0.0028 ? 0.1605 ? 5.8106 ? -1.5629 ? -0.8797 ? 6.7545 ? 0.8598  ? 4.2709 ? 0.1628  ? 0.5570  ? 0.0665  ? -0.4166 ? -0.1589 ? -0.0768 ? -0.1669 ? 0.0823  ? -0.0307 ? 
7 'X-RAY DIFFRACTION' ? refined -3.5392 2.3794   7.7594   0.3181 ? -0.0291 ? 0.0394  ? 0.2825 ? -0.0105 ? 0.2140 ? 5.6096 ? -0.5744 ? 0.4410  ? 6.8527 ? -0.9860 ? 7.4820 ? -0.0407 ? -0.7673 ? -0.0100 ? 0.8157  ? -0.0252 ? 0.0272  ? 0.2599  ? -0.0200 ? 0.0388  ? 
# 
loop_
_pdbx_refine_tls_group.id 
_pdbx_refine_tls_group.pdbx_refine_id 
_pdbx_refine_tls_group.refine_tls_id 
_pdbx_refine_tls_group.beg_label_asym_id 
_pdbx_refine_tls_group.beg_label_seq_id 
_pdbx_refine_tls_group.beg_auth_asym_id 
_pdbx_refine_tls_group.beg_auth_seq_id 
_pdbx_refine_tls_group.beg_PDB_ins_code 
_pdbx_refine_tls_group.end_label_asym_id 
_pdbx_refine_tls_group.end_label_seq_id 
_pdbx_refine_tls_group.end_auth_asym_id 
_pdbx_refine_tls_group.end_auth_seq_id 
_pdbx_refine_tls_group.end_PDB_ins_code 
_pdbx_refine_tls_group.selection 
_pdbx_refine_tls_group.selection_details 
1 'X-RAY DIFFRACTION' 1 ? ? ? ? ? ? ? ? ? ? ? 
;chain 'A' and (resid 201 through 205 )
;
2 'X-RAY DIFFRACTION' 2 ? ? ? ? ? ? ? ? ? ? ? 
;chain 'A' and (resid 206 through 221 )
;
3 'X-RAY DIFFRACTION' 3 ? ? ? ? ? ? ? ? ? ? ? 
;chain 'A' and (resid 222 through 231 )
;
4 'X-RAY DIFFRACTION' 4 ? ? ? ? ? ? ? ? ? ? ? 
;chain 'A' and (resid 232 through 243 )
;
5 'X-RAY DIFFRACTION' 5 ? ? ? ? ? ? ? ? ? ? ? 
;chain 'A' and (resid 244 through 248 )
;
6 'X-RAY DIFFRACTION' 6 ? ? ? ? ? ? ? ? ? ? ? 
;chain 'A' and (resid 249 through 260 )
;
7 'X-RAY DIFFRACTION' 7 ? ? ? ? ? ? ? ? ? ? ? 
;chain 'P' and (resid 1 through 9 )
;
# 
loop_
_pdbx_unobs_or_zero_occ_residues.id 
_pdbx_unobs_or_zero_occ_residues.PDB_model_num 
_pdbx_unobs_or_zero_occ_residues.polymer_flag 
_pdbx_unobs_or_zero_occ_residues.occupancy_flag 
_pdbx_unobs_or_zero_occ_residues.auth_asym_id 
_pdbx_unobs_or_zero_occ_residues.auth_comp_id 
_pdbx_unobs_or_zero_occ_residues.auth_seq_id 
_pdbx_unobs_or_zero_occ_residues.PDB_ins_code 
_pdbx_unobs_or_zero_occ_residues.label_asym_id 
_pdbx_unobs_or_zero_occ_residues.label_comp_id 
_pdbx_unobs_or_zero_occ_residues.label_seq_id 
1  1 Y 1 A ASN 189 ? A ASN 1  
2  1 Y 1 A ARG 190 ? A ARG 2  
3  1 Y 1 A LYS 191 ? A LYS 3  
4  1 Y 1 A ASP 192 ? A ASP 4  
5  1 Y 1 A LEU 193 ? A LEU 5  
6  1 Y 1 A MET 194 ? A MET 6  
7  1 Y 1 A PRO 195 ? A PRO 7  
8  1 Y 1 A ILE 196 ? A ILE 8  
9  1 Y 1 A GLU 197 ? A GLU 9  
10 1 Y 1 A GLU 198 ? A GLU 10 
11 1 Y 1 A GLN 199 ? A GLN 11 
12 1 Y 1 A PRO 200 ? A PRO 12 
13 1 Y 1 A SER 261 ? A SER 73 
14 1 Y 1 A HIS 262 ? A HIS 74 
15 1 Y 1 P SER 10  ? B SER 10 
# 
loop_
_chem_comp_atom.comp_id 
_chem_comp_atom.atom_id 
_chem_comp_atom.type_symbol 
_chem_comp_atom.pdbx_aromatic_flag 
_chem_comp_atom.pdbx_stereo_config 
_chem_comp_atom.pdbx_ordinal 
ALA N    N  N N 1   
ALA CA   C  N S 2   
ALA C    C  N N 3   
ALA O    O  N N 4   
ALA CB   C  N N 5   
ALA OXT  O  N N 6   
ALA H    H  N N 7   
ALA H2   H  N N 8   
ALA HA   H  N N 9   
ALA HB1  H  N N 10  
ALA HB2  H  N N 11  
ALA HB3  H  N N 12  
ALA HXT  H  N N 13  
ARG N    N  N N 14  
ARG CA   C  N S 15  
ARG C    C  N N 16  
ARG O    O  N N 17  
ARG CB   C  N N 18  
ARG CG   C  N N 19  
ARG CD   C  N N 20  
ARG NE   N  N N 21  
ARG CZ   C  N N 22  
ARG NH1  N  N N 23  
ARG NH2  N  N N 24  
ARG OXT  O  N N 25  
ARG H    H  N N 26  
ARG H2   H  N N 27  
ARG HA   H  N N 28  
ARG HB2  H  N N 29  
ARG HB3  H  N N 30  
ARG HG2  H  N N 31  
ARG HG3  H  N N 32  
ARG HD2  H  N N 33  
ARG HD3  H  N N 34  
ARG HE   H  N N 35  
ARG HH11 H  N N 36  
ARG HH12 H  N N 37  
ARG HH21 H  N N 38  
ARG HH22 H  N N 39  
ARG HXT  H  N N 40  
ASN N    N  N N 41  
ASN CA   C  N S 42  
ASN C    C  N N 43  
ASN O    O  N N 44  
ASN CB   C  N N 45  
ASN CG   C  N N 46  
ASN OD1  O  N N 47  
ASN ND2  N  N N 48  
ASN OXT  O  N N 49  
ASN H    H  N N 50  
ASN H2   H  N N 51  
ASN HA   H  N N 52  
ASN HB2  H  N N 53  
ASN HB3  H  N N 54  
ASN HD21 H  N N 55  
ASN HD22 H  N N 56  
ASN HXT  H  N N 57  
ASP N    N  N N 58  
ASP CA   C  N S 59  
ASP C    C  N N 60  
ASP O    O  N N 61  
ASP CB   C  N N 62  
ASP CG   C  N N 63  
ASP OD1  O  N N 64  
ASP OD2  O  N N 65  
ASP OXT  O  N N 66  
ASP H    H  N N 67  
ASP H2   H  N N 68  
ASP HA   H  N N 69  
ASP HB2  H  N N 70  
ASP HB3  H  N N 71  
ASP HD2  H  N N 72  
ASP HXT  H  N N 73  
CYS N    N  N N 74  
CYS CA   C  N R 75  
CYS C    C  N N 76  
CYS O    O  N N 77  
CYS CB   C  N N 78  
CYS SG   S  N N 79  
CYS OXT  O  N N 80  
CYS H    H  N N 81  
CYS H2   H  N N 82  
CYS HA   H  N N 83  
CYS HB2  H  N N 84  
CYS HB3  H  N N 85  
CYS HG   H  N N 86  
CYS HXT  H  N N 87  
GLN N    N  N N 88  
GLN CA   C  N S 89  
GLN C    C  N N 90  
GLN O    O  N N 91  
GLN CB   C  N N 92  
GLN CG   C  N N 93  
GLN CD   C  N N 94  
GLN OE1  O  N N 95  
GLN NE2  N  N N 96  
GLN OXT  O  N N 97  
GLN H    H  N N 98  
GLN H2   H  N N 99  
GLN HA   H  N N 100 
GLN HB2  H  N N 101 
GLN HB3  H  N N 102 
GLN HG2  H  N N 103 
GLN HG3  H  N N 104 
GLN HE21 H  N N 105 
GLN HE22 H  N N 106 
GLN HXT  H  N N 107 
GLU N    N  N N 108 
GLU CA   C  N S 109 
GLU C    C  N N 110 
GLU O    O  N N 111 
GLU CB   C  N N 112 
GLU CG   C  N N 113 
GLU CD   C  N N 114 
GLU OE1  O  N N 115 
GLU OE2  O  N N 116 
GLU OXT  O  N N 117 
GLU H    H  N N 118 
GLU H2   H  N N 119 
GLU HA   H  N N 120 
GLU HB2  H  N N 121 
GLU HB3  H  N N 122 
GLU HG2  H  N N 123 
GLU HG3  H  N N 124 
GLU HE2  H  N N 125 
GLU HXT  H  N N 126 
GLY N    N  N N 127 
GLY CA   C  N N 128 
GLY C    C  N N 129 
GLY O    O  N N 130 
GLY OXT  O  N N 131 
GLY H    H  N N 132 
GLY H2   H  N N 133 
GLY HA2  H  N N 134 
GLY HA3  H  N N 135 
GLY HXT  H  N N 136 
HIS N    N  N N 137 
HIS CA   C  N S 138 
HIS C    C  N N 139 
HIS O    O  N N 140 
HIS CB   C  N N 141 
HIS CG   C  Y N 142 
HIS ND1  N  Y N 143 
HIS CD2  C  Y N 144 
HIS CE1  C  Y N 145 
HIS NE2  N  Y N 146 
HIS OXT  O  N N 147 
HIS H    H  N N 148 
HIS H2   H  N N 149 
HIS HA   H  N N 150 
HIS HB2  H  N N 151 
HIS HB3  H  N N 152 
HIS HD1  H  N N 153 
HIS HD2  H  N N 154 
HIS HE1  H  N N 155 
HIS HE2  H  N N 156 
HIS HXT  H  N N 157 
HOH O    O  N N 158 
HOH H1   H  N N 159 
HOH H2   H  N N 160 
ILE N    N  N N 161 
ILE CA   C  N S 162 
ILE C    C  N N 163 
ILE O    O  N N 164 
ILE CB   C  N S 165 
ILE CG1  C  N N 166 
ILE CG2  C  N N 167 
ILE CD1  C  N N 168 
ILE OXT  O  N N 169 
ILE H    H  N N 170 
ILE H2   H  N N 171 
ILE HA   H  N N 172 
ILE HB   H  N N 173 
ILE HG12 H  N N 174 
ILE HG13 H  N N 175 
ILE HG21 H  N N 176 
ILE HG22 H  N N 177 
ILE HG23 H  N N 178 
ILE HD11 H  N N 179 
ILE HD12 H  N N 180 
ILE HD13 H  N N 181 
ILE HXT  H  N N 182 
LEU N    N  N N 183 
LEU CA   C  N S 184 
LEU C    C  N N 185 
LEU O    O  N N 186 
LEU CB   C  N N 187 
LEU CG   C  N N 188 
LEU CD1  C  N N 189 
LEU CD2  C  N N 190 
LEU OXT  O  N N 191 
LEU H    H  N N 192 
LEU H2   H  N N 193 
LEU HA   H  N N 194 
LEU HB2  H  N N 195 
LEU HB3  H  N N 196 
LEU HG   H  N N 197 
LEU HD11 H  N N 198 
LEU HD12 H  N N 199 
LEU HD13 H  N N 200 
LEU HD21 H  N N 201 
LEU HD22 H  N N 202 
LEU HD23 H  N N 203 
LEU HXT  H  N N 204 
LYS N    N  N N 205 
LYS CA   C  N S 206 
LYS C    C  N N 207 
LYS O    O  N N 208 
LYS CB   C  N N 209 
LYS CG   C  N N 210 
LYS CD   C  N N 211 
LYS CE   C  N N 212 
LYS NZ   N  N N 213 
LYS OXT  O  N N 214 
LYS H    H  N N 215 
LYS H2   H  N N 216 
LYS HA   H  N N 217 
LYS HB2  H  N N 218 
LYS HB3  H  N N 219 
LYS HG2  H  N N 220 
LYS HG3  H  N N 221 
LYS HD2  H  N N 222 
LYS HD3  H  N N 223 
LYS HE2  H  N N 224 
LYS HE3  H  N N 225 
LYS HZ1  H  N N 226 
LYS HZ2  H  N N 227 
LYS HZ3  H  N N 228 
LYS HXT  H  N N 229 
M3L N    N  N N 230 
M3L CA   C  N S 231 
M3L CB   C  N N 232 
M3L CG   C  N N 233 
M3L CD   C  N N 234 
M3L CE   C  N N 235 
M3L NZ   N  N N 236 
M3L C    C  N N 237 
M3L O    O  N N 238 
M3L OXT  O  N N 239 
M3L CM1  C  N N 240 
M3L CM2  C  N N 241 
M3L CM3  C  N N 242 
M3L H    H  N N 243 
M3L H2   H  N N 244 
M3L HA   H  N N 245 
M3L HB2  H  N N 246 
M3L HB3  H  N N 247 
M3L HG2  H  N N 248 
M3L HG3  H  N N 249 
M3L HD2  H  N N 250 
M3L HD3  H  N N 251 
M3L HE2  H  N N 252 
M3L HE3  H  N N 253 
M3L HXT  H  N N 254 
M3L HM11 H  N N 255 
M3L HM12 H  N N 256 
M3L HM13 H  N N 257 
M3L HM21 H  N N 258 
M3L HM22 H  N N 259 
M3L HM23 H  N N 260 
M3L HM31 H  N N 261 
M3L HM32 H  N N 262 
M3L HM33 H  N N 263 
MET N    N  N N 264 
MET CA   C  N S 265 
MET C    C  N N 266 
MET O    O  N N 267 
MET CB   C  N N 268 
MET CG   C  N N 269 
MET SD   S  N N 270 
MET CE   C  N N 271 
MET OXT  O  N N 272 
MET H    H  N N 273 
MET H2   H  N N 274 
MET HA   H  N N 275 
MET HB2  H  N N 276 
MET HB3  H  N N 277 
MET HG2  H  N N 278 
MET HG3  H  N N 279 
MET HE1  H  N N 280 
MET HE2  H  N N 281 
MET HE3  H  N N 282 
MET HXT  H  N N 283 
PHE N    N  N N 284 
PHE CA   C  N S 285 
PHE C    C  N N 286 
PHE O    O  N N 287 
PHE CB   C  N N 288 
PHE CG   C  Y N 289 
PHE CD1  C  Y N 290 
PHE CD2  C  Y N 291 
PHE CE1  C  Y N 292 
PHE CE2  C  Y N 293 
PHE CZ   C  Y N 294 
PHE OXT  O  N N 295 
PHE H    H  N N 296 
PHE H2   H  N N 297 
PHE HA   H  N N 298 
PHE HB2  H  N N 299 
PHE HB3  H  N N 300 
PHE HD1  H  N N 301 
PHE HD2  H  N N 302 
PHE HE1  H  N N 303 
PHE HE2  H  N N 304 
PHE HZ   H  N N 305 
PHE HXT  H  N N 306 
PRO N    N  N N 307 
PRO CA   C  N S 308 
PRO C    C  N N 309 
PRO O    O  N N 310 
PRO CB   C  N N 311 
PRO CG   C  N N 312 
PRO CD   C  N N 313 
PRO OXT  O  N N 314 
PRO H    H  N N 315 
PRO HA   H  N N 316 
PRO HB2  H  N N 317 
PRO HB3  H  N N 318 
PRO HG2  H  N N 319 
PRO HG3  H  N N 320 
PRO HD2  H  N N 321 
PRO HD3  H  N N 322 
PRO HXT  H  N N 323 
SER N    N  N N 324 
SER CA   C  N S 325 
SER C    C  N N 326 
SER O    O  N N 327 
SER CB   C  N N 328 
SER OG   O  N N 329 
SER OXT  O  N N 330 
SER H    H  N N 331 
SER H2   H  N N 332 
SER HA   H  N N 333 
SER HB2  H  N N 334 
SER HB3  H  N N 335 
SER HG   H  N N 336 
SER HXT  H  N N 337 
THR N    N  N N 338 
THR CA   C  N S 339 
THR C    C  N N 340 
THR O    O  N N 341 
THR CB   C  N R 342 
THR OG1  O  N N 343 
THR CG2  C  N N 344 
THR OXT  O  N N 345 
THR H    H  N N 346 
THR H2   H  N N 347 
THR HA   H  N N 348 
THR HB   H  N N 349 
THR HG1  H  N N 350 
THR HG21 H  N N 351 
THR HG22 H  N N 352 
THR HG23 H  N N 353 
THR HXT  H  N N 354 
TRP N    N  N N 355 
TRP CA   C  N S 356 
TRP C    C  N N 357 
TRP O    O  N N 358 
TRP CB   C  N N 359 
TRP CG   C  Y N 360 
TRP CD1  C  Y N 361 
TRP CD2  C  Y N 362 
TRP NE1  N  Y N 363 
TRP CE2  C  Y N 364 
TRP CE3  C  Y N 365 
TRP CZ2  C  Y N 366 
TRP CZ3  C  Y N 367 
TRP CH2  C  Y N 368 
TRP OXT  O  N N 369 
TRP H    H  N N 370 
TRP H2   H  N N 371 
TRP HA   H  N N 372 
TRP HB2  H  N N 373 
TRP HB3  H  N N 374 
TRP HD1  H  N N 375 
TRP HE1  H  N N 376 
TRP HE3  H  N N 377 
TRP HZ2  H  N N 378 
TRP HZ3  H  N N 379 
TRP HH2  H  N N 380 
TRP HXT  H  N N 381 
TYR N    N  N N 382 
TYR CA   C  N S 383 
TYR C    C  N N 384 
TYR O    O  N N 385 
TYR CB   C  N N 386 
TYR CG   C  Y N 387 
TYR CD1  C  Y N 388 
TYR CD2  C  Y N 389 
TYR CE1  C  Y N 390 
TYR CE2  C  Y N 391 
TYR CZ   C  Y N 392 
TYR OH   O  N N 393 
TYR OXT  O  N N 394 
TYR H    H  N N 395 
TYR H2   H  N N 396 
TYR HA   H  N N 397 
TYR HB2  H  N N 398 
TYR HB3  H  N N 399 
TYR HD1  H  N N 400 
TYR HD2  H  N N 401 
TYR HE1  H  N N 402 
TYR HE2  H  N N 403 
TYR HH   H  N N 404 
TYR HXT  H  N N 405 
VAL N    N  N N 406 
VAL CA   C  N S 407 
VAL C    C  N N 408 
VAL O    O  N N 409 
VAL CB   C  N N 410 
VAL CG1  C  N N 411 
VAL CG2  C  N N 412 
VAL OXT  O  N N 413 
VAL H    H  N N 414 
VAL H2   H  N N 415 
VAL HA   H  N N 416 
VAL HB   H  N N 417 
VAL HG11 H  N N 418 
VAL HG12 H  N N 419 
VAL HG13 H  N N 420 
VAL HG21 H  N N 421 
VAL HG22 H  N N 422 
VAL HG23 H  N N 423 
VAL HXT  H  N N 424 
ZN  ZN   ZN N N 425 
# 
loop_
_chem_comp_bond.comp_id 
_chem_comp_bond.atom_id_1 
_chem_comp_bond.atom_id_2 
_chem_comp_bond.value_order 
_chem_comp_bond.pdbx_aromatic_flag 
_chem_comp_bond.pdbx_stereo_config 
_chem_comp_bond.pdbx_ordinal 
ALA N   CA   sing N N 1   
ALA N   H    sing N N 2   
ALA N   H2   sing N N 3   
ALA CA  C    sing N N 4   
ALA CA  CB   sing N N 5   
ALA CA  HA   sing N N 6   
ALA C   O    doub N N 7   
ALA C   OXT  sing N N 8   
ALA CB  HB1  sing N N 9   
ALA CB  HB2  sing N N 10  
ALA CB  HB3  sing N N 11  
ALA OXT HXT  sing N N 12  
ARG N   CA   sing N N 13  
ARG N   H    sing N N 14  
ARG N   H2   sing N N 15  
ARG CA  C    sing N N 16  
ARG CA  CB   sing N N 17  
ARG CA  HA   sing N N 18  
ARG C   O    doub N N 19  
ARG C   OXT  sing N N 20  
ARG CB  CG   sing N N 21  
ARG CB  HB2  sing N N 22  
ARG CB  HB3  sing N N 23  
ARG CG  CD   sing N N 24  
ARG CG  HG2  sing N N 25  
ARG CG  HG3  sing N N 26  
ARG CD  NE   sing N N 27  
ARG CD  HD2  sing N N 28  
ARG CD  HD3  sing N N 29  
ARG NE  CZ   sing N N 30  
ARG NE  HE   sing N N 31  
ARG CZ  NH1  sing N N 32  
ARG CZ  NH2  doub N N 33  
ARG NH1 HH11 sing N N 34  
ARG NH1 HH12 sing N N 35  
ARG NH2 HH21 sing N N 36  
ARG NH2 HH22 sing N N 37  
ARG OXT HXT  sing N N 38  
ASN N   CA   sing N N 39  
ASN N   H    sing N N 40  
ASN N   H2   sing N N 41  
ASN CA  C    sing N N 42  
ASN CA  CB   sing N N 43  
ASN CA  HA   sing N N 44  
ASN C   O    doub N N 45  
ASN C   OXT  sing N N 46  
ASN CB  CG   sing N N 47  
ASN CB  HB2  sing N N 48  
ASN CB  HB3  sing N N 49  
ASN CG  OD1  doub N N 50  
ASN CG  ND2  sing N N 51  
ASN ND2 HD21 sing N N 52  
ASN ND2 HD22 sing N N 53  
ASN OXT HXT  sing N N 54  
ASP N   CA   sing N N 55  
ASP N   H    sing N N 56  
ASP N   H2   sing N N 57  
ASP CA  C    sing N N 58  
ASP CA  CB   sing N N 59  
ASP CA  HA   sing N N 60  
ASP C   O    doub N N 61  
ASP C   OXT  sing N N 62  
ASP CB  CG   sing N N 63  
ASP CB  HB2  sing N N 64  
ASP CB  HB3  sing N N 65  
ASP CG  OD1  doub N N 66  
ASP CG  OD2  sing N N 67  
ASP OD2 HD2  sing N N 68  
ASP OXT HXT  sing N N 69  
CYS N   CA   sing N N 70  
CYS N   H    sing N N 71  
CYS N   H2   sing N N 72  
CYS CA  C    sing N N 73  
CYS CA  CB   sing N N 74  
CYS CA  HA   sing N N 75  
CYS C   O    doub N N 76  
CYS C   OXT  sing N N 77  
CYS CB  SG   sing N N 78  
CYS CB  HB2  sing N N 79  
CYS CB  HB3  sing N N 80  
CYS SG  HG   sing N N 81  
CYS OXT HXT  sing N N 82  
GLN N   CA   sing N N 83  
GLN N   H    sing N N 84  
GLN N   H2   sing N N 85  
GLN CA  C    sing N N 86  
GLN CA  CB   sing N N 87  
GLN CA  HA   sing N N 88  
GLN C   O    doub N N 89  
GLN C   OXT  sing N N 90  
GLN CB  CG   sing N N 91  
GLN CB  HB2  sing N N 92  
GLN CB  HB3  sing N N 93  
GLN CG  CD   sing N N 94  
GLN CG  HG2  sing N N 95  
GLN CG  HG3  sing N N 96  
GLN CD  OE1  doub N N 97  
GLN CD  NE2  sing N N 98  
GLN NE2 HE21 sing N N 99  
GLN NE2 HE22 sing N N 100 
GLN OXT HXT  sing N N 101 
GLU N   CA   sing N N 102 
GLU N   H    sing N N 103 
GLU N   H2   sing N N 104 
GLU CA  C    sing N N 105 
GLU CA  CB   sing N N 106 
GLU CA  HA   sing N N 107 
GLU C   O    doub N N 108 
GLU C   OXT  sing N N 109 
GLU CB  CG   sing N N 110 
GLU CB  HB2  sing N N 111 
GLU CB  HB3  sing N N 112 
GLU CG  CD   sing N N 113 
GLU CG  HG2  sing N N 114 
GLU CG  HG3  sing N N 115 
GLU CD  OE1  doub N N 116 
GLU CD  OE2  sing N N 117 
GLU OE2 HE2  sing N N 118 
GLU OXT HXT  sing N N 119 
GLY N   CA   sing N N 120 
GLY N   H    sing N N 121 
GLY N   H2   sing N N 122 
GLY CA  C    sing N N 123 
GLY CA  HA2  sing N N 124 
GLY CA  HA3  sing N N 125 
GLY C   O    doub N N 126 
GLY C   OXT  sing N N 127 
GLY OXT HXT  sing N N 128 
HIS N   CA   sing N N 129 
HIS N   H    sing N N 130 
HIS N   H2   sing N N 131 
HIS CA  C    sing N N 132 
HIS CA  CB   sing N N 133 
HIS CA  HA   sing N N 134 
HIS C   O    doub N N 135 
HIS C   OXT  sing N N 136 
HIS CB  CG   sing N N 137 
HIS CB  HB2  sing N N 138 
HIS CB  HB3  sing N N 139 
HIS CG  ND1  sing Y N 140 
HIS CG  CD2  doub Y N 141 
HIS ND1 CE1  doub Y N 142 
HIS ND1 HD1  sing N N 143 
HIS CD2 NE2  sing Y N 144 
HIS CD2 HD2  sing N N 145 
HIS CE1 NE2  sing Y N 146 
HIS CE1 HE1  sing N N 147 
HIS NE2 HE2  sing N N 148 
HIS OXT HXT  sing N N 149 
HOH O   H1   sing N N 150 
HOH O   H2   sing N N 151 
ILE N   CA   sing N N 152 
ILE N   H    sing N N 153 
ILE N   H2   sing N N 154 
ILE CA  C    sing N N 155 
ILE CA  CB   sing N N 156 
ILE CA  HA   sing N N 157 
ILE C   O    doub N N 158 
ILE C   OXT  sing N N 159 
ILE CB  CG1  sing N N 160 
ILE CB  CG2  sing N N 161 
ILE CB  HB   sing N N 162 
ILE CG1 CD1  sing N N 163 
ILE CG1 HG12 sing N N 164 
ILE CG1 HG13 sing N N 165 
ILE CG2 HG21 sing N N 166 
ILE CG2 HG22 sing N N 167 
ILE CG2 HG23 sing N N 168 
ILE CD1 HD11 sing N N 169 
ILE CD1 HD12 sing N N 170 
ILE CD1 HD13 sing N N 171 
ILE OXT HXT  sing N N 172 
LEU N   CA   sing N N 173 
LEU N   H    sing N N 174 
LEU N   H2   sing N N 175 
LEU CA  C    sing N N 176 
LEU CA  CB   sing N N 177 
LEU CA  HA   sing N N 178 
LEU C   O    doub N N 179 
LEU C   OXT  sing N N 180 
LEU CB  CG   sing N N 181 
LEU CB  HB2  sing N N 182 
LEU CB  HB3  sing N N 183 
LEU CG  CD1  sing N N 184 
LEU CG  CD2  sing N N 185 
LEU CG  HG   sing N N 186 
LEU CD1 HD11 sing N N 187 
LEU CD1 HD12 sing N N 188 
LEU CD1 HD13 sing N N 189 
LEU CD2 HD21 sing N N 190 
LEU CD2 HD22 sing N N 191 
LEU CD2 HD23 sing N N 192 
LEU OXT HXT  sing N N 193 
LYS N   CA   sing N N 194 
LYS N   H    sing N N 195 
LYS N   H2   sing N N 196 
LYS CA  C    sing N N 197 
LYS CA  CB   sing N N 198 
LYS CA  HA   sing N N 199 
LYS C   O    doub N N 200 
LYS C   OXT  sing N N 201 
LYS CB  CG   sing N N 202 
LYS CB  HB2  sing N N 203 
LYS CB  HB3  sing N N 204 
LYS CG  CD   sing N N 205 
LYS CG  HG2  sing N N 206 
LYS CG  HG3  sing N N 207 
LYS CD  CE   sing N N 208 
LYS CD  HD2  sing N N 209 
LYS CD  HD3  sing N N 210 
LYS CE  NZ   sing N N 211 
LYS CE  HE2  sing N N 212 
LYS CE  HE3  sing N N 213 
LYS NZ  HZ1  sing N N 214 
LYS NZ  HZ2  sing N N 215 
LYS NZ  HZ3  sing N N 216 
LYS OXT HXT  sing N N 217 
M3L N   CA   sing N N 218 
M3L N   H    sing N N 219 
M3L N   H2   sing N N 220 
M3L CA  CB   sing N N 221 
M3L CA  C    sing N N 222 
M3L CA  HA   sing N N 223 
M3L CB  CG   sing N N 224 
M3L CB  HB2  sing N N 225 
M3L CB  HB3  sing N N 226 
M3L CG  CD   sing N N 227 
M3L CG  HG2  sing N N 228 
M3L CG  HG3  sing N N 229 
M3L CD  CE   sing N N 230 
M3L CD  HD2  sing N N 231 
M3L CD  HD3  sing N N 232 
M3L CE  NZ   sing N N 233 
M3L CE  HE2  sing N N 234 
M3L CE  HE3  sing N N 235 
M3L NZ  CM1  sing N N 236 
M3L NZ  CM2  sing N N 237 
M3L NZ  CM3  sing N N 238 
M3L C   O    doub N N 239 
M3L C   OXT  sing N N 240 
M3L OXT HXT  sing N N 241 
M3L CM1 HM11 sing N N 242 
M3L CM1 HM12 sing N N 243 
M3L CM1 HM13 sing N N 244 
M3L CM2 HM21 sing N N 245 
M3L CM2 HM22 sing N N 246 
M3L CM2 HM23 sing N N 247 
M3L CM3 HM31 sing N N 248 
M3L CM3 HM32 sing N N 249 
M3L CM3 HM33 sing N N 250 
MET N   CA   sing N N 251 
MET N   H    sing N N 252 
MET N   H2   sing N N 253 
MET CA  C    sing N N 254 
MET CA  CB   sing N N 255 
MET CA  HA   sing N N 256 
MET C   O    doub N N 257 
MET C   OXT  sing N N 258 
MET CB  CG   sing N N 259 
MET CB  HB2  sing N N 260 
MET CB  HB3  sing N N 261 
MET CG  SD   sing N N 262 
MET CG  HG2  sing N N 263 
MET CG  HG3  sing N N 264 
MET SD  CE   sing N N 265 
MET CE  HE1  sing N N 266 
MET CE  HE2  sing N N 267 
MET CE  HE3  sing N N 268 
MET OXT HXT  sing N N 269 
PHE N   CA   sing N N 270 
PHE N   H    sing N N 271 
PHE N   H2   sing N N 272 
PHE CA  C    sing N N 273 
PHE CA  CB   sing N N 274 
PHE CA  HA   sing N N 275 
PHE C   O    doub N N 276 
PHE C   OXT  sing N N 277 
PHE CB  CG   sing N N 278 
PHE CB  HB2  sing N N 279 
PHE CB  HB3  sing N N 280 
PHE CG  CD1  doub Y N 281 
PHE CG  CD2  sing Y N 282 
PHE CD1 CE1  sing Y N 283 
PHE CD1 HD1  sing N N 284 
PHE CD2 CE2  doub Y N 285 
PHE CD2 HD2  sing N N 286 
PHE CE1 CZ   doub Y N 287 
PHE CE1 HE1  sing N N 288 
PHE CE2 CZ   sing Y N 289 
PHE CE2 HE2  sing N N 290 
PHE CZ  HZ   sing N N 291 
PHE OXT HXT  sing N N 292 
PRO N   CA   sing N N 293 
PRO N   CD   sing N N 294 
PRO N   H    sing N N 295 
PRO CA  C    sing N N 296 
PRO CA  CB   sing N N 297 
PRO CA  HA   sing N N 298 
PRO C   O    doub N N 299 
PRO C   OXT  sing N N 300 
PRO CB  CG   sing N N 301 
PRO CB  HB2  sing N N 302 
PRO CB  HB3  sing N N 303 
PRO CG  CD   sing N N 304 
PRO CG  HG2  sing N N 305 
PRO CG  HG3  sing N N 306 
PRO CD  HD2  sing N N 307 
PRO CD  HD3  sing N N 308 
PRO OXT HXT  sing N N 309 
SER N   CA   sing N N 310 
SER N   H    sing N N 311 
SER N   H2   sing N N 312 
SER CA  C    sing N N 313 
SER CA  CB   sing N N 314 
SER CA  HA   sing N N 315 
SER C   O    doub N N 316 
SER C   OXT  sing N N 317 
SER CB  OG   sing N N 318 
SER CB  HB2  sing N N 319 
SER CB  HB3  sing N N 320 
SER OG  HG   sing N N 321 
SER OXT HXT  sing N N 322 
THR N   CA   sing N N 323 
THR N   H    sing N N 324 
THR N   H2   sing N N 325 
THR CA  C    sing N N 326 
THR CA  CB   sing N N 327 
THR CA  HA   sing N N 328 
THR C   O    doub N N 329 
THR C   OXT  sing N N 330 
THR CB  OG1  sing N N 331 
THR CB  CG2  sing N N 332 
THR CB  HB   sing N N 333 
THR OG1 HG1  sing N N 334 
THR CG2 HG21 sing N N 335 
THR CG2 HG22 sing N N 336 
THR CG2 HG23 sing N N 337 
THR OXT HXT  sing N N 338 
TRP N   CA   sing N N 339 
TRP N   H    sing N N 340 
TRP N   H2   sing N N 341 
TRP CA  C    sing N N 342 
TRP CA  CB   sing N N 343 
TRP CA  HA   sing N N 344 
TRP C   O    doub N N 345 
TRP C   OXT  sing N N 346 
TRP CB  CG   sing N N 347 
TRP CB  HB2  sing N N 348 
TRP CB  HB3  sing N N 349 
TRP CG  CD1  doub Y N 350 
TRP CG  CD2  sing Y N 351 
TRP CD1 NE1  sing Y N 352 
TRP CD1 HD1  sing N N 353 
TRP CD2 CE2  doub Y N 354 
TRP CD2 CE3  sing Y N 355 
TRP NE1 CE2  sing Y N 356 
TRP NE1 HE1  sing N N 357 
TRP CE2 CZ2  sing Y N 358 
TRP CE3 CZ3  doub Y N 359 
TRP CE3 HE3  sing N N 360 
TRP CZ2 CH2  doub Y N 361 
TRP CZ2 HZ2  sing N N 362 
TRP CZ3 CH2  sing Y N 363 
TRP CZ3 HZ3  sing N N 364 
TRP CH2 HH2  sing N N 365 
TRP OXT HXT  sing N N 366 
TYR N   CA   sing N N 367 
TYR N   H    sing N N 368 
TYR N   H2   sing N N 369 
TYR CA  C    sing N N 370 
TYR CA  CB   sing N N 371 
TYR CA  HA   sing N N 372 
TYR C   O    doub N N 373 
TYR C   OXT  sing N N 374 
TYR CB  CG   sing N N 375 
TYR CB  HB2  sing N N 376 
TYR CB  HB3  sing N N 377 
TYR CG  CD1  doub Y N 378 
TYR CG  CD2  sing Y N 379 
TYR CD1 CE1  sing Y N 380 
TYR CD1 HD1  sing N N 381 
TYR CD2 CE2  doub Y N 382 
TYR CD2 HD2  sing N N 383 
TYR CE1 CZ   doub Y N 384 
TYR CE1 HE1  sing N N 385 
TYR CE2 CZ   sing Y N 386 
TYR CE2 HE2  sing N N 387 
TYR CZ  OH   sing N N 388 
TYR OH  HH   sing N N 389 
TYR OXT HXT  sing N N 390 
VAL N   CA   sing N N 391 
VAL N   H    sing N N 392 
VAL N   H2   sing N N 393 
VAL CA  C    sing N N 394 
VAL CA  CB   sing N N 395 
VAL CA  HA   sing N N 396 
VAL C   O    doub N N 397 
VAL C   OXT  sing N N 398 
VAL CB  CG1  sing N N 399 
VAL CB  CG2  sing N N 400 
VAL CB  HB   sing N N 401 
VAL CG1 HG11 sing N N 402 
VAL CG1 HG12 sing N N 403 
VAL CG1 HG13 sing N N 404 
VAL CG2 HG21 sing N N 405 
VAL CG2 HG22 sing N N 406 
VAL CG2 HG23 sing N N 407 
VAL OXT HXT  sing N N 408 
# 
_pdbx_audit_support.funding_organization   'National Natural Science Foundation of China (NSFC)' 
_pdbx_audit_support.country                China 
_pdbx_audit_support.grant_number           32325008 
_pdbx_audit_support.ordinal                1 
# 
_pdbx_initial_refinement_model.id               1 
_pdbx_initial_refinement_model.entity_id_list   ? 
_pdbx_initial_refinement_model.type             'experimental model' 
_pdbx_initial_refinement_model.source_name      PDB 
_pdbx_initial_refinement_model.accession_code   9M4R 
_pdbx_initial_refinement_model.details          ? 
# 
_atom_sites.entry_id                    9M4S 
_atom_sites.Cartn_transf_matrix[1][1]   ? 
_atom_sites.Cartn_transf_matrix[1][2]   ? 
_atom_sites.Cartn_transf_matrix[1][3]   ? 
_atom_sites.Cartn_transf_matrix[2][1]   ? 
_atom_sites.Cartn_transf_matrix[2][2]   ? 
_atom_sites.Cartn_transf_matrix[2][3]   ? 
_atom_sites.Cartn_transf_matrix[3][1]   ? 
_atom_sites.Cartn_transf_matrix[3][2]   ? 
_atom_sites.Cartn_transf_matrix[3][3]   ? 
_atom_sites.Cartn_transf_vector[1]      ? 
_atom_sites.Cartn_transf_vector[2]      ? 
_atom_sites.Cartn_transf_vector[3]      ? 
_atom_sites.Cartn_transform_axes        ? 
_atom_sites.fract_transf_matrix[1][1]   0.00784797 
_atom_sites.fract_transf_matrix[1][2]   -0.01411460 
_atom_sites.fract_transf_matrix[1][3]   0.01605958 
_atom_sites.fract_transf_matrix[2][1]   -0.00705537 
_atom_sites.fract_transf_matrix[2][2]   0.00221181 
_atom_sites.fract_transf_matrix[2][3]   0.02154242 
_atom_sites.fract_transf_matrix[3][1]   -0.01368436 
_atom_sites.fract_transf_matrix[3][2]   -0.01137883 
_atom_sites.fract_transf_matrix[3][3]   -0.00331348 
_atom_sites.fract_transf_vector[1]      0.292063 
_atom_sites.fract_transf_vector[2]      0.436870 
_atom_sites.fract_transf_vector[3]      0.266849 
_atom_sites.solution_primary            ? 
_atom_sites.solution_secondary          ? 
_atom_sites.solution_hydrogens          ? 
_atom_sites.special_details             ? 
# 
loop_
_atom_type.symbol 
C  
N  
O  
S  
ZN 
# 
loop_
_atom_site.group_PDB 
_atom_site.id 
_atom_site.type_symbol 
_atom_site.label_atom_id 
_atom_site.label_alt_id 
_atom_site.label_comp_id 
_atom_site.label_asym_id 
_atom_site.label_entity_id 
_atom_site.label_seq_id 
_atom_site.pdbx_PDB_ins_code 
_atom_site.Cartn_x 
_atom_site.Cartn_y 
_atom_site.Cartn_z 
_atom_site.occupancy 
_atom_site.B_iso_or_equiv 
_atom_site.pdbx_formal_charge 
_atom_site.auth_seq_id 
_atom_site.auth_comp_id 
_atom_site.auth_asym_id 
_atom_site.auth_atom_id 
_atom_site.pdbx_PDB_model_num 
ATOM   1   N  N   . ILE A 1 13 ? 2.410   -10.655 16.339  1.00 48.30 ? 201 ILE A N   1 
ATOM   2   C  CA  . ILE A 1 13 ? 1.881   -10.842 14.994  1.00 47.84 ? 201 ILE A CA  1 
ATOM   3   C  C   . ILE A 1 13 ? 1.297   -12.261 14.833  1.00 47.66 ? 201 ILE A C   1 
ATOM   4   O  O   . ILE A 1 13 ? 2.026   -13.258 14.874  1.00 50.63 ? 201 ILE A O   1 
ATOM   5   C  CB  . ILE A 1 13 ? 2.972   -10.586 13.901  1.00 50.11 ? 201 ILE A CB  1 
ATOM   6   C  CG1 . ILE A 1 13 ? 3.717   -9.272  14.161  1.00 47.97 ? 201 ILE A CG1 1 
ATOM   7   C  CG2 . ILE A 1 13 ? 2.376   -10.596 12.502  1.00 52.79 ? 201 ILE A CG2 1 
ATOM   8   C  CD1 . ILE A 1 13 ? 2.861   -8.056  14.156  1.00 49.54 ? 201 ILE A CD1 1 
ATOM   9   N  N   . ASP A 1 14 ? -0.024  -12.311 14.639  1.00 46.17 ? 202 ASP A N   1 
ATOM   10  C  CA  . ASP A 1 14 ? -0.692  -13.617 14.395  1.00 47.95 ? 202 ASP A CA  1 
ATOM   11  C  C   . ASP A 1 14 ? -0.335  -14.065 12.977  1.00 47.19 ? 202 ASP A C   1 
ATOM   12  O  O   . ASP A 1 14 ? -0.413  -13.235 12.045  1.00 44.72 ? 202 ASP A O   1 
ATOM   13  C  CB  . ASP A 1 14 ? -2.193  -13.525 14.618  1.00 51.00 ? 202 ASP A CB  1 
ATOM   14  C  CG  . ASP A 1 14 ? -2.921  -14.857 14.729  1.00 58.92 ? 202 ASP A CG  1 
ATOM   15  O  OD1 . ASP A 1 14 ? -3.220  -15.450 13.672  1.00 58.63 ? 202 ASP A OD1 1 
ATOM   16  O  OD2 . ASP A 1 14 ? -3.178  -15.291 15.871  1.00 68.41 ? 202 ASP A OD2 1 
ATOM   17  N  N   . PRO A 1 15 ? 0.050   -15.341 12.776  1.00 49.50 ? 203 PRO A N   1 
ATOM   18  C  CA  . PRO A 1 15 ? 0.445   -15.848 11.453  1.00 49.37 ? 203 PRO A CA  1 
ATOM   19  C  C   . PRO A 1 15 ? -0.682  -15.759 10.415  1.00 47.96 ? 203 PRO A C   1 
ATOM   20  O  O   . PRO A 1 15 ? -0.400  -15.769 9.213   1.00 47.10 ? 203 PRO A O   1 
ATOM   21  C  CB  . PRO A 1 15 ? 0.814   -17.308 11.746  1.00 52.88 ? 203 PRO A CB  1 
ATOM   22  C  CG  . PRO A 1 15 ? 0.011   -17.658 12.975  1.00 54.65 ? 203 PRO A CG  1 
ATOM   23  C  CD  . PRO A 1 15 ? 0.050   -16.402 13.803  1.00 52.75 ? 203 PRO A CD  1 
ATOM   24  N  N   . ASN A 1 16 ? -1.932  -15.668 10.875  1.00 47.95 ? 204 ASN A N   1 
ATOM   25  C  CA  . ASN A 1 16 ? -3.099  -15.509 9.983   1.00 46.75 ? 204 ASN A CA  1 
ATOM   26  C  C   . ASN A 1 16 ? -3.321  -14.089 9.484   1.00 43.20 ? 204 ASN A C   1 
ATOM   27  O  O   . ASN A 1 16 ? -4.132  -13.852 8.566   1.00 41.76 ? 204 ASN A O   1 
ATOM   28  C  CB  . ASN A 1 16 ? -4.390  -15.971 10.713  1.00 48.37 ? 204 ASN A CB  1 
ATOM   29  C  CG  . ASN A 1 16 ? -4.619  -17.478 10.661  1.00 52.99 ? 204 ASN A CG  1 
ATOM   30  O  OD1 . ASN A 1 16 ? -4.496  -18.177 11.650  1.00 54.64 ? 204 ASN A OD1 1 
ATOM   31  N  ND2 . ASN A 1 16 ? -4.999  -17.968 9.491   1.00 53.87 ? 204 ASN A ND2 1 
ATOM   32  N  N   . GLU A 1 17 ? -2.638  -13.106 10.085  1.00 42.04 ? 205 GLU A N   1 
ATOM   33  C  CA  . GLU A 1 17 ? -2.833  -11.751 9.656   1.00 39.24 ? 205 GLU A CA  1 
ATOM   34  C  C   . GLU A 1 17 ? -2.231  -11.595 8.273   1.00 38.15 ? 205 GLU A C   1 
ATOM   35  O  O   . GLU A 1 17 ? -1.081  -11.962 8.046   1.00 38.80 ? 205 GLU A O   1 
ATOM   36  C  CB  . GLU A 1 17 ? -2.213  -10.756 10.600  1.00 38.79 ? 205 GLU A CB  1 
ATOM   37  C  CG  . GLU A 1 17 ? -2.393  -9.369  10.009  1.00 37.20 ? 205 GLU A CG  1 
ATOM   38  C  CD  . GLU A 1 17 ? -2.442  -8.267  11.019  1.00 39.22 ? 205 GLU A CD  1 
ATOM   39  O  OE1 . GLU A 1 17 ? -2.088  -8.497  12.191  1.00 46.00 ? 205 GLU A OE1 1 
ATOM   40  O  OE2 . GLU A 1 17 ? -2.860  -7.160  10.611  1.00 36.70 ? 205 GLU A OE2 1 
ATOM   41  N  N   . PRO A 1 18 ? -3.040  -11.135 7.329   1.00 32.82 ? 206 PRO A N   1 
ATOM   42  C  CA  . PRO A 1 18 ? -2.499  -10.998 5.978   1.00 25.57 ? 206 PRO A CA  1 
ATOM   43  C  C   . PRO A 1 18 ? -1.294  -10.061 5.899   1.00 26.92 ? 206 PRO A C   1 
ATOM   44  O  O   . PRO A 1 18 ? -1.201  -9.028  6.607   1.00 24.92 ? 206 PRO A O   1 
ATOM   45  C  CB  . PRO A 1 18 ? -3.647  -10.373 5.181   1.00 32.82 ? 206 PRO A CB  1 
ATOM   46  C  CG  . PRO A 1 18 ? -4.825  -10.524 5.977   1.00 37.66 ? 206 PRO A CG  1 
ATOM   47  C  CD  . PRO A 1 18 ? -4.471  -10.799 7.401   1.00 37.43 ? 206 PRO A CD  1 
ATOM   48  N  N   . THR A 1 19 ? -0.400  -10.365 4.960   1.00 23.46 ? 207 THR A N   1 
ATOM   49  C  CA  . THR A 1 19 ? 0.675   -9.447  4.625   1.00 21.16 ? 207 THR A CA  1 
ATOM   50  C  C   . THR A 1 19 ? 0.402   -8.733  3.302   1.00 20.82 ? 207 THR A C   1 
ATOM   51  O  O   . THR A 1 19 ? -0.444  -9.132  2.493   1.00 22.47 ? 207 THR A O   1 
ATOM   52  C  CB  . THR A 1 19 ? 2.027   -10.147 4.547   1.00 21.56 ? 207 THR A CB  1 
ATOM   53  O  OG1 . THR A 1 19 ? 1.957   -11.232 3.609   1.00 25.26 ? 207 THR A OG1 1 
ATOM   54  C  CG2 . THR A 1 19 ? 2.385   -10.694 5.961   1.00 26.12 ? 207 THR A CG2 1 
ATOM   55  N  N   . TYR A 1 20 ? 1.153   -7.650  3.147   1.00 20.29 ? 208 TYR A N   1 
ATOM   56  C  CA  . TYR A 1 20 ? 0.898   -6.667  2.108   1.00 17.77 ? 208 TYR A CA  1 
ATOM   57  C  C   . TYR A 1 20 ? 2.185   -6.117  1.552   1.00 18.75 ? 208 TYR A C   1 
ATOM   58  O  O   . TYR A 1 20 ? 3.257   -6.420  2.038   1.00 19.00 ? 208 TYR A O   1 
ATOM   59  C  CB  . TYR A 1 20 ? 0.109   -5.491  2.711   1.00 17.60 ? 208 TYR A CB  1 
ATOM   60  C  CG  . TYR A 1 20 ? -1.302  -5.880  3.026   1.00 19.52 ? 208 TYR A CG  1 
ATOM   61  C  CD1 . TYR A 1 20 ? -2.252  -5.936  2.019   1.00 19.18 ? 208 TYR A CD1 1 
ATOM   62  C  CD2 . TYR A 1 20 ? -1.700  -6.176  4.335   1.00 19.92 ? 208 TYR A CD2 1 
ATOM   63  C  CE1 . TYR A 1 20 ? -3.560  -6.322  2.286   1.00 22.35 ? 208 TYR A CE1 1 
ATOM   64  C  CE2 . TYR A 1 20 ? -3.031  -6.563  4.598   1.00 22.29 ? 208 TYR A CE2 1 
ATOM   65  C  CZ  . TYR A 1 20 ? -3.945  -6.602  3.569   1.00 24.53 ? 208 TYR A CZ  1 
ATOM   66  O  OH  . TYR A 1 20 ? -5.284  -6.966  3.783   1.00 26.82 ? 208 TYR A OH  1 
ATOM   67  N  N   . CYS A 1 21 ? 2.038   -5.255  0.541   1.00 15.57 ? 209 CYS A N   1 
ATOM   68  C  CA  . CYS A 1 21 ? 3.091   -4.322  0.150   1.00 16.67 ? 209 CYS A CA  1 
ATOM   69  C  C   . CYS A 1 21 ? 4.226   -5.004  -0.604  1.00 16.49 ? 209 CYS A C   1 
ATOM   70  O  O   . CYS A 1 21 ? 4.287   -6.213  -0.780  1.00 19.33 ? 209 CYS A O   1 
ATOM   71  C  CB  . CYS A 1 21 ? 3.606   -3.567  1.417   1.00 17.38 ? 209 CYS A CB  1 
ATOM   72  S  SG  . CYS A 1 21 ? 4.660   -2.080  1.073   1.00 18.61 ? 209 CYS A SG  1 
ATOM   73  N  N   . VAL A 1 22 ? 5.156   -4.179  -1.080  1.00 15.43 ? 210 VAL A N   1 
ATOM   74  C  CA  . VAL A 1 22 ? 6.426   -4.659  -1.593  1.00 20.85 ? 210 VAL A CA  1 
ATOM   75  C  C   . VAL A 1 22 ? 7.169   -5.498  -0.546  1.00 18.81 ? 210 VAL A C   1 
ATOM   76  O  O   . VAL A 1 22 ? 7.841   -6.496  -0.865  1.00 21.79 ? 210 VAL A O   1 
ATOM   77  C  CB  . VAL A 1 22 ? 7.331   -3.479  -1.965  1.00 24.82 ? 210 VAL A CB  1 
ATOM   78  C  CG1 . VAL A 1 22 ? 8.668   -3.952  -2.475  1.00 26.22 ? 210 VAL A CG1 1 
ATOM   79  C  CG2 . VAL A 1 22 ? 6.608   -2.591  -3.037  1.00 24.49 ? 210 VAL A CG2 1 
ATOM   80  N  N   . CYS A 1 23 ? 7.024   -5.081  0.724   1.00 19.55 ? 211 CYS A N   1 
ATOM   81  C  CA  . CYS A 1 23 ? 7.884   -5.693  1.752   1.00 18.69 ? 211 CYS A CA  1 
ATOM   82  C  C   . CYS A 1 23 ? 7.353   -7.013  2.320   1.00 20.29 ? 211 CYS A C   1 
ATOM   83  O  O   . CYS A 1 23 ? 8.097   -7.710  3.035   1.00 22.69 ? 211 CYS A O   1 
ATOM   84  C  CB  . CYS A 1 23 ? 8.066   -4.719  2.905   1.00 18.75 ? 211 CYS A CB  1 
ATOM   85  S  SG  . CYS A 1 23 ? 6.480   -4.294  3.750   1.00 19.87 ? 211 CYS A SG  1 
ATOM   86  N  N   . HIS A 1 24 ? 6.109   -7.366  1.979   1.00 20.49 ? 212 HIS A N   1 
ATOM   87  C  CA  . HIS A 1 24 ? 5.492   -8.618  2.441   1.00 20.63 ? 212 HIS A CA  1 
ATOM   88  C  C   . HIS A 1 24 ? 5.319   -8.674  3.951   1.00 21.48 ? 212 HIS A C   1 
ATOM   89  O  O   . HIS A 1 24 ? 5.539   -9.724  4.578   1.00 25.53 ? 212 HIS A O   1 
ATOM   90  C  CB  . HIS A 1 24 ? 6.286   -9.860  1.980   1.00 20.67 ? 212 HIS A CB  1 
ATOM   91  C  CG  . HIS A 1 24 ? 6.516   -9.947  0.486   1.00 20.14 ? 212 HIS A CG  1 
ATOM   92  N  ND1 . HIS A 1 24 ? 7.326   -10.913 -0.058  1.00 22.91 ? 212 HIS A ND1 1 
ATOM   93  C  CD2 . HIS A 1 24 ? 6.077   -9.194  -0.558  1.00 26.07 ? 212 HIS A CD2 1 
ATOM   94  C  CE1 . HIS A 1 24 ? 7.346   -10.783 -1.376  1.00 28.40 ? 212 HIS A CE1 1 
ATOM   95  N  NE2 . HIS A 1 24 ? 6.580   -9.764  -1.703  1.00 22.14 ? 212 HIS A NE2 1 
ATOM   96  N  N   . GLN A 1 25 ? 4.917   -7.541  4.522   1.00 20.13 ? 213 GLN A N   1 
ATOM   97  C  CA  . GLN A 1 25 ? 4.722   -7.462  5.966   1.00 20.20 ? 213 GLN A CA  1 
ATOM   98  C  C   . GLN A 1 25 ? 3.272   -7.093  6.290   1.00 22.79 ? 213 GLN A C   1 
ATOM   99  O  O   . GLN A 1 25 ? 2.544   -6.628  5.416   1.00 21.46 ? 213 GLN A O   1 
ATOM   100 C  CB  . GLN A 1 25 ? 5.669   -6.446  6.584   1.00 22.46 ? 213 GLN A CB  1 
ATOM   101 C  CG  . GLN A 1 25 ? 7.168   -6.801  6.477   1.00 22.98 ? 213 GLN A CG  1 
ATOM   102 C  CD  . GLN A 1 25 ? 8.020   -5.755  7.155   1.00 29.01 ? 213 GLN A CD  1 
ATOM   103 O  OE1 . GLN A 1 25 ? 8.138   -4.626  6.680   1.00 37.61 ? 213 GLN A OE1 1 
ATOM   104 N  NE2 . GLN A 1 25 ? 8.592   -6.110  8.276   1.00 36.22 ? 213 GLN A NE2 1 
ATOM   105 N  N   . VAL A 1 26 ? 2.887   -7.302  7.557   1.00 24.46 ? 214 VAL A N   1 
ATOM   106 C  CA  . VAL A 1 26 ? 1.533   -6.965  7.976   1.00 23.51 ? 214 VAL A CA  1 
ATOM   107 C  C   . VAL A 1 26 ? 1.308   -5.459  7.917   1.00 22.30 ? 214 VAL A C   1 
ATOM   108 O  O   . VAL A 1 26 ? 2.246   -4.652  7.797   1.00 21.95 ? 214 VAL A O   1 
ATOM   109 C  CB  . VAL A 1 26 ? 1.223   -7.465  9.394   1.00 24.57 ? 214 VAL A CB  1 
ATOM   110 C  CG1 . VAL A 1 26 ? 1.237   -8.998  9.436   1.00 29.48 ? 214 VAL A CG1 1 
ATOM   111 C  CG2 . VAL A 1 26 ? 2.232   -6.922  10.420  1.00 26.92 ? 214 VAL A CG2 1 
ATOM   112 N  N   . SER A 1 27 ? 0.055   -5.084  8.057   1.00 23.05 ? 215 SER A N   1 
ATOM   113 C  CA  . SER A 1 27 ? -0.308  -3.675  8.143   1.00 20.33 ? 215 SER A CA  1 
ATOM   114 C  C   . SER A 1 27 ? 0.358   -2.943  9.294   1.00 22.78 ? 215 SER A C   1 
ATOM   115 O  O   . SER A 1 27 ? 0.434   -3.451  10.407  1.00 26.44 ? 215 SER A O   1 
ATOM   116 C  CB  . SER A 1 27 ? -1.818  -3.550  8.333   1.00 25.02 ? 215 SER A CB  1 
ATOM   117 O  OG  . SER A 1 27 ? -2.505  -4.123  7.229   1.00 24.42 ? 215 SER A OG  1 
ATOM   118 N  N   . PHE A 1 28 ? 0.783   -1.712  8.986   1.00 25.08 ? 216 PHE A N   1 
ATOM   119 C  CA  . PHE A 1 28 ? 1.248   -0.813  10.042  1.00 23.51 ? 216 PHE A CA  1 
ATOM   120 C  C   . PHE A 1 28 ? 1.285   0.590   9.448   1.00 23.18 ? 216 PHE A C   1 
ATOM   121 O  O   . PHE A 1 28 ? 1.351   0.757   8.231   1.00 20.84 ? 216 PHE A O   1 
ATOM   122 C  CB  . PHE A 1 28 ? 2.628   -1.223  10.609  1.00 24.03 ? 216 PHE A CB  1 
ATOM   123 C  CG  . PHE A 1 28 ? 3.773   -1.174  9.630   1.00 29.42 ? 216 PHE A CG  1 
ATOM   124 C  CD1 . PHE A 1 28 ? 4.401   0.030   9.328   1.00 31.51 ? 216 PHE A CD1 1 
ATOM   125 C  CD2 . PHE A 1 28 ? 4.279   -2.337  9.056   1.00 26.39 ? 216 PHE A CD2 1 
ATOM   126 C  CE1 . PHE A 1 28 ? 5.464   0.078   8.463   1.00 28.64 ? 216 PHE A CE1 1 
ATOM   127 C  CE2 . PHE A 1 28 ? 5.360   -2.270  8.187   1.00 24.91 ? 216 PHE A CE2 1 
ATOM   128 C  CZ  . PHE A 1 28 ? 5.936   -1.072  7.891   1.00 28.40 ? 216 PHE A CZ  1 
ATOM   129 N  N   . GLY A 1 29 ? 1.126   1.585   10.306  1.00 25.23 ? 217 GLY A N   1 
ATOM   130 C  CA  . GLY A 1 29 ? 1.244   2.957   9.841   1.00 23.04 ? 217 GLY A CA  1 
ATOM   131 C  C   . GLY A 1 29 ? 0.210   3.367   8.821   1.00 22.60 ? 217 GLY A C   1 
ATOM   132 O  O   . GLY A 1 29 ? -0.894  2.801   8.707   1.00 24.49 ? 217 GLY A O   1 
ATOM   133 N  N   . ASP A 1 30 ? 0.581   4.356   8.035   1.00 20.32 ? 218 ASP A N   1 
ATOM   134 C  CA  . ASP A 1 30 ? -0.276  4.794   6.970   1.00 19.99 ? 218 ASP A CA  1 
ATOM   135 C  C   . ASP A 1 30 ? -0.060  3.896   5.748   1.00 19.84 ? 218 ASP A C   1 
ATOM   136 O  O   . ASP A 1 30 ? 1.109   3.569   5.433   1.00 18.49 ? 218 ASP A O   1 
ATOM   137 C  CB  . ASP A 1 30 ? 0.079   6.227   6.566   1.00 23.48 ? 218 ASP A CB  1 
ATOM   138 C  CG  . ASP A 1 30 ? -0.095  7.193   7.669   1.00 26.84 ? 218 ASP A CG  1 
ATOM   139 O  OD1 . ASP A 1 30 ? -1.228  7.288   8.121   1.00 31.85 ? 218 ASP A OD1 1 
ATOM   140 O  OD2 . ASP A 1 30 ? 0.893   7.816   8.121   1.00 32.91 ? 218 ASP A OD2 1 
ATOM   141 N  N   . MET A 1 31 ? -1.140  3.487   5.081   1.00 15.52 ? 219 MET A N   1 
ATOM   142 C  CA  . MET A 1 31 ? -1.028  2.644   3.883   1.00 15.92 ? 219 MET A CA  1 
ATOM   143 C  C   . MET A 1 31 ? -1.877  3.180   2.764   1.00 19.36 ? 219 MET A C   1 
ATOM   144 O  O   . MET A 1 31 ? -2.942  3.735   3.007   1.00 19.68 ? 219 MET A O   1 
ATOM   145 C  CB  . MET A 1 31 ? -1.438  1.201   4.220   1.00 18.45 ? 219 MET A CB  1 
ATOM   146 C  CG  . MET A 1 31 ? -0.548  0.629   5.317   1.00 20.05 ? 219 MET A CG  1 
ATOM   147 S  SD  . MET A 1 31 ? -0.965  -1.088  5.695   1.00 20.07 ? 219 MET A SD  1 
ATOM   148 C  CE  . MET A 1 31 ? -0.194  -1.929  4.297   1.00 20.09 ? 219 MET A CE  1 
ATOM   149 N  N   . ILE A 1 32 ? -1.418  2.942   1.537   1.00 15.79 ? 220 ILE A N   1 
ATOM   150 C  CA  . ILE A 1 32 ? -2.137  3.399   0.368   1.00 15.57 ? 220 ILE A CA  1 
ATOM   151 C  C   . ILE A 1 32 ? -2.482  2.192   -0.500  1.00 18.10 ? 220 ILE A C   1 
ATOM   152 O  O   . ILE A 1 32 ? -1.681  1.249   -0.625  1.00 17.79 ? 220 ILE A O   1 
ATOM   153 C  CB  . ILE A 1 32 ? -1.304  4.446   -0.427  1.00 14.88 ? 220 ILE A CB  1 
ATOM   154 C  CG1 . ILE A 1 32 ? -2.099  4.927   -1.635  1.00 19.40 ? 220 ILE A CG1 1 
ATOM   155 C  CG2 . ILE A 1 32 ? 0.069   3.850   -0.917  1.00 18.79 ? 220 ILE A CG2 1 
ATOM   156 C  CD1 . ILE A 1 32 ? -1.463  6.256   -2.159  1.00 16.53 ? 220 ILE A CD1 1 
ATOM   157 N  N   . ALA A 1 33 ? -3.679  2.216   -1.074  1.00 15.76 ? 221 ALA A N   1 
ATOM   158 C  CA  . ALA A 1 33 ? -4.114  1.135   -1.967  1.00 14.39 ? 221 ALA A CA  1 
ATOM   159 C  C   . ALA A 1 33 ? -3.757  1.431   -3.414  1.00 17.45 ? 221 ALA A C   1 
ATOM   160 O  O   . ALA A 1 33 ? -3.947  2.554   -3.908  1.00 19.60 ? 221 ALA A O   1 
ATOM   161 C  CB  . ALA A 1 33 ? -5.629  0.967   -1.821  1.00 15.39 ? 221 ALA A CB  1 
ATOM   162 N  N   . CYS A 1 34 ? -3.237  0.439   -4.097  1.00 17.42 ? 222 CYS A N   1 
ATOM   163 C  CA  . CYS A 1 34 ? -3.061  0.553   -5.525  1.00 17.05 ? 222 CYS A CA  1 
ATOM   164 C  C   . CYS A 1 34 ? -4.457  0.715   -6.204  1.00 14.27 ? 222 CYS A C   1 
ATOM   165 O  O   . CYS A 1 34 ? -5.422  0.028   -5.845  1.00 16.48 ? 222 CYS A O   1 
ATOM   166 C  CB  . CYS A 1 34 ? -2.360  -0.702  -6.062  1.00 14.58 ? 222 CYS A CB  1 
ATOM   167 S  SG  . CYS A 1 34 ? -2.017  -0.604  -7.842  1.00 18.01 ? 222 CYS A SG  1 
ATOM   168 N  N   . ASP A 1 35 ? -4.532  1.658   -7.164  1.00 16.18 ? 223 ASP A N   1 
ATOM   169 C  CA  . ASP A 1 35 ? -5.794  1.915   -7.853  1.00 15.77 ? 223 ASP A CA  1 
ATOM   170 C  C   . ASP A 1 35 ? -6.268  0.682   -8.647  1.00 16.96 ? 223 ASP A C   1 
ATOM   171 O  O   . ASP A 1 35 ? -7.465  0.594   -8.941  1.00 16.80 ? 223 ASP A O   1 
ATOM   172 C  CB  . ASP A 1 35 ? -5.676  3.088   -8.840  1.00 17.33 ? 223 ASP A CB  1 
ATOM   173 C  CG  . ASP A 1 35 ? -5.640  4.459   -8.184  1.00 19.06 ? 223 ASP A CG  1 
ATOM   174 O  OD1 . ASP A 1 35 ? -6.065  4.625   -7.025  1.00 19.54 ? 223 ASP A OD1 1 
ATOM   175 O  OD2 . ASP A 1 35 ? -5.259  5.418   -8.893  1.00 20.95 ? 223 ASP A OD2 1 
ATOM   176 N  N   . ASN A 1 36 ? -5.357  -0.222  -9.046  1.00 16.21 ? 224 ASN A N   1 
ATOM   177 C  CA  . ASN A 1 36 ? -5.751  -1.380  -9.821  1.00 18.01 ? 224 ASN A CA  1 
ATOM   178 C  C   . ASN A 1 36 ? -6.445  -2.439  -8.954  1.00 15.09 ? 224 ASN A C   1 
ATOM   179 O  O   . ASN A 1 36 ? -5.830  -2.994  -8.011  1.00 17.39 ? 224 ASN A O   1 
ATOM   180 C  CB  . ASN A 1 36 ? -4.491  -1.950  -10.466 1.00 16.93 ? 224 ASN A CB  1 
ATOM   181 C  CG  . ASN A 1 36 ? -4.748  -3.159  -11.296 1.00 17.99 ? 224 ASN A CG  1 
ATOM   182 O  OD1 . ASN A 1 36 ? -5.876  -3.484  -11.680 1.00 19.07 ? 224 ASN A OD1 1 
ATOM   183 N  ND2 . ASN A 1 36 ? -3.629  -3.868  -11.628 1.00 19.55 ? 224 ASN A ND2 1 
ATOM   184 N  N   . GLU A 1 37 ? -7.748  -2.691  -9.190  1.00 16.26 ? 225 GLU A N   1 
ATOM   185 C  CA  . GLU A 1 37 ? -8.425  -3.741  -8.417  1.00 16.41 ? 225 GLU A CA  1 
ATOM   186 C  C   . GLU A 1 37 ? -7.767  -5.113  -8.509  1.00 20.19 ? 225 GLU A C   1 
ATOM   187 O  O   . GLU A 1 37 ? -7.960  -5.950  -7.641  1.00 21.94 ? 225 GLU A O   1 
ATOM   188 C  CB  . GLU A 1 37 ? -9.864  -3.932  -8.832  1.00 19.58 ? 225 GLU A CB  1 
ATOM   189 C  CG  . GLU A 1 37 ? -10.741 -2.700  -8.594  1.00 21.91 ? 225 GLU A CG  1 
ATOM   190 C  CD  . GLU A 1 37 ? -11.096 -2.443  -7.133  1.00 28.69 ? 225 GLU A CD  1 
ATOM   191 O  OE1 . GLU A 1 37 ? -10.781 -3.283  -6.229  1.00 28.31 ? 225 GLU A OE1 1 
ATOM   192 O  OE2 . GLU A 1 37 ? -11.742 -1.381  -6.917  1.00 25.30 ? 225 GLU A OE2 1 
ATOM   193 N  N   . ASN A 1 38 ? -7.033  -5.335  -9.606  1.00 18.89 ? 226 ASN A N   1 
ATOM   194 C  CA  . ASN A 1 38 ? -6.399  -6.624  -9.868  1.00 19.73 ? 226 ASN A CA  1 
ATOM   195 C  C   . ASN A 1 38 ? -4.908  -6.592  -9.567  1.00 17.97 ? 226 ASN A C   1 
ATOM   196 O  O   . ASN A 1 38 ? -4.162  -7.444  -10.061 1.00 21.05 ? 226 ASN A O   1 
ATOM   197 C  CB  . ASN A 1 38 ? -6.639  -7.008  -11.337 1.00 18.51 ? 226 ASN A CB  1 
ATOM   198 C  CG  . ASN A 1 38 ? -8.084  -7.059  -11.683 1.00 22.46 ? 226 ASN A CG  1 
ATOM   199 O  OD1 . ASN A 1 38 ? -8.534  -6.478  -12.703 1.00 23.26 ? 226 ASN A OD1 1 
ATOM   200 N  ND2 . ASN A 1 38 ? -8.846  -7.781  -10.876 1.00 23.22 ? 226 ASN A ND2 1 
ATOM   201 N  N   . CYS A 1 39 ? -4.517  -5.671  -8.715  1.00 18.51 ? 227 CYS A N   1 
ATOM   202 C  CA  . CYS A 1 39 ? -3.113  -5.488  -8.308  1.00 16.02 ? 227 CYS A CA  1 
ATOM   203 C  C   . CYS A 1 39 ? -2.466  -6.808  -7.874  1.00 17.66 ? 227 CYS A C   1 
ATOM   204 O  O   . CYS A 1 39 ? -3.029  -7.526  -7.029  1.00 20.56 ? 227 CYS A O   1 
ATOM   205 C  CB  . CYS A 1 39 ? -3.047  -4.491  -7.157  1.00 17.55 ? 227 CYS A CB  1 
ATOM   206 S  SG  . CYS A 1 39 ? -1.376  -4.204  -6.572  1.00 17.68 ? 227 CYS A SG  1 
ATOM   207 N  N   . GLN A 1 40 ? -1.336  -7.151  -8.502  1.00 17.31 ? 228 GLN A N   1 
ATOM   208 C  CA  . GLN A 1 40 ? -0.538  -8.303  -8.103  1.00 22.80 ? 228 GLN A CA  1 
ATOM   209 C  C   . GLN A 1 40 ? 0.733   -7.862  -7.410  1.00 20.36 ? 228 GLN A C   1 
ATOM   210 O  O   . GLN A 1 40 ? 1.625   -8.706  -7.241  1.00 22.47 ? 228 GLN A O   1 
ATOM   211 C  CB  . GLN A 1 40 ? -0.172  -9.141  -9.333  1.00 23.31 ? 228 GLN A CB  1 
ATOM   212 C  CG  . GLN A 1 40 ? -1.379  -9.551  -10.094 1.00 29.62 ? 228 GLN A CG  1 
ATOM   213 C  CD  . GLN A 1 40 ? -2.228  -10.415 -9.242  1.00 39.85 ? 228 GLN A CD  1 
ATOM   214 O  OE1 . GLN A 1 40 ? -1.725  -11.355 -8.627  1.00 44.93 ? 228 GLN A OE1 1 
ATOM   215 N  NE2 . GLN A 1 40 ? -3.513  -10.110 -9.158  1.00 42.19 ? 228 GLN A NE2 1 
ATOM   216 N  N   . GLY A 1 41 ? 0.822   -6.589  -7.076  1.00 19.38 ? 229 GLY A N   1 
ATOM   217 C  CA  . GLY A 1 41 ? 2.002   -6.042  -6.413  1.00 18.97 ? 229 GLY A CA  1 
ATOM   218 C  C   . GLY A 1 41 ? 1.971   -5.957  -4.910  1.00 19.45 ? 229 GLY A C   1 
ATOM   219 O  O   . GLY A 1 41 ? 3.004   -5.564  -4.312  1.00 23.49 ? 229 GLY A O   1 
ATOM   220 N  N   . GLY A 1 42 ? 0.841   -6.299  -4.292  1.00 22.26 ? 230 GLY A N   1 
ATOM   221 C  CA  . GLY A 1 42 ? 0.711   -6.330  -2.831  1.00 21.21 ? 230 GLY A CA  1 
ATOM   222 C  C   . GLY A 1 42 ? -0.503  -5.604  -2.291  1.00 18.85 ? 230 GLY A C   1 
ATOM   223 O  O   . GLY A 1 42 ? -0.724  -5.608  -1.050  1.00 20.04 ? 230 GLY A O   1 
ATOM   224 N  N   . GLU A 1 43 ? -1.277  -5.013  -3.209  1.00 18.26 ? 231 GLU A N   1 
ATOM   225 C  CA  . GLU A 1 43 ? -2.606  -4.407  -2.935  1.00 16.17 ? 231 GLU A CA  1 
ATOM   226 C  C   . GLU A 1 43 ? -2.565  -3.124  -2.094  1.00 16.86 ? 231 GLU A C   1 
ATOM   227 O  O   . GLU A 1 43 ? -3.135  -2.102  -2.546  1.00 17.82 ? 231 GLU A O   1 
ATOM   228 C  CB  . GLU A 1 43 ? -3.583  -5.435  -2.280  1.00 17.45 ? 231 GLU A CB  1 
ATOM   229 C  CG  . GLU A 1 43 ? -5.000  -4.914  -2.154  1.00 26.20 ? 231 GLU A CG  1 
ATOM   230 C  CD  . GLU A 1 43 ? -5.929  -5.901  -1.493  1.00 47.27 ? 231 GLU A CD  1 
ATOM   231 O  OE1 . GLU A 1 43 ? -5.467  -6.716  -0.646  1.00 47.62 ? 231 GLU A OE1 1 
ATOM   232 O  OE2 . GLU A 1 43 ? -7.134  -5.880  -1.858  1.00 53.89 ? 231 GLU A OE2 1 
ATOM   233 N  N   . TRP A 1 44 ? -1.971  -3.194  -0.896  1.00 17.43 ? 232 TRP A N   1 
ATOM   234 C  CA  . TRP A 1 44 ? -1.860  -2.040  -0.006  1.00 16.04 ? 232 TRP A CA  1 
ATOM   235 C  C   . TRP A 1 44 ? -0.393  -1.870  0.317   1.00 20.46 ? 232 TRP A C   1 
ATOM   236 O  O   . TRP A 1 44 ? 0.341   -2.887  0.418   1.00 19.48 ? 232 TRP A O   1 
ATOM   237 C  CB  . TRP A 1 44 ? -2.647  -2.234  1.286   1.00 17.47 ? 232 TRP A CB  1 
ATOM   238 C  CG  . TRP A 1 44 ? -4.114  -2.104  1.151   1.00 18.34 ? 232 TRP A CG  1 
ATOM   239 C  CD1 . TRP A 1 44 ? -5.011  -3.100  0.854   1.00 19.03 ? 232 TRP A CD1 1 
ATOM   240 C  CD2 . TRP A 1 44 ? -4.884  -0.925  1.365   1.00 16.95 ? 232 TRP A CD2 1 
ATOM   241 N  NE1 . TRP A 1 44 ? -6.288  -2.604  0.833   1.00 21.02 ? 232 TRP A NE1 1 
ATOM   242 C  CE2 . TRP A 1 44 ? -6.241  -1.264  1.148   1.00 19.39 ? 232 TRP A CE2 1 
ATOM   243 C  CE3 . TRP A 1 44 ? -4.565  0.414   1.693   1.00 17.35 ? 232 TRP A CE3 1 
ATOM   244 C  CZ2 . TRP A 1 44 ? -7.275  -0.338  1.290   1.00 20.19 ? 232 TRP A CZ2 1 
ATOM   245 C  CZ3 . TRP A 1 44 ? -5.625  1.323   1.818   1.00 20.63 ? 232 TRP A CZ3 1 
ATOM   246 C  CH2 . TRP A 1 44 ? -6.944  0.940   1.637   1.00 19.53 ? 232 TRP A CH2 1 
ATOM   247 N  N   . PHE A 1 45 ? 0.032   -0.619  0.561   1.00 17.06 ? 233 PHE A N   1 
ATOM   248 C  CA  . PHE A 1 45 ? 1.479   -0.306  0.608   1.00 14.24 ? 233 PHE A CA  1 
ATOM   249 C  C   . PHE A 1 45 ? 1.771   0.616   1.748   1.00 17.45 ? 233 PHE A C   1 
ATOM   250 O  O   . PHE A 1 45 ? 1.098   1.600   1.930   1.00 19.90 ? 233 PHE A O   1 
ATOM   251 C  CB  . PHE A 1 45 ? 1.948   0.295   -0.753  1.00 15.59 ? 233 PHE A CB  1 
ATOM   252 C  CG  . PHE A 1 45 ? 1.784   -0.688  -1.855  1.00 14.21 ? 233 PHE A CG  1 
ATOM   253 C  CD1 . PHE A 1 45 ? 2.844   -1.538  -2.221  1.00 17.82 ? 233 PHE A CD1 1 
ATOM   254 C  CD2 . PHE A 1 45 ? 0.538   -0.877  -2.441  1.00 15.45 ? 233 PHE A CD2 1 
ATOM   255 C  CE1 . PHE A 1 45 ? 2.671   -2.490  -3.183  1.00 18.72 ? 233 PHE A CE1 1 
ATOM   256 C  CE2 . PHE A 1 45 ? 0.379   -1.893  -3.421  1.00 15.72 ? 233 PHE A CE2 1 
ATOM   257 C  CZ  . PHE A 1 45 ? 1.459   -2.682  -3.761  1.00 19.84 ? 233 PHE A CZ  1 
ATOM   258 N  N   . HIS A 1 46 ? 2.780   0.290   2.541   1.00 17.12 ? 234 HIS A N   1 
ATOM   259 C  CA  . HIS A 1 46 ? 3.155   1.201   3.615   1.00 15.75 ? 234 HIS A CA  1 
ATOM   260 C  C   . HIS A 1 46 ? 3.712   2.470   3.016   1.00 16.50 ? 234 HIS A C   1 
ATOM   261 O  O   . HIS A 1 46 ? 4.543   2.391   2.111   1.00 19.10 ? 234 HIS A O   1 
ATOM   262 C  CB  . HIS A 1 46 ? 4.231   0.551   4.499   1.00 18.13 ? 234 HIS A CB  1 
ATOM   263 C  CG  . HIS A 1 46 ? 3.833   -0.793  5.031   1.00 22.03 ? 234 HIS A CG  1 
ATOM   264 N  ND1 . HIS A 1 46 ? 4.301   -1.974  4.476   1.00 22.33 ? 234 HIS A ND1 1 
ATOM   265 C  CD2 . HIS A 1 46 ? 2.943   -1.146  5.988   1.00 18.82 ? 234 HIS A CD2 1 
ATOM   266 C  CE1 . HIS A 1 46 ? 3.742   -2.997  5.110   1.00 22.40 ? 234 HIS A CE1 1 
ATOM   267 N  NE2 . HIS A 1 46 ? 2.938   -2.524  6.051   1.00 19.99 ? 234 HIS A NE2 1 
ATOM   268 N  N   . TYR A 1 47 ? 3.294   3.640   3.536   1.00 17.81 ? 235 TYR A N   1 
ATOM   269 C  CA  . TYR A 1 47 ? 3.814   4.882   2.967   1.00 16.37 ? 235 TYR A CA  1 
ATOM   270 C  C   . TYR A 1 47 ? 5.329   4.885   2.842   1.00 17.57 ? 235 TYR A C   1 
ATOM   271 O  O   . TYR A 1 47 ? 5.845   5.335   1.827   1.00 21.56 ? 235 TYR A O   1 
ATOM   272 C  CB  . TYR A 1 47 ? 3.398   6.086   3.814   1.00 19.97 ? 235 TYR A CB  1 
ATOM   273 C  CG  . TYR A 1 47 ? 2.049   6.661   3.515   1.00 19.40 ? 235 TYR A CG  1 
ATOM   274 C  CD1 . TYR A 1 47 ? 1.004   5.874   3.032   1.00 19.33 ? 235 TYR A CD1 1 
ATOM   275 C  CD2 . TYR A 1 47 ? 1.799   7.995   3.788   1.00 20.64 ? 235 TYR A CD2 1 
ATOM   276 C  CE1 . TYR A 1 47 ? -0.262  6.451   2.791   1.00 22.87 ? 235 TYR A CE1 1 
ATOM   277 C  CE2 . TYR A 1 47 ? 0.554   8.573   3.530   1.00 23.07 ? 235 TYR A CE2 1 
ATOM   278 C  CZ  . TYR A 1 47 ? -0.452  7.788   3.047   1.00 22.57 ? 235 TYR A CZ  1 
ATOM   279 O  OH  . TYR A 1 47 ? -1.701  8.345   2.810   1.00 21.66 ? 235 TYR A OH  1 
ATOM   280 N  N   . THR A 1 48 ? 6.051   4.427   3.876   1.00 17.39 ? 236 THR A N   1 
ATOM   281 C  CA  . THR A 1 48 ? 7.503   4.547   3.812   1.00 18.71 ? 236 THR A CA  1 
ATOM   282 C  C   . THR A 1 48 ? 8.090   3.660   2.682   1.00 23.39 ? 236 THR A C   1 
ATOM   283 O  O   . THR A 1 48 ? 9.060   4.090   2.026   1.00 24.68 ? 236 THR A O   1 
ATOM   284 C  CB  . THR A 1 48 ? 8.096   4.272   5.168   1.00 25.97 ? 236 THR A CB  1 
ATOM   285 O  OG1 . THR A 1 48 ? 7.734   5.373   6.009   1.00 33.98 ? 236 THR A OG1 1 
ATOM   286 C  CG2 . THR A 1 48 ? 9.622   4.205   5.090   1.00 32.95 ? 236 THR A CG2 1 
ATOM   287 N  N   . CYS A 1 49 ? 7.495   2.514   2.408   1.00 19.07 ? 237 CYS A N   1 
ATOM   288 C  CA  . CYS A 1 49 ? 8.003   1.635   1.378   1.00 18.10 ? 237 CYS A CA  1 
ATOM   289 C  C   . CYS A 1 49 ? 7.831   2.230   -0.017  1.00 20.12 ? 237 CYS A C   1 
ATOM   290 O  O   . CYS A 1 49 ? 8.573   1.863   -0.935  1.00 22.07 ? 237 CYS A O   1 
ATOM   291 C  CB  . CYS A 1 49 ? 7.277   0.297   1.429   1.00 21.52 ? 237 CYS A CB  1 
ATOM   292 S  SG  . CYS A 1 49 ? 7.563   -0.596  2.946   1.00 21.24 ? 237 CYS A SG  1 
ATOM   293 N  N   . VAL A 1 50 ? 6.908   3.185   -0.148  1.00 18.97 ? 238 VAL A N   1 
ATOM   294 C  CA  . VAL A 1 50 ? 6.606   3.704   -1.481  1.00 18.83 ? 238 VAL A CA  1 
ATOM   295 C  C   . VAL A 1 50 ? 6.854   5.208   -1.570  1.00 20.32 ? 238 VAL A C   1 
ATOM   296 O  O   . VAL A 1 50 ? 6.442   5.854   -2.546  1.00 24.21 ? 238 VAL A O   1 
ATOM   297 C  CB  . VAL A 1 50 ? 5.178   3.357   -1.927  1.00 17.20 ? 238 VAL A CB  1 
ATOM   298 C  CG1 . VAL A 1 50 ? 5.082   1.857   -2.178  1.00 18.83 ? 238 VAL A CG1 1 
ATOM   299 C  CG2 . VAL A 1 50 ? 4.079   3.846   -0.962  1.00 18.57 ? 238 VAL A CG2 1 
ATOM   300 N  N   . GLY A 1 51 ? 7.612   5.765   -0.612  1.00 19.93 ? 239 GLY A N   1 
ATOM   301 C  CA  . GLY A 1 51 ? 8.085   7.139   -0.767  1.00 21.89 ? 239 GLY A CA  1 
ATOM   302 C  C   . GLY A 1 51 ? 7.055   8.231   -0.444  1.00 21.34 ? 239 GLY A C   1 
ATOM   303 O  O   . GLY A 1 51 ? 7.241   9.396   -0.864  1.00 23.92 ? 239 GLY A O   1 
ATOM   304 N  N   . LEU A 1 52 ? 6.010   7.884   0.310   1.00 18.87 ? 240 LEU A N   1 
ATOM   305 C  CA  . LEU A 1 52 ? 4.983   8.866   0.675   1.00 19.37 ? 240 LEU A CA  1 
ATOM   306 C  C   . LEU A 1 52 ? 5.223   9.400   2.081   1.00 22.58 ? 240 LEU A C   1 
ATOM   307 O  O   . LEU A 1 52 ? 5.787   8.737   2.924   1.00 21.92 ? 240 LEU A O   1 
ATOM   308 C  CB  . LEU A 1 52 ? 3.600   8.266   0.577   1.00 21.26 ? 240 LEU A CB  1 
ATOM   309 C  CG  . LEU A 1 52 ? 3.221   7.831   -0.841  1.00 24.39 ? 240 LEU A CG  1 
ATOM   310 C  CD1 . LEU A 1 52 ? 1.808   7.274   -0.784  1.00 27.04 ? 240 LEU A CD1 1 
ATOM   311 C  CD2 . LEU A 1 52 ? 3.312   8.987   -1.797  1.00 25.78 ? 240 LEU A CD2 1 
ATOM   312 N  N   . THR A 1 53 ? 4.862   10.666  2.295   1.00 22.92 ? 241 THR A N   1 
ATOM   313 C  CA  . THR A 1 53 ? 5.031   11.318  3.589   1.00 22.79 ? 241 THR A CA  1 
ATOM   314 C  C   . THR A 1 53 ? 3.989   10.815  4.595   1.00 22.14 ? 241 THR A C   1 
ATOM   315 O  O   . THR A 1 53 ? 2.813   10.981  4.393   1.00 21.89 ? 241 THR A O   1 
ATOM   316 C  CB  . THR A 1 53 ? 4.878   12.843  3.433   1.00 25.18 ? 241 THR A CB  1 
ATOM   317 O  OG1 . THR A 1 53 ? 5.810   13.340  2.445   1.00 28.97 ? 241 THR A OG1 1 
ATOM   318 C  CG2 . THR A 1 53 ? 5.093   13.554  4.767   1.00 28.02 ? 241 THR A CG2 1 
ATOM   319 N  N   . PRO A 1 54 ? 4.422   10.216  5.707   1.00 22.43 ? 242 PRO A N   1 
ATOM   320 C  CA  . PRO A 1 54 ? 3.478   9.808   6.751   1.00 23.61 ? 242 PRO A CA  1 
ATOM   321 C  C   . PRO A 1 54 ? 2.541   10.930  7.213   1.00 25.07 ? 242 PRO A C   1 
ATOM   322 O  O   . PRO A 1 54 ? 2.873   12.133  7.262   1.00 25.16 ? 242 PRO A O   1 
ATOM   323 C  CB  . PRO A 1 54 ? 4.394   9.367   7.901   1.00 28.24 ? 242 PRO A CB  1 
ATOM   324 C  CG  . PRO A 1 54 ? 5.619   8.876   7.171   1.00 29.45 ? 242 PRO A CG  1 
ATOM   325 C  CD  . PRO A 1 54 ? 5.809   9.838   6.030   1.00 24.77 ? 242 PRO A CD  1 
ATOM   326 N  N   . GLU A 1 55 ? 1.305   10.504  7.497   1.00 22.59 ? 243 GLU A N   1 
ATOM   327 C  CA  . GLU A 1 55 ? 0.259   11.361  8.032   1.00 26.18 ? 243 GLU A CA  1 
ATOM   328 C  C   . GLU A 1 55 ? -0.119  12.419  7.020   1.00 21.38 ? 243 GLU A C   1 
ATOM   329 O  O   . GLU A 1 55 ? -0.345  13.553  7.364   1.00 23.41 ? 243 GLU A O   1 
ATOM   330 C  CB  . GLU A 1 55 ? 0.622   11.997  9.384   1.00 33.00 ? 243 GLU A CB  1 
ATOM   331 C  CG  . GLU A 1 55 ? -0.648  12.385  10.143  1.00 42.96 ? 243 GLU A CG  1 
ATOM   332 C  CD  . GLU A 1 55 ? -0.406  12.935  11.534  1.00 46.99 ? 243 GLU A CD  1 
ATOM   333 O  OE1 . GLU A 1 55 ? 0.666   12.659  12.110  1.00 44.64 ? 243 GLU A OE1 1 
ATOM   334 O  OE2 . GLU A 1 55 ? -1.311  13.637  12.033  1.00 46.91 ? 243 GLU A OE2 1 
ATOM   335 N  N   . THR A 1 56 ? -0.199  11.999  5.777   1.00 24.51 ? 244 THR A N   1 
ATOM   336 C  CA  . THR A 1 56 ? -0.741  12.833  4.696   1.00 25.24 ? 244 THR A CA  1 
ATOM   337 C  C   . THR A 1 56 ? -1.747  12.026  3.918   1.00 27.18 ? 244 THR A C   1 
ATOM   338 O  O   . THR A 1 56 ? -1.749  10.772  3.951   1.00 27.44 ? 244 THR A O   1 
ATOM   339 C  CB  . THR A 1 56 ? 0.336   13.365  3.763   1.00 23.17 ? 244 THR A CB  1 
ATOM   340 O  OG1 . THR A 1 56 ? 0.969   12.287  3.037   1.00 23.45 ? 244 THR A OG1 1 
ATOM   341 C  CG2 . THR A 1 56 ? 1.415   14.129  4.578   1.00 25.80 ? 244 THR A CG2 1 
ATOM   342 N  N   . ARG A 1 57 ? -2.659  12.734  3.257   1.00 25.36 ? 245 ARG A N   1 
ATOM   343 C  CA  . ARG A 1 57 ? -3.604  12.058  2.389   1.00 25.18 ? 245 ARG A CA  1 
ATOM   344 C  C   . ARG A 1 57 ? -3.039  12.013  0.994   1.00 23.12 ? 245 ARG A C   1 
ATOM   345 O  O   . ARG A 1 57 ? -2.081  12.702  0.691   1.00 25.16 ? 245 ARG A O   1 
ATOM   346 C  CB  . ARG A 1 57 ? -4.957  12.784  2.400   1.00 32.34 ? 245 ARG A CB  1 
ATOM   347 C  CG  . ARG A 1 57 ? -5.495  13.111  3.803   1.00 40.27 ? 245 ARG A CG  1 
ATOM   348 C  CD  . ARG A 1 57 ? -6.067  11.846  4.490   1.00 50.72 ? 245 ARG A CD  1 
ATOM   349 N  NE  . ARG A 1 57 ? -7.299  12.111  5.248   1.00 61.84 ? 245 ARG A NE  1 
ATOM   350 C  CZ  . ARG A 1 57 ? -7.454  11.894  6.558   1.00 69.98 ? 245 ARG A CZ  1 
ATOM   351 N  NH1 . ARG A 1 57 ? -6.456  11.405  7.288   1.00 73.20 ? 245 ARG A NH1 1 
ATOM   352 N  NH2 . ARG A 1 57 ? -8.611  12.168  7.147   1.00 74.86 ? 245 ARG A NH2 1 
ATOM   353 N  N   . PHE A 1 58 ? -3.669  11.206  0.141   1.00 23.05 ? 246 PHE A N   1 
ATOM   354 C  CA  . PHE A 1 58 ? -3.292  11.141  -1.250  1.00 21.45 ? 246 PHE A CA  1 
ATOM   355 C  C   . PHE A 1 58 ? -4.546  11.080  -2.118  1.00 21.89 ? 246 PHE A C   1 
ATOM   356 O  O   . PHE A 1 58 ? -5.137  10.010  -2.306  1.00 23.04 ? 246 PHE A O   1 
ATOM   357 C  CB  . PHE A 1 58 ? -2.393  9.919   -1.482  1.00 23.67 ? 246 PHE A CB  1 
ATOM   358 C  CG  . PHE A 1 58 ? -1.607  9.999   -2.767  1.00 25.21 ? 246 PHE A CG  1 
ATOM   359 C  CD1 . PHE A 1 58 ? -2.234  9.702   -3.990  1.00 22.76 ? 246 PHE A CD1 1 
ATOM   360 C  CD2 . PHE A 1 58 ? -0.257  10.316  -2.764  1.00 28.36 ? 246 PHE A CD2 1 
ATOM   361 C  CE1 . PHE A 1 58 ? -1.517  9.791   -5.171  1.00 24.06 ? 246 PHE A CE1 1 
ATOM   362 C  CE2 . PHE A 1 58 ? 0.453   10.365  -3.943  1.00 34.26 ? 246 PHE A CE2 1 
ATOM   363 C  CZ  . PHE A 1 58 ? -0.183  10.082  -5.148  1.00 25.93 ? 246 PHE A CZ  1 
ATOM   364 N  N   . LYS A 1 59 ? -4.995  12.255  -2.567  1.00 22.31 ? 247 LYS A N   1 
ATOM   365 C  CA  . LYS A 1 59 ? -6.310  12.347  -3.146  1.00 23.36 ? 247 LYS A CA  1 
ATOM   366 C  C   . LYS A 1 59 ? -6.419  11.830  -4.591  1.00 24.87 ? 247 LYS A C   1 
ATOM   367 O  O   . LYS A 1 59 ? -7.486  11.361  -4.987  1.00 27.01 ? 247 LYS A O   1 
ATOM   368 C  CB  . LYS A 1 59 ? -6.787  13.786  -3.041  1.00 28.95 ? 247 LYS A CB  1 
ATOM   369 C  CG  . LYS A 1 59 ? -7.323  14.115  -1.645  1.00 40.56 ? 247 LYS A CG  1 
ATOM   370 C  CD  . LYS A 1 59 ? -7.453  15.612  -1.445  1.00 52.41 ? 247 LYS A CD  1 
ATOM   371 C  CE  . LYS A 1 59 ? -7.646  16.269  -2.803  1.00 57.08 ? 247 LYS A CE  1 
ATOM   372 N  NZ  . LYS A 1 59 ? -6.836  17.512  -2.893  1.00 64.84 ? 247 LYS A NZ  1 
ATOM   373 N  N   . GLY A 1 60 ? -5.309  11.807  -5.331  1.00 25.71 ? 248 GLY A N   1 
ATOM   374 C  CA  . GLY A 1 60 ? -5.369  11.541  -6.757  1.00 25.43 ? 248 GLY A CA  1 
ATOM   375 C  C   . GLY A 1 60 ? -4.956  10.132  -7.127  1.00 20.43 ? 248 GLY A C   1 
ATOM   376 O  O   . GLY A 1 60 ? -4.934  9.234   -6.325  1.00 21.73 ? 248 GLY A O   1 
ATOM   377 N  N   . LYS A 1 61 ? -4.545  9.964   -8.373  1.00 20.52 ? 249 LYS A N   1 
ATOM   378 C  CA  . LYS A 1 61 ? -4.302  8.621   -8.867  1.00 18.39 ? 249 LYS A CA  1 
ATOM   379 C  C   . LYS A 1 61 ? -2.955  8.045   -8.393  1.00 20.17 ? 249 LYS A C   1 
ATOM   380 O  O   . LYS A 1 61 ? -1.938  8.757   -8.260  1.00 20.98 ? 249 LYS A O   1 
ATOM   381 C  CB  . LYS A 1 61 ? -4.383  8.646   -10.399 1.00 30.98 ? 249 LYS A CB  1 
ATOM   382 C  CG  . LYS A 1 61 ? -3.254  9.370   -11.080 1.00 34.86 ? 249 LYS A CG  1 
ATOM   383 C  CD  . LYS A 1 61 ? -3.567  9.557   -12.590 1.00 44.69 ? 249 LYS A CD  1 
ATOM   384 C  CE  . LYS A 1 61 ? -2.365  10.082  -13.386 1.00 48.99 ? 249 LYS A CE  1 
ATOM   385 N  NZ  . LYS A 1 61 ? -2.689  10.115  -14.852 1.00 54.53 ? 249 LYS A NZ  1 
ATOM   386 N  N   . TRP A 1 62 ? -2.963  6.743   -8.112  1.00 18.85 ? 250 TRP A N   1 
ATOM   387 C  CA  . TRP A 1 62 ? -1.758  6.090   -7.611  1.00 15.96 ? 250 TRP A CA  1 
ATOM   388 C  C   . TRP A 1 62 ? -1.759  4.628   -7.989  1.00 17.45 ? 250 TRP A C   1 
ATOM   389 O  O   . TRP A 1 62 ? -2.708  3.913   -7.682  1.00 18.39 ? 250 TRP A O   1 
ATOM   390 C  CB  . TRP A 1 62 ? -1.643  6.254   -6.070  1.00 17.97 ? 250 TRP A CB  1 
ATOM   391 C  CG  . TRP A 1 62 ? -0.269  5.802   -5.553  1.00 17.98 ? 250 TRP A CG  1 
ATOM   392 C  CD1 . TRP A 1 62 ? 0.862   6.542   -5.530  1.00 17.60 ? 250 TRP A CD1 1 
ATOM   393 C  CD2 . TRP A 1 62 ? 0.082   4.501   -5.058  1.00 17.12 ? 250 TRP A CD2 1 
ATOM   394 N  NE1 . TRP A 1 62 ? 1.925   5.785   -5.039  1.00 20.63 ? 250 TRP A NE1 1 
ATOM   395 C  CE2 . TRP A 1 62 ? 1.451   4.530   -4.756  1.00 15.25 ? 250 TRP A CE2 1 
ATOM   396 C  CE3 . TRP A 1 62 ? -0.630  3.314   -4.864  1.00 19.79 ? 250 TRP A CE3 1 
ATOM   397 C  CZ2 . TRP A 1 62 ? 2.132   3.403   -4.229  1.00 18.20 ? 250 TRP A CZ2 1 
ATOM   398 C  CZ3 . TRP A 1 62 ? 0.025   2.208   -4.345  1.00 17.85 ? 250 TRP A CZ3 1 
ATOM   399 C  CH2 . TRP A 1 62 ? 1.389   2.268   -4.021  1.00 15.80 ? 250 TRP A CH2 1 
ATOM   400 N  N   . TYR A 1 63 ? -0.662  4.224   -8.669  1.00 17.98 ? 251 TYR A N   1 
ATOM   401 C  CA  . TYR A 1 63 ? -0.398  2.820   -8.895  1.00 17.75 ? 251 TYR A CA  1 
ATOM   402 C  C   . TYR A 1 63 ? 0.827   2.397   -8.083  1.00 19.40 ? 251 TYR A C   1 
ATOM   403 O  O   . TYR A 1 63 ? 1.792   3.164   -7.953  1.00 19.69 ? 251 TYR A O   1 
ATOM   404 C  CB  . TYR A 1 63 ? -0.082  2.601   -10.344 1.00 17.73 ? 251 TYR A CB  1 
ATOM   405 C  CG  . TYR A 1 63 ? -1.245  2.479   -11.312 1.00 17.12 ? 251 TYR A CG  1 
ATOM   406 C  CD1 . TYR A 1 63 ? -2.396  1.751   -10.992 1.00 18.10 ? 251 TYR A CD1 1 
ATOM   407 C  CD2 . TYR A 1 63 ? -1.122  2.969   -12.594 1.00 20.37 ? 251 TYR A CD2 1 
ATOM   408 C  CE1 . TYR A 1 63 ? -3.407  1.582   -11.921 1.00 18.83 ? 251 TYR A CE1 1 
ATOM   409 C  CE2 . TYR A 1 63 ? -2.132  2.821   -13.551 1.00 19.22 ? 251 TYR A CE2 1 
ATOM   410 C  CZ  . TYR A 1 63 ? -3.276  2.126   -13.224 1.00 20.23 ? 251 TYR A CZ  1 
ATOM   411 O  OH  . TYR A 1 63 ? -4.225  1.962   -14.182 1.00 21.36 ? 251 TYR A OH  1 
ATOM   412 N  N   . CYS A 1 64 ? 0.811   1.139   -7.673  1.00 16.08 ? 252 CYS A N   1 
ATOM   413 C  CA  . CYS A 1 64 ? 1.988   0.591   -6.974  1.00 16.12 ? 252 CYS A CA  1 
ATOM   414 C  C   . CYS A 1 64 ? 3.200   0.456   -7.910  1.00 19.17 ? 252 CYS A C   1 
ATOM   415 O  O   . CYS A 1 64 ? 3.083   0.654   -9.121  1.00 18.69 ? 252 CYS A O   1 
ATOM   416 C  CB  . CYS A 1 64 ? 1.603   -0.786  -6.396  1.00 17.92 ? 252 CYS A CB  1 
ATOM   417 S  SG  . CYS A 1 64 ? 1.628   -2.166  -7.544  1.00 17.51 ? 252 CYS A SG  1 
ATOM   418 N  N   . PRO A 1 65 ? 4.375   0.104   -7.380  1.00 17.26 ? 253 PRO A N   1 
ATOM   419 C  CA  . PRO A 1 65 ? 5.552   0.026   -8.249  1.00 16.98 ? 253 PRO A CA  1 
ATOM   420 C  C   . PRO A 1 65 ? 5.481   -0.984  -9.380  1.00 17.91 ? 253 PRO A C   1 
ATOM   421 O  O   . PRO A 1 65 ? 6.191   -0.832  -10.399 1.00 20.73 ? 253 PRO A O   1 
ATOM   422 C  CB  . PRO A 1 65 ? 6.681   -0.364  -7.262  1.00 19.54 ? 253 PRO A CB  1 
ATOM   423 C  CG  . PRO A 1 65 ? 6.164   0.230   -5.953  1.00 17.88 ? 253 PRO A CG  1 
ATOM   424 C  CD  . PRO A 1 65 ? 4.735   0.047   -5.931  1.00 17.15 ? 253 PRO A CD  1 
ATOM   425 N  N   . THR A 1 66 ? 4.625   -1.994  -9.230  1.00 16.47 ? 254 THR A N   1 
ATOM   426 C  CA  . THR A 1 66 ? 4.450   -2.975  -10.278 1.00 18.77 ? 254 THR A CA  1 
ATOM   427 C  C   . THR A 1 66 ? 3.450   -2.448  -11.313 1.00 18.40 ? 254 THR A C   1 
ATOM   428 O  O   . THR A 1 66 ? 3.713   -2.442  -12.540 1.00 20.51 ? 254 THR A O   1 
ATOM   429 C  CB  . THR A 1 66 ? 3.970   -4.314  -9.669  1.00 19.11 ? 254 THR A CB  1 
ATOM   430 O  OG1 . THR A 1 66 ? 5.032   -4.821  -8.861  1.00 19.25 ? 254 THR A OG1 1 
ATOM   431 C  CG2 . THR A 1 66 ? 3.688   -5.328  -10.728 1.00 18.98 ? 254 THR A CG2 1 
ATOM   432 N  N   . CYS A 1 67 ? 2.284   -2.027  -10.828 1.00 17.19 ? 255 CYS A N   1 
ATOM   433 C  CA  . CYS A 1 67 ? 1.222   -1.651  -11.767 1.00 17.69 ? 255 CYS A CA  1 
ATOM   434 C  C   . CYS A 1 67 ? 1.554   -0.395  -12.562 1.00 19.72 ? 255 CYS A C   1 
ATOM   435 O  O   . CYS A 1 67 ? 1.115   -0.262  -13.723 1.00 21.35 ? 255 CYS A O   1 
ATOM   436 C  CB  . CYS A 1 67 ? -0.101  -1.437  -11.009 1.00 18.75 ? 255 CYS A CB  1 
ATOM   437 S  SG  . CYS A 1 67 ? -0.690  -3.033  -10.321 1.00 18.55 ? 255 CYS A SG  1 
ATOM   438 N  N   . ARG A 1 68 ? 2.362   0.497   -11.972 1.00 19.65 ? 256 ARG A N   1 
ATOM   439 C  CA  . ARG A 1 68 ? 2.716   1.704   -12.737 1.00 19.14 ? 256 ARG A CA  1 
ATOM   440 C  C   . ARG A 1 68 ? 3.634   1.447   -13.931 1.00 21.16 ? 256 ARG A C   1 
ATOM   441 O  O   . ARG A 1 68 ? 3.816   2.343   -14.781 1.00 22.85 ? 256 ARG A O   1 
ATOM   442 C  CB  . ARG A 1 68 ? 3.301   2.779   -11.810 1.00 21.44 ? 256 ARG A CB  1 
ATOM   443 C  CG  . ARG A 1 68 ? 4.731   2.499   -11.308 1.00 21.49 ? 256 ARG A CG  1 
ATOM   444 C  CD  . ARG A 1 68 ? 5.224   3.647   -10.418 1.00 21.96 ? 256 ARG A CD  1 
ATOM   445 N  NE  . ARG A 1 68 ? 4.556   3.529   -9.144  1.00 20.92 ? 256 ARG A NE  1 
ATOM   446 C  CZ  . ARG A 1 68 ? 5.140   3.724   -7.966  1.00 30.92 ? 256 ARG A CZ  1 
ATOM   447 N  NH1 . ARG A 1 68 ? 6.437   4.045   -7.892  1.00 35.41 ? 256 ARG A NH1 1 
ATOM   448 N  NH2 . ARG A 1 68 ? 4.433   3.540   -6.859  1.00 25.78 ? 256 ARG A NH2 1 
ATOM   449 N  N   . LEU A 1 69 ? 4.204   0.249   -14.032 1.00 19.14 ? 257 LEU A N   1 
ATOM   450 C  CA  . LEU A 1 69 ? 5.072   -0.127  -15.158 1.00 21.06 ? 257 LEU A CA  1 
ATOM   451 C  C   . LEU A 1 69 ? 4.393   -1.080  -16.149 1.00 23.92 ? 257 LEU A C   1 
ATOM   452 O  O   . LEU A 1 69 ? 4.943   -1.390  -17.192 1.00 28.53 ? 257 LEU A O   1 
ATOM   453 C  CB  . LEU A 1 69 ? 6.371   -0.745  -14.635 1.00 21.63 ? 257 LEU A CB  1 
ATOM   454 C  CG  . LEU A 1 69 ? 7.197   0.216   -13.787 1.00 25.68 ? 257 LEU A CG  1 
ATOM   455 C  CD1 . LEU A 1 69 ? 8.480   -0.487  -13.347 1.00 24.56 ? 257 LEU A CD1 1 
ATOM   456 C  CD2 . LEU A 1 69 ? 7.583   1.479   -14.535 1.00 27.53 ? 257 LEU A CD2 1 
ATOM   457 N  N   . LEU A 1 70 ? 3.176   -1.535  -15.815 1.00 23.75 ? 258 LEU A N   1 
ATOM   458 C  CA  . LEU A 1 70 ? 2.466   -2.438  -16.688 1.00 24.03 ? 258 LEU A CA  1 
ATOM   459 C  C   . LEU A 1 70 ? 2.060   -1.706  -17.965 1.00 26.56 ? 258 LEU A C   1 
ATOM   460 O  O   . LEU A 1 70 ? 1.723   -0.514  -17.924 1.00 27.27 ? 258 LEU A O   1 
ATOM   461 C  CB  . LEU A 1 70 ? 1.225   -2.980  -16.005 1.00 24.49 ? 258 LEU A CB  1 
ATOM   462 C  CG  . LEU A 1 70 ? 1.375   -4.049  -14.925 1.00 27.34 ? 258 LEU A CG  1 
ATOM   463 C  CD1 . LEU A 1 70 ? 0.037   -4.301  -14.242 1.00 30.01 ? 258 LEU A CD1 1 
ATOM   464 C  CD2 . LEU A 1 70 ? 1.910   -5.322  -15.535 1.00 27.60 ? 258 LEU A CD2 1 
ATOM   465 N  N   . PRO A 1 71 ? 2.078   -2.396  -19.095 1.00 30.22 ? 259 PRO A N   1 
ATOM   466 C  CA  . PRO A 1 71 ? 1.690   -1.741  -20.357 1.00 33.93 ? 259 PRO A CA  1 
ATOM   467 C  C   . PRO A 1 71 ? 0.211   -1.405  -20.353 1.00 36.49 ? 259 PRO A C   1 
ATOM   468 O  O   . PRO A 1 71 ? -0.611  -2.123  -19.770 1.00 37.62 ? 259 PRO A O   1 
ATOM   469 C  CB  . PRO A 1 71 ? 2.022   -2.792  -21.419 1.00 43.19 ? 259 PRO A CB  1 
ATOM   470 C  CG  . PRO A 1 71 ? 1.962   -4.102  -20.640 1.00 41.12 ? 259 PRO A CG  1 
ATOM   471 C  CD  . PRO A 1 71 ? 2.555   -3.774  -19.331 1.00 33.96 ? 259 PRO A CD  1 
ATOM   472 N  N   . GLN A 1 72 ? -0.127  -0.276  -20.942 1.00 41.27 ? 260 GLN A N   1 
ATOM   473 C  CA  . GLN A 1 72 ? -1.537  0.048   -21.141 1.00 45.52 ? 260 GLN A CA  1 
ATOM   474 C  C   . GLN A 1 72 ? -1.972  -0.049  -22.584 1.00 50.02 ? 260 GLN A C   1 
ATOM   475 O  O   . GLN A 1 72 ? -1.431  0.585   -23.529 1.00 53.44 ? 260 GLN A O   1 
ATOM   476 C  CB  . GLN A 1 72 ? -1.835  1.433   -20.577 1.00 42.38 ? 260 GLN A CB  1 
ATOM   477 C  CG  . GLN A 1 72 ? -1.662  1.508   -19.176 1.00 36.51 ? 260 GLN A CG  1 
ATOM   478 C  CD  . GLN A 1 72 ? -1.828  2.904   -18.645 1.00 36.27 ? 260 GLN A CD  1 
ATOM   479 O  OE1 . GLN A 1 72 ? -2.331  3.800   -19.346 1.00 38.32 ? 260 GLN A OE1 1 
ATOM   480 N  NE2 . GLN A 1 72 ? -1.469  3.080   -17.407 1.00 29.64 ? 260 GLN A NE2 1 
ATOM   481 N  N   . ALA B 2 1  ? -6.525  8.463   -4.133  1.00 20.94 ? 1   ALA P N   1 
ATOM   482 C  CA  . ALA B 2 1  ? -6.310  7.017   -3.906  1.00 20.03 ? 1   ALA P CA  1 
ATOM   483 C  C   . ALA B 2 1  ? -6.933  6.705   -2.551  1.00 18.34 ? 1   ALA P C   1 
ATOM   484 O  O   . ALA B 2 1  ? -7.103  7.653   -1.735  1.00 21.21 ? 1   ALA P O   1 
ATOM   485 C  CB  . ALA B 2 1  ? -4.792  6.726   -3.886  1.00 20.69 ? 1   ALA P CB  1 
ATOM   486 N  N   . ARG B 2 2  ? -7.267  5.442   -2.317  1.00 18.13 ? 2   ARG P N   1 
ATOM   487 C  CA  . ARG B 2 2  ? -7.730  5.019   -0.972  1.00 17.99 ? 2   ARG P CA  1 
ATOM   488 C  C   . ARG B 2 2  ? -6.517  4.908   -0.052  1.00 18.64 ? 2   ARG P C   1 
ATOM   489 O  O   . ARG B 2 2  ? -5.494  4.342   -0.440  1.00 20.14 ? 2   ARG P O   1 
ATOM   490 C  CB  . ARG B 2 2  ? -8.488  3.695   -0.978  1.00 18.78 ? 2   ARG P CB  1 
ATOM   491 C  CG  . ARG B 2 2  ? -9.854  3.785   -1.655  1.00 21.58 ? 2   ARG P CG  1 
ATOM   492 C  CD  . ARG B 2 2  ? -10.588 2.469   -1.556  1.00 22.84 ? 2   ARG P CD  1 
ATOM   493 N  NE  . ARG B 2 2  ? -11.057 2.269   -0.189  1.00 33.20 ? 2   ARG P NE  1 
ATOM   494 C  CZ  . ARG B 2 2  ? -11.072 1.092   0.411   1.00 37.30 ? 2   ARG P CZ  1 
ATOM   495 N  NH1 . ARG B 2 2  ? -11.530 1.015   1.659   1.00 39.77 ? 2   ARG P NH1 1 
ATOM   496 N  NH2 . ARG B 2 2  ? -10.663 0.009   -0.246  1.00 31.92 ? 2   ARG P NH2 1 
ATOM   497 N  N   . THR B 2 3  ? -6.630  5.501   1.145   1.00 21.35 ? 3   THR P N   1 
ATOM   498 C  CA  . THR B 2 3  ? -5.548  5.417   2.129   1.00 19.68 ? 3   THR P CA  1 
ATOM   499 C  C   . THR B 2 3  ? -6.173  5.053   3.452   1.00 21.30 ? 3   THR P C   1 
ATOM   500 O  O   . THR B 2 3  ? -7.377  5.262   3.675   1.00 23.15 ? 3   THR P O   1 
ATOM   501 C  CB  . THR B 2 3  ? -4.777  6.708   2.255   1.00 18.67 ? 3   THR P CB  1 
ATOM   502 O  OG1 . THR B 2 3  ? -5.628  7.815   2.664   1.00 23.37 ? 3   THR P OG1 1 
ATOM   503 C  CG2 . THR B 2 3  ? -4.026  7.072   0.961   1.00 21.40 ? 3   THR P CG2 1 
HETATM 504 N  N   . M3L B 2 4  ? -5.349  4.491   4.338   1.00 19.10 ? 4   M3L P N   1 
HETATM 505 C  CA  . M3L B 2 4  ? -5.839  4.146   5.633   1.00 22.06 ? 4   M3L P CA  1 
HETATM 506 C  CB  . M3L B 2 4  ? -6.369  2.703   5.755   1.00 23.62 ? 4   M3L P CB  1 
HETATM 507 C  CG  . M3L B 2 4  ? -5.310  1.650   5.479   1.00 21.67 ? 4   M3L P CG  1 
HETATM 508 C  CD  . M3L B 2 4  ? -5.968  0.258   5.487   1.00 24.83 ? 4   M3L P CD  1 
HETATM 509 C  CE  . M3L B 2 4  ? -4.936  -0.802  5.102   1.00 22.13 ? 4   M3L P CE  1 
HETATM 510 N  NZ  . M3L B 2 4  ? -5.407  -2.230  5.226   1.00 23.02 ? 4   M3L P NZ  1 
HETATM 511 C  C   . M3L B 2 4  ? -4.746  4.297   6.666   1.00 20.58 ? 4   M3L P C   1 
HETATM 512 O  O   . M3L B 2 4  ? -3.561  4.295   6.392   1.00 20.73 ? 4   M3L P O   1 
HETATM 513 C  CM1 . M3L B 2 4  ? -6.685  -2.396  4.467   1.00 24.43 ? 4   M3L P CM1 1 
HETATM 514 C  CM2 . M3L B 2 4  ? -5.563  -2.571  6.664   1.00 25.03 ? 4   M3L P CM2 1 
HETATM 515 C  CM3 . M3L B 2 4  ? -4.311  -3.142  4.698   1.00 24.50 ? 4   M3L P CM3 1 
ATOM   516 N  N   . GLN B 2 5  ? -5.191  4.454   7.918   1.00 23.07 ? 5   GLN P N   1 
ATOM   517 C  CA  . GLN B 2 5  ? -4.289  4.500   9.030   1.00 23.53 ? 5   GLN P CA  1 
ATOM   518 C  C   . GLN B 2 5  ? -4.536  3.264   9.853   1.00 30.29 ? 5   GLN P C   1 
ATOM   519 O  O   . GLN B 2 5  ? -5.680  2.984   10.193  1.00 39.43 ? 5   GLN P O   1 
ATOM   520 C  CB  . GLN B 2 5  ? -4.527  5.751   9.869   1.00 37.68 ? 5   GLN P CB  1 
ATOM   521 C  CG  . GLN B 2 5  ? -3.391  6.660   9.749   1.00 45.96 ? 5   GLN P CG  1 
ATOM   522 C  CD  . GLN B 2 5  ? -3.156  7.588   10.919  1.00 55.29 ? 5   GLN P CD  1 
ATOM   523 O  OE1 . GLN B 2 5  ? -3.844  7.544   11.953  1.00 60.20 ? 5   GLN P OE1 1 
ATOM   524 N  NE2 . GLN B 2 5  ? -2.123  8.423   10.780  1.00 54.19 ? 5   GLN P NE2 1 
ATOM   525 N  N   . THR B 2 6  ? -3.500  2.524   10.187  1.00 27.93 ? 6   THR P N   1 
ATOM   526 C  CA  . THR B 2 6  ? -3.721  1.299   10.945  1.00 29.52 ? 6   THR P CA  1 
ATOM   527 C  C   . THR B 2 6  ? -3.184  1.452   12.367  1.00 32.60 ? 6   THR P C   1 
ATOM   528 O  O   . THR B 2 6  ? -2.334  2.315   12.651  1.00 36.25 ? 6   THR P O   1 
ATOM   529 C  CB  . THR B 2 6  ? -3.090  0.110   10.224  1.00 32.26 ? 6   THR P CB  1 
ATOM   530 O  OG1 . THR B 2 6  ? -1.700  0.381   10.060  1.00 32.51 ? 6   THR P OG1 1 
ATOM   531 C  CG2 . THR B 2 6  ? -3.733  -0.090  8.820   1.00 29.59 ? 6   THR P CG2 1 
ATOM   532 N  N   . ALA B 2 7  ? -3.700  0.634   13.281  1.00 33.13 ? 7   ALA P N   1 
ATOM   533 C  CA  . ALA B 2 7  ? -3.394  0.750   14.702  1.00 36.84 ? 7   ALA P CA  1 
ATOM   534 C  C   . ALA B 2 7  ? -1.933  0.488   15.021  1.00 40.94 ? 7   ALA P C   1 
ATOM   535 O  O   . ALA B 2 7  ? -1.353  1.142   15.886  1.00 42.41 ? 7   ALA P O   1 
ATOM   536 C  CB  . ALA B 2 7  ? -4.250  -0.199  15.495  1.00 42.19 ? 7   ALA P CB  1 
ATOM   537 N  N   . ARG B 2 8  ? -1.359  -0.501  14.341  1.00 39.19 ? 8   ARG P N   1 
ATOM   538 C  CA  . ARG B 2 8  ? 0.015   -0.916  14.574  1.00 38.61 ? 8   ARG P CA  1 
ATOM   539 C  C   . ARG B 2 8  ? 0.963   0.176   14.108  1.00 39.44 ? 8   ARG P C   1 
ATOM   540 O  O   . ARG B 2 8  ? 0.795   0.696   13.019  1.00 34.17 ? 8   ARG P O   1 
ATOM   541 C  CB  . ARG B 2 8  ? 0.299   -2.238  13.842  1.00 38.12 ? 8   ARG P CB  1 
ATOM   542 C  CG  . ARG B 2 8  ? 1.552   -2.906  14.299  1.00 44.41 ? 8   ARG P CG  1 
ATOM   543 C  CD  . ARG B 2 8  ? 1.782   -4.269  13.615  1.00 47.60 ? 8   ARG P CD  1 
ATOM   544 N  NE  . ARG B 2 8  ? 0.562   -5.077  13.512  1.00 49.07 ? 8   ARG P NE  1 
ATOM   545 C  CZ  . ARG B 2 8  ? 0.107   -5.947  14.409  1.00 57.81 ? 8   ARG P CZ  1 
ATOM   546 N  NH1 . ARG B 2 8  ? 0.763   -6.193  15.536  1.00 62.49 ? 8   ARG P NH1 1 
ATOM   547 N  NH2 . ARG B 2 8  ? -1.028  -6.602  14.140  1.00 59.21 ? 8   ARG P NH2 1 
ATOM   548 N  N   . LYS B 2 9  ? 1.949   0.556   14.916  1.00 43.83 ? 9   LYS P N   1 
ATOM   549 C  CA  . LYS B 2 9  ? 2.856   1.565   14.395  1.00 42.97 ? 9   LYS P CA  1 
ATOM   550 C  C   . LYS B 2 9  ? 3.938   0.947   13.492  1.00 43.37 ? 9   LYS P C   1 
ATOM   551 O  O   . LYS B 2 9  ? 4.695   0.070   13.908  1.00 45.78 ? 9   LYS P O   1 
ATOM   552 C  CB  . LYS B 2 9  ? 3.478   2.352   15.524  1.00 50.09 ? 9   LYS P CB  1 
ATOM   553 C  CG  . LYS B 2 9  ? 3.538   3.791   15.159  1.00 50.62 ? 9   LYS P CG  1 
ATOM   554 C  CD  . LYS B 2 9  ? 4.304   4.563   16.188  1.00 58.19 ? 9   LYS P CD  1 
ATOM   555 C  CE  . LYS B 2 9  ? 5.555   5.184   15.578  1.00 59.28 ? 9   LYS P CE  1 
ATOM   556 N  NZ  . LYS B 2 9  ? 5.242   6.383   14.730  1.00 55.75 ? 9   LYS P NZ  1 
HETATM 557 ZN ZN  . ZN  C 3 .  ? 5.857   -2.205  3.046   1.00 19.29 ? 501 ZN  A ZN  1 
HETATM 558 ZN ZN  . ZN  D 3 .  ? -0.650  -2.551  -8.051  1.00 17.26 ? 502 ZN  A ZN  1 
HETATM 559 O  O   . HOH E 4 .  ? -4.011  -8.415  -0.749  1.00 36.26 ? 601 HOH A O   1 
HETATM 560 O  O   . HOH E 4 .  ? -13.466 -1.010  -5.486  1.00 29.69 ? 602 HOH A O   1 
HETATM 561 O  O   . HOH E 4 .  ? -2.102  9.412   5.841   1.00 36.69 ? 603 HOH A O   1 
HETATM 562 O  O   . HOH E 4 .  ? 7.818   -7.277  -3.254  1.00 24.92 ? 604 HOH A O   1 
HETATM 563 O  O   . HOH E 4 .  ? 10.316  -7.157  4.143   1.00 35.82 ? 605 HOH A O   1 
HETATM 564 O  O   . HOH E 4 .  ? 5.498   -5.555  -5.055  1.00 28.34 ? 606 HOH A O   1 
HETATM 565 O  O   . HOH E 4 .  ? 10.289  6.393   1.826   1.00 27.89 ? 607 HOH A O   1 
HETATM 566 O  O   . HOH E 4 .  ? 8.332   8.116   3.036   1.00 29.66 ? 608 HOH A O   1 
HETATM 567 O  O   . HOH E 4 .  ? -6.753  6.838   -10.557 1.00 28.15 ? 609 HOH A O   1 
HETATM 568 O  O   . HOH E 4 .  ? 5.061   -3.803  -6.411  1.00 23.73 ? 610 HOH A O   1 
HETATM 569 O  O   . HOH E 4 .  ? 2.902   -10.545 1.198   1.00 24.53 ? 611 HOH A O   1 
HETATM 570 O  O   . HOH E 4 .  ? -11.362 -2.072  -3.897  1.00 21.61 ? 612 HOH A O   1 
HETATM 571 O  O   . HOH E 4 .  ? 4.309   -7.637  -3.082  1.00 26.48 ? 613 HOH A O   1 
HETATM 572 O  O   . HOH E 4 .  ? 0.721   8.828   -8.765  1.00 32.37 ? 614 HOH A O   1 
HETATM 573 O  O   . HOH E 4 .  ? -5.474  -7.727  -5.855  1.00 34.26 ? 615 HOH A O   1 
HETATM 574 O  O   . HOH E 4 .  ? -7.221  -6.121  2.068   1.00 35.18 ? 616 HOH A O   1 
HETATM 575 O  O   . HOH E 4 .  ? -6.408  3.581   -4.456  1.00 18.14 ? 617 HOH A O   1 
HETATM 576 O  O   . HOH E 4 .  ? 0.651   11.939  0.353   1.00 27.45 ? 618 HOH A O   1 
HETATM 577 O  O   . HOH E 4 .  ? -3.801  4.996   -11.159 1.00 23.26 ? 619 HOH A O   1 
HETATM 578 O  O   . HOH E 4 .  ? 0.685   1.280   -16.137 1.00 27.73 ? 620 HOH A O   1 
HETATM 579 O  O   . HOH E 4 .  ? 4.861   5.980   -4.777  1.00 27.65 ? 621 HOH A O   1 
HETATM 580 O  O   . HOH E 4 .  ? -2.214  -6.824  7.968   1.00 25.15 ? 622 HOH A O   1 
HETATM 581 O  O   . HOH E 4 .  ? 1.455   8.161   10.784  1.00 38.20 ? 623 HOH A O   1 
HETATM 582 O  O   . HOH E 4 .  ? -2.099  -10.161 14.377  1.00 41.75 ? 624 HOH A O   1 
HETATM 583 O  O   . HOH E 4 .  ? -6.678  -4.686  -14.018 1.00 20.92 ? 625 HOH A O   1 
HETATM 584 O  O   . HOH E 4 .  ? -9.995  12.460  -4.738  1.00 33.82 ? 626 HOH A O   1 
HETATM 585 O  O   . HOH E 4 .  ? 3.112   2.457   6.967   1.00 23.13 ? 627 HOH A O   1 
HETATM 586 O  O   . HOH E 4 .  ? -6.588  -9.364  3.406   1.00 32.33 ? 628 HOH A O   1 
HETATM 587 O  O   . HOH E 4 .  ? 3.236   -10.517 -8.563  1.00 32.93 ? 629 HOH A O   1 
HETATM 588 O  O   . HOH E 4 .  ? 5.087   12.883  8.751   1.00 32.00 ? 630 HOH A O   1 
HETATM 589 O  O   . HOH E 4 .  ? -5.458  -2.196  -4.163  1.00 25.99 ? 631 HOH A O   1 
HETATM 590 O  O   . HOH E 4 .  ? -6.211  -4.227  -5.533  1.00 25.08 ? 632 HOH A O   1 
HETATM 591 O  O   . HOH E 4 .  ? 1.154   -12.488 9.655   1.00 38.88 ? 633 HOH A O   1 
HETATM 592 O  O   . HOH E 4 .  ? -1.328  -8.127  -4.828  1.00 23.06 ? 634 HOH A O   1 
HETATM 593 O  O   . HOH E 4 .  ? -0.030  -9.207  -0.327  1.00 30.31 ? 635 HOH A O   1 
HETATM 594 O  O   . HOH E 4 .  ? 9.768   -0.668  -1.484  1.00 20.52 ? 636 HOH A O   1 
HETATM 595 O  O   . HOH E 4 .  ? 6.842   0.149   -18.689 1.00 35.98 ? 637 HOH A O   1 
HETATM 596 O  O   . HOH E 4 .  ? -2.488  5.417   -16.092 1.00 32.71 ? 638 HOH A O   1 
HETATM 597 O  O   . HOH E 4 .  ? -0.285  -6.166  -11.017 1.00 24.30 ? 639 HOH A O   1 
HETATM 598 O  O   . HOH E 4 .  ? 2.475   -8.468  -0.536  1.00 22.97 ? 640 HOH A O   1 
HETATM 599 O  O   . HOH E 4 .  ? -3.028  -6.531  -12.664 1.00 26.53 ? 641 HOH A O   1 
HETATM 600 O  O   . HOH E 4 .  ? 3.119   5.815   8.020   1.00 30.44 ? 642 HOH A O   1 
HETATM 601 O  O   . HOH E 4 .  ? -8.898  -0.041  -6.465  1.00 26.59 ? 643 HOH A O   1 
HETATM 602 O  O   . HOH E 4 .  ? -8.905  -3.841  0.363   1.00 40.02 ? 644 HOH A O   1 
HETATM 603 O  O   . HOH E 4 .  ? -3.500  14.761  -1.989  1.00 35.10 ? 645 HOH A O   1 
HETATM 604 O  O   . HOH E 4 .  ? -0.997  -12.909 3.534   1.00 35.57 ? 646 HOH A O   1 
HETATM 605 O  O   . HOH E 4 .  ? 5.132   3.802   6.643   1.00 28.73 ? 647 HOH A O   1 
HETATM 606 O  O   . HOH E 4 .  ? 5.008   -8.863  8.992   1.00 28.81 ? 648 HOH A O   1 
HETATM 607 O  O   . HOH E 4 .  ? 7.370   12.249  0.058   1.00 37.14 ? 649 HOH A O   1 
HETATM 608 O  O   . HOH E 4 .  ? 8.414   -12.934 1.903   1.00 37.38 ? 650 HOH A O   1 
HETATM 609 O  O   . HOH E 4 .  ? 0.760   -12.903 -9.393  1.00 40.54 ? 651 HOH A O   1 
HETATM 610 O  O   . HOH E 4 .  ? -3.769  12.568  -9.711  1.00 26.51 ? 652 HOH A O   1 
HETATM 611 O  O   . HOH E 4 .  ? 3.415   12.111  0.060   1.00 29.47 ? 653 HOH A O   1 
HETATM 612 O  O   . HOH E 4 .  ? -11.731 -6.782  -10.724 1.00 30.64 ? 654 HOH A O   1 
HETATM 613 O  O   . HOH E 4 .  ? -11.540 -6.295  -13.503 1.00 23.89 ? 655 HOH A O   1 
HETATM 614 O  O   . HOH E 4 .  ? 3.962   -15.060 16.532  1.00 51.33 ? 656 HOH A O   1 
HETATM 615 O  O   . HOH E 4 .  ? -8.030  1.248   -4.471  1.00 23.17 ? 657 HOH A O   1 
HETATM 616 O  O   . HOH E 4 .  ? -3.398  -15.129 5.680   1.00 46.55 ? 658 HOH A O   1 
HETATM 617 O  O   . HOH E 4 .  ? 5.399   -4.664  -16.638 1.00 27.17 ? 659 HOH A O   1 
HETATM 618 O  O   . HOH E 4 .  ? 0.286   -10.687 -4.888  1.00 35.42 ? 660 HOH A O   1 
HETATM 619 O  O   . HOH E 4 .  ? -15.107 -2.822  -6.109  1.00 44.31 ? 661 HOH A O   1 
HETATM 620 O  O   . HOH E 4 .  ? 4.521   11.988  11.527  1.00 35.91 ? 662 HOH A O   1 
HETATM 621 O  O   . HOH E 4 .  ? -1.364  6.494   -11.833 1.00 32.70 ? 663 HOH A O   1 
HETATM 622 O  O   . HOH E 4 .  ? 11.178  8.434   -1.864  1.00 39.47 ? 664 HOH A O   1 
HETATM 623 O  O   . HOH E 4 .  ? 5.766   -15.124 14.351  1.00 57.79 ? 665 HOH A O   1 
HETATM 624 O  O   . HOH E 4 .  ? 7.843   -13.261 -3.928  1.00 37.82 ? 666 HOH A O   1 
HETATM 625 O  O   . HOH E 4 .  ? 3.751   9.398   11.569  1.00 37.95 ? 667 HOH A O   1 
HETATM 626 O  O   . HOH F 4 .  ? -1.022  -5.260  11.701  1.00 34.49 ? 101 HOH P O   1 
HETATM 627 O  O   . HOH F 4 .  ? -9.496  3.791   3.055   1.00 34.63 ? 102 HOH P O   1 
HETATM 628 O  O   . HOH F 4 .  ? -6.135  9.661   0.675   1.00 27.55 ? 103 HOH P O   1 
HETATM 629 O  O   . HOH F 4 .  ? -9.211  -0.498  -2.615  1.00 28.03 ? 104 HOH P O   1 
HETATM 630 O  O   . HOH F 4 .  ? -9.221  7.972   -4.873  1.00 25.01 ? 105 HOH P O   1 
HETATM 631 O  O   . HOH F 4 .  ? -5.353  7.894   5.509   1.00 32.36 ? 106 HOH P O   1 
HETATM 632 O  O   . HOH F 4 .  ? -5.840  -1.176  12.512  1.00 36.93 ? 107 HOH P O   1 
HETATM 633 O  O   . HOH F 4 .  ? -8.730  7.576   4.840   1.00 39.10 ? 108 HOH P O   1 
HETATM 634 O  O   . HOH F 4 .  ? -9.122  7.011   1.439   1.00 32.91 ? 109 HOH P O   1 
HETATM 635 O  O   . HOH F 4 .  ? -8.046  4.875   8.461   1.00 34.17 ? 110 HOH P O   1 
HETATM 636 O  O   . HOH F 4 .  ? -10.118 8.347   -1.096  1.00 35.66 ? 111 HOH P O   1 
HETATM 637 O  O   . HOH F 4 .  ? -9.767  3.690   7.327   1.00 42.40 ? 112 HOH P O   1 
# 
loop_
_atom_site_anisotrop.id 
_atom_site_anisotrop.type_symbol 
_atom_site_anisotrop.pdbx_label_atom_id 
_atom_site_anisotrop.pdbx_label_alt_id 
_atom_site_anisotrop.pdbx_label_comp_id 
_atom_site_anisotrop.pdbx_label_asym_id 
_atom_site_anisotrop.pdbx_label_seq_id 
_atom_site_anisotrop.pdbx_PDB_ins_code 
_atom_site_anisotrop.U[1][1] 
_atom_site_anisotrop.U[2][2] 
_atom_site_anisotrop.U[3][3] 
_atom_site_anisotrop.U[1][2] 
_atom_site_anisotrop.U[1][3] 
_atom_site_anisotrop.U[2][3] 
_atom_site_anisotrop.pdbx_auth_seq_id 
_atom_site_anisotrop.pdbx_auth_comp_id 
_atom_site_anisotrop.pdbx_auth_asym_id 
_atom_site_anisotrop.pdbx_auth_atom_id 
1   N N   . ILE A 13 ? 0.9618 0.3498 0.5236 0.0111  0.1350  0.1394  201 ILE A N   
2   C CA  . ILE A 13 ? 0.9461 0.3425 0.5292 0.0007  0.1577  0.1184  201 ILE A CA  
3   C C   . ILE A 13 ? 0.9417 0.3272 0.5421 -0.0082 0.1791  0.1199  201 ILE A C   
4   O O   . ILE A 13 ? 0.9744 0.3458 0.6036 -0.0039 0.1753  0.1314  201 ILE A O   
5   C CB  . ILE A 13 ? 0.9572 0.3654 0.5813 0.0051  0.1516  0.1132  201 ILE A CB  
6   C CG1 . ILE A 13 ? 0.9298 0.3475 0.5453 0.0106  0.1222  0.1196  201 ILE A CG1 
7   C CG2 . ILE A 13 ? 0.9816 0.4022 0.6218 -0.0030 0.1749  0.0895  201 ILE A CG2 
8   C CD1 . ILE A 13 ? 0.9622 0.3826 0.5376 0.0062  0.1159  0.1051  201 ILE A CD1 
9   N N   . ASP A 14 ? 0.9271 0.3180 0.5092 -0.0206 0.1981  0.1084  202 ASP A N   
10  C CA  . ASP A 14 ? 0.9465 0.3273 0.5481 -0.0332 0.2144  0.1101  202 ASP A CA  
11  C C   . ASP A 14 ? 0.9242 0.3031 0.5658 -0.0320 0.2232  0.0902  202 ASP A C   
12  O O   . ASP A 14 ? 0.8860 0.2838 0.5296 -0.0307 0.2303  0.0688  202 ASP A O   
13  C CB  . ASP A 14 ? 0.9894 0.3842 0.5644 -0.0479 0.2298  0.1062  202 ASP A CB  
14  C CG  . ASP A 14 ? 1.0870 0.4725 0.6794 -0.0647 0.2388  0.1192  202 ASP A CG  
15  O OD1 . ASP A 14 ? 1.0761 0.4548 0.6965 -0.0727 0.2490  0.1026  202 ASP A OD1 
16  O OD2 . ASP A 14 ? 1.2117 0.5977 0.7897 -0.0698 0.2335  0.1474  202 ASP A OD2 
17  N N   . PRO A 15 ? 0.9511 0.3070 0.6226 -0.0309 0.2215  0.0967  203 PRO A N   
18  C CA  . PRO A 15 ? 0.9394 0.2908 0.6458 -0.0239 0.2279  0.0771  203 PRO A CA  
19  C C   . PRO A 15 ? 0.9154 0.2820 0.6249 -0.0355 0.2476  0.0513  203 PRO A C   
20  O O   . PRO A 15 ? 0.8934 0.2697 0.6265 -0.0274 0.2547  0.0308  203 PRO A O   
21  C CB  . PRO A 15 ? 0.9894 0.3036 0.7162 -0.0213 0.2167  0.0912  203 PRO A CB  
22  C CG  . PRO A 15 ? 1.0222 0.3273 0.7271 -0.0384 0.2132  0.1151  203 PRO A CG  
23  C CD  . PRO A 15 ? 1.0007 0.3314 0.6723 -0.0358 0.2115  0.1232  203 PRO A CD  
24  N N   . ASN A 16 ? 0.9211 0.2933 0.6072 -0.0531 0.2564  0.0530  204 ASN A N   
25  C CA  . ASN A 16 ? 0.9003 0.2899 0.5862 -0.0653 0.2749  0.0289  204 ASN A CA  
26  C C   . ASN A 16 ? 0.8512 0.2723 0.5179 -0.0625 0.2840  0.0086  204 ASN A C   
27  O O   . ASN A 16 ? 0.8259 0.2659 0.4950 -0.0694 0.2994  -0.0148 204 ASN A O   
28  C CB  . ASN A 16 ? 0.9272 0.3141 0.5967 -0.0862 0.2798  0.0415  204 ASN A CB  
29  C CG  . ASN A 16 ? 0.9863 0.3432 0.6837 -0.0973 0.2731  0.0536  204 ASN A CG  
30  O OD1 . ASN A 16 ? 1.0141 0.3514 0.7107 -0.1037 0.2604  0.0834  204 ASN A OD1 
31  N ND2 . ASN A 16 ? 0.9904 0.3439 0.7126 -0.1003 0.2789  0.0310  204 ASN A ND2 
32  N N   . GLU A 17 ? 0.8416 0.2677 0.4881 -0.0531 0.2715  0.0178  205 GLU A N   
33  C CA  . GLU A 17 ? 0.8053 0.2532 0.4326 -0.0518 0.2730  0.0006  205 GLU A CA  
34  C C   . GLU A 17 ? 0.7737 0.2416 0.4345 -0.0462 0.2792  -0.0144 205 GLU A C   
35  O O   . GLU A 17 ? 0.7741 0.2369 0.4631 -0.0345 0.2709  -0.0052 205 GLU A O   
36  C CB  . GLU A 17 ? 0.8098 0.2547 0.4093 -0.0434 0.2514  0.0159  205 GLU A CB  
37  C CG  . GLU A 17 ? 0.7900 0.2507 0.3728 -0.0434 0.2472  -0.0025 205 GLU A CG  
38  C CD  . GLU A 17 ? 0.8319 0.2870 0.3712 -0.0382 0.2242  0.0059  205 GLU A CD  
39  O OE1 . GLU A 17 ? 0.9283 0.3700 0.4496 -0.0315 0.2118  0.0281  205 GLU A OE1 
40  O OE2 . GLU A 17 ? 0.7984 0.2667 0.3291 -0.0398 0.2128  -0.0091 205 GLU A OE2 
41  N N   . PRO A 18 ? 0.4665 0.3083 0.4722 -0.0271 0.1123  0.0801  206 PRO A N   
42  C CA  . PRO A 18 ? 0.3624 0.2208 0.3884 -0.0309 0.0909  0.0556  206 PRO A CA  
43  C C   . PRO A 18 ? 0.3834 0.2593 0.3800 -0.0186 0.0717  0.0480  206 PRO A C   
44  O O   . PRO A 18 ? 0.3638 0.2507 0.3322 -0.0126 0.0695  0.0517  206 PRO A O   
45  C CB  . PRO A 18 ? 0.4347 0.3190 0.4935 -0.0460 0.0910  0.0396  206 PRO A CB  
46  C CG  . PRO A 18 ? 0.4924 0.3725 0.5661 -0.0534 0.1140  0.0541  206 PRO A CG  
47  C CD  . PRO A 18 ? 0.5113 0.3665 0.5443 -0.0407 0.1304  0.0806  206 PRO A CD  
48  N N   . THR A 19 ? 0.3347 0.2145 0.3420 -0.0156 0.0582  0.0349  207 THR A N   
49  C CA  . THR A 19 ? 0.3021 0.2045 0.2974 -0.0084 0.0426  0.0258  207 THR A CA  
50  C C   . THR A 19 ? 0.2850 0.2103 0.2957 -0.0176 0.0372  0.0070  207 THR A C   
51  O O   . THR A 19 ? 0.2998 0.2237 0.3303 -0.0270 0.0399  -0.0029 207 THR A O   
52  C CB  . THR A 19 ? 0.3091 0.2051 0.3048 0.0052  0.0341  0.0266  207 THR A CB  
53  O OG1 . THR A 19 ? 0.3528 0.2351 0.3720 0.0028  0.0378  0.0170  207 THR A OG1 
54  C CG2 . THR A 19 ? 0.3825 0.2560 0.3537 0.0190  0.0349  0.0479  207 THR A CG2 
55  N N   . TYR A 20 ? 0.2751 0.2201 0.2759 -0.0142 0.0281  0.0030  208 TYR A N   
56  C CA  . TYR A 20 ? 0.2351 0.1995 0.2406 -0.0208 0.0246  -0.0084 208 TYR A CA  
57  C C   . TYR A 20 ? 0.2423 0.2221 0.2482 -0.0159 0.0187  -0.0124 208 TYR A C   
58  O O   . TYR A 20 ? 0.2443 0.2249 0.2525 -0.0078 0.0148  -0.0083 208 TYR A O   
59  C CB  . TYR A 20 ? 0.2339 0.2051 0.2297 -0.0249 0.0255  -0.0046 208 TYR A CB  
60  C CG  . TYR A 20 ? 0.2574 0.2216 0.2626 -0.0310 0.0353  -0.0019 208 TYR A CG  
61  C CD1 . TYR A 20 ? 0.2434 0.2162 0.2692 -0.0387 0.0341  -0.0120 208 TYR A CD1 
62  C CD2 . TYR A 20 ? 0.2705 0.2213 0.2649 -0.0283 0.0461  0.0114  208 TYR A CD2 
63  C CE1 . TYR A 20 ? 0.2765 0.2484 0.3244 -0.0461 0.0427  -0.0106 208 TYR A CE1 
64  C CE2 . TYR A 20 ? 0.2957 0.2433 0.3080 -0.0354 0.0604  0.0157  208 TYR A CE2 
65  C CZ  . TYR A 20 ? 0.3089 0.2696 0.3535 -0.0454 0.0581  0.0040  208 TYR A CZ  
66  O OH  . TYR A 20 ? 0.3264 0.2903 0.4024 -0.0542 0.0710  0.0066  208 TYR A OH  
67  N N   . CYS A 21 ? 0.1974 0.1908 0.2034 -0.0203 0.0183  -0.0190 209 CYS A N   
68  C CA  . CYS A 21 ? 0.2052 0.2144 0.2139 -0.0192 0.0169  -0.0184 209 CYS A CA  
69  C C   . CYS A 21 ? 0.1968 0.2133 0.2166 -0.0122 0.0216  -0.0224 209 CYS A C   
70  O O   . CYS A 21 ? 0.2351 0.2415 0.2578 -0.0062 0.0239  -0.0271 209 CYS A O   
71  C CB  . CYS A 21 ? 0.2134 0.2251 0.2219 -0.0190 0.0094  -0.0121 209 CYS A CB  
72  S SG  . CYS A 21 ? 0.2179 0.2478 0.2415 -0.0241 0.0066  -0.0119 209 CYS A SG  
73  N N   . VAL A 22 ? 0.1743 0.2081 0.2038 -0.0127 0.0253  -0.0205 210 VAL A N   
74  C CA  . VAL A 22 ? 0.2321 0.2795 0.2804 -0.0048 0.0328  -0.0224 210 VAL A CA  
75  C C   . VAL A 22 ? 0.2005 0.2478 0.2664 0.0037  0.0243  -0.0206 210 VAL A C   
76  O O   . VAL A 22 ? 0.2335 0.2824 0.3121 0.0148  0.0292  -0.0245 210 VAL A O   
77  C CB  . VAL A 22 ? 0.2691 0.3378 0.3359 -0.0098 0.0394  -0.0168 210 VAL A CB  
78  C CG1 . VAL A 22 ? 0.2707 0.3596 0.3660 -0.0015 0.0509  -0.0179 210 VAL A CG1 
79  C CG2 . VAL A 22 ? 0.2744 0.3385 0.3176 -0.0154 0.0485  -0.0142 210 VAL A CG2 
80  N N   . CYS A 23 ? 0.2122 0.2557 0.2750 0.0010  0.0109  -0.0150 211 CYS A N   
81  C CA  . CYS A 23 ? 0.1962 0.2420 0.2718 0.0119  -0.0011 -0.0114 211 CYS A CA  
82  C C   . CYS A 23 ? 0.2312 0.2501 0.2896 0.0211  -0.0020 -0.0071 211 CYS A C   
83  O O   . CYS A 23 ? 0.2596 0.2766 0.3258 0.0344  -0.0111 -0.0021 211 CYS A O   
84  C CB  . CYS A 23 ? 0.1963 0.2472 0.2690 0.0084  -0.0178 -0.0090 211 CYS A CB  
85  S SG  . CYS A 23 ? 0.2339 0.2581 0.2630 0.0023  -0.0189 -0.0055 211 CYS A SG  
86  N N   . HIS A 24 ? 0.2466 0.2454 0.2866 0.0145  0.0068  -0.0084 212 HIS A N   
87  C CA  . HIS A 24 ? 0.2610 0.2309 0.2918 0.0193  0.0099  -0.0032 212 HIS A CA  
88  C C   . HIS A 24 ? 0.2833 0.2389 0.2940 0.0246  0.0028  0.0112  212 HIS A C   
89  O O   . HIS A 24 ? 0.3429 0.2779 0.3493 0.0361  0.0021  0.0212  212 HIS A O   
90  C CB  . HIS A 24 ? 0.2584 0.2205 0.3064 0.0324  0.0128  -0.0068 212 HIS A CB  
91  C CG  . HIS A 24 ? 0.2443 0.2172 0.3036 0.0318  0.0220  -0.0227 212 HIS A CG  
92  N ND1 . HIS A 24 ? 0.2753 0.2447 0.3504 0.0457  0.0269  -0.0297 212 HIS A ND1 
93  C CD2 . HIS A 24 ? 0.3177 0.3030 0.3699 0.0222  0.0278  -0.0321 212 HIS A CD2 
94  C CE1 . HIS A 24 ? 0.3425 0.3209 0.4158 0.0447  0.0369  -0.0443 212 HIS A CE1 
95  N NE2 . HIS A 24 ? 0.2655 0.2527 0.3228 0.0306  0.0368  -0.0448 212 HIS A NE2 
96  N N   . GLN A 25 ? 0.2689 0.2322 0.2637 0.0180  -0.0014 0.0126  213 GLN A N   
97  C CA  . GLN A 25 ? 0.2843 0.2336 0.2494 0.0252  -0.0071 0.0243  213 GLN A CA  
98  C C   . GLN A 25 ? 0.3274 0.2649 0.2735 0.0157  0.0059  0.0279  213 GLN A C   
99  O O   . GLN A 25 ? 0.3030 0.2494 0.2630 0.0035  0.0131  0.0193  213 GLN A O   
100 C CB  . GLN A 25 ? 0.3080 0.2759 0.2694 0.0300  -0.0265 0.0198  213 GLN A CB  
101 C CG  . GLN A 25 ? 0.2997 0.2853 0.2882 0.0412  -0.0415 0.0174  213 GLN A CG  
102 C CD  . GLN A 25 ? 0.3681 0.3737 0.3603 0.0433  -0.0640 0.0103  213 GLN A CD  
103 O OE1 . GLN A 25 ? 0.4649 0.4884 0.4756 0.0301  -0.0652 0.0000  213 GLN A OE1 
104 N NE2 . GLN A 25 ? 0.4674 0.4675 0.4413 0.0599  -0.0835 0.0158  213 GLN A NE2 
105 N N   . VAL A 26 ? 0.3658 0.2841 0.2795 0.0238  0.0092  0.0412  214 VAL A N   
106 C CA  . VAL A 26 ? 0.3616 0.2714 0.2604 0.0171  0.0258  0.0459  214 VAL A CA  
107 C C   . VAL A 26 ? 0.3417 0.2694 0.2360 0.0115  0.0199  0.0332  214 VAL A C   
108 O O   . VAL A 26 ? 0.3316 0.2737 0.2287 0.0130  0.0023  0.0229  214 VAL A O   
109 C CB  . VAL A 26 ? 0.3973 0.2814 0.2550 0.0296  0.0351  0.0652  214 VAL A CB  
110 C CG1 . VAL A 26 ? 0.4654 0.3241 0.3305 0.0337  0.0457  0.0818  214 VAL A CG1 
111 C CG2 . VAL A 26 ? 0.4401 0.3243 0.2585 0.0466  0.0136  0.0649  214 VAL A CG2 
112 N N   . SER A 27 ? 0.3528 0.2786 0.2442 0.0057  0.0356  0.0343  215 SER A N   
113 C CA  . SER A 27 ? 0.3173 0.2537 0.2015 0.0036  0.0324  0.0236  215 SER A CA  
114 C C   . SER A 27 ? 0.3636 0.2931 0.2088 0.0157  0.0189  0.0203  215 SER A C   
115 O O   . SER A 27 ? 0.4281 0.3407 0.2360 0.0284  0.0216  0.0308  215 SER A O   
116 C CB  . SER A 27 ? 0.3759 0.3109 0.2638 -0.0003 0.0541  0.0275  215 SER A CB  
117 O OG  . SER A 27 ? 0.3515 0.2958 0.2805 -0.0124 0.0610  0.0260  215 SER A OG  
118 N N   . PHE A 28 ? 0.3864 0.3269 0.2395 0.0117  0.0045  0.0053  216 PHE A N   
119 C CA  . PHE A 28 ? 0.3802 0.3131 0.1998 0.0213  -0.0107 -0.0043 216 PHE A CA  
120 C C   . PHE A 28 ? 0.3662 0.3073 0.2072 0.0118  -0.0186 -0.0198 216 PHE A C   
121 O O   . PHE A 28 ? 0.3196 0.2740 0.1982 0.0000  -0.0167 -0.0203 216 PHE A O   
122 C CB  . PHE A 28 ? 0.3906 0.3237 0.1988 0.0306  -0.0346 -0.0050 216 PHE A CB  
123 C CG  . PHE A 28 ? 0.4360 0.3905 0.2915 0.0213  -0.0496 -0.0111 216 PHE A CG  
124 C CD1 . PHE A 28 ? 0.4507 0.4169 0.3297 0.0128  -0.0648 -0.0264 216 PHE A CD1 
125 C CD2 . PHE A 28 ? 0.3878 0.3492 0.2657 0.0222  -0.0469 -0.0013 216 PHE A CD2 
126 C CE1 . PHE A 28 ? 0.3918 0.3794 0.3171 0.0042  -0.0734 -0.0294 216 PHE A CE1 
127 C CE2 . PHE A 28 ? 0.3474 0.3307 0.2686 0.0161  -0.0567 -0.0070 216 PHE A CE2 
128 C CZ  . PHE A 28 ? 0.3786 0.3765 0.3239 0.0068  -0.0681 -0.0197 216 PHE A CZ  
129 N N   . GLY A 29 ? 0.4055 0.3347 0.2185 0.0186  -0.0250 -0.0317 217 GLY A N   
130 C CA  . GLY A 29 ? 0.3706 0.3006 0.2043 0.0104  -0.0339 -0.0463 217 GLY A CA  
131 C C   . GLY A 29 ? 0.3547 0.2896 0.2145 0.0026  -0.0164 -0.0423 217 GLY A C   
132 O O   . GLY A 29 ? 0.3780 0.3156 0.2367 0.0050  0.0034  -0.0329 217 GLY A O   
133 N N   . ASP A 30 ? 0.3159 0.2528 0.2033 -0.0069 -0.0243 -0.0487 218 ASP A N   
134 C CA  . ASP A 30 ? 0.3030 0.2439 0.2127 -0.0118 -0.0122 -0.0435 218 ASP A CA  
135 C C   . ASP A 30 ? 0.2869 0.2458 0.2211 -0.0198 -0.0075 -0.0317 218 ASP A C   
136 O O   . ASP A 30 ? 0.2627 0.2297 0.2100 -0.0254 -0.0158 -0.0306 218 ASP A O   
137 C CB  . ASP A 30 ? 0.3452 0.2754 0.2715 -0.0177 -0.0210 -0.0513 218 ASP A CB  
138 C CG  . ASP A 30 ? 0.4026 0.3108 0.3065 -0.0098 -0.0278 -0.0675 218 ASP A CG  
139 O OD1 . ASP A 30 ? 0.4744 0.3763 0.3596 0.0013  -0.0151 -0.0690 218 ASP A OD1 
140 O OD2 . ASP A 30 ? 0.4818 0.3802 0.3884 -0.0140 -0.0457 -0.0805 218 ASP A OD2 
141 N N   . MET A 31 ? 0.2271 0.1932 0.1692 -0.0194 0.0045  -0.0252 219 MET A N   
142 C CA  . MET A 31 ? 0.2219 0.2017 0.1814 -0.0251 0.0069  -0.0184 219 MET A CA  
143 C C   . MET A 31 ? 0.2598 0.2444 0.2314 -0.0256 0.0094  -0.0163 219 MET A C   
144 O O   . MET A 31 ? 0.2642 0.2467 0.2369 -0.0203 0.0130  -0.0180 219 MET A O   
145 C CB  . MET A 31 ? 0.2534 0.2371 0.2106 -0.0233 0.0147  -0.0142 219 MET A CB  
146 C CG  . MET A 31 ? 0.2821 0.2583 0.2214 -0.0191 0.0105  -0.0130 219 MET A CG  
147 S SD  . MET A 31 ? 0.2846 0.2568 0.2211 -0.0167 0.0222  -0.0033 219 MET A SD  
148 C CE  . MET A 31 ? 0.2733 0.2556 0.2344 -0.0226 0.0173  -0.0043 219 MET A CE  
149 N N   . ILE A 32 ? 0.2097 0.2016 0.1886 -0.0295 0.0076  -0.0125 220 ILE A N   
150 C CA  . ILE A 32 ? 0.2047 0.2001 0.1867 -0.0270 0.0066  -0.0094 220 ILE A CA  
151 C C   . ILE A 32 ? 0.2318 0.2393 0.2167 -0.0273 0.0060  -0.0112 220 ILE A C   
152 O O   . ILE A 32 ? 0.2275 0.2373 0.2112 -0.0303 0.0078  -0.0126 220 ILE A O   
153 C CB  . ILE A 32 ? 0.1995 0.1869 0.1790 -0.0291 0.0059  -0.0023 220 ILE A CB  
154 C CG1 . ILE A 32 ? 0.2590 0.2462 0.2320 -0.0224 0.0038  0.0040  220 ILE A CG1 
155 C CG2 . ILE A 32 ? 0.2460 0.2402 0.2278 -0.0348 0.0097  0.0005  220 ILE A CG2 
156 C CD1 . ILE A 32 ? 0.2294 0.1999 0.1989 -0.0234 0.0068  0.0156  220 ILE A CD1 
157 N N   . ALA A 33 ? 0.1975 0.2124 0.1888 -0.0232 0.0015  -0.0134 221 ALA A N   
158 C CA  . ALA A 33 ? 0.1752 0.2003 0.1710 -0.0235 -0.0040 -0.0200 221 ALA A CA  
159 C C   . ALA A 33 ? 0.2211 0.2458 0.1961 -0.0182 -0.0104 -0.0180 221 ALA A C   
160 O O   . ALA A 33 ? 0.2535 0.2735 0.2176 -0.0117 -0.0137 -0.0102 221 ALA A O   
161 C CB  . ALA A 33 ? 0.1754 0.2132 0.1961 -0.0220 -0.0086 -0.0256 221 ALA A CB  
162 N N   . CYS A 34 ? 0.2049 0.2347 0.2224 0.0003  0.0067  -0.0182 222 CYS A N   
163 C CA  . CYS A 34 ? 0.2029 0.2206 0.2245 -0.0112 0.0076  -0.0141 222 CYS A CA  
164 C C   . CYS A 34 ? 0.1697 0.1812 0.1911 -0.0112 0.0061  -0.0043 222 CYS A C   
165 O O   . CYS A 34 ? 0.1920 0.2144 0.2196 -0.0075 0.0064  0.0028  222 CYS A O   
166 C CB  . CYS A 34 ? 0.1707 0.1919 0.1914 -0.0146 0.0092  -0.0132 222 CYS A CB  
167 S SG  . CYS A 34 ? 0.2199 0.2328 0.2315 -0.0232 0.0142  -0.0115 222 CYS A SG  
168 N N   . ASP A 35 ? 0.2004 0.1955 0.2188 -0.0164 0.0030  -0.0014 223 ASP A N   
169 C CA  . ASP A 35 ? 0.1974 0.1850 0.2168 -0.0141 -0.0044 0.0069  223 ASP A CA  
170 C C   . ASP A 35 ? 0.2133 0.2035 0.2276 -0.0176 -0.0094 0.0120  223 ASP A C   
171 O O   . ASP A 35 ? 0.2068 0.1989 0.2327 -0.0150 -0.0193 0.0173  223 ASP A O   
172 C CB  . ASP A 35 ? 0.2284 0.1916 0.2384 -0.0190 -0.0101 0.0139  223 ASP A CB  
173 C CG  . ASP A 35 ? 0.2501 0.1998 0.2743 -0.0142 -0.0149 0.0086  223 ASP A CG  
174 O OD1 . ASP A 35 ? 0.2481 0.2093 0.2851 -0.0012 -0.0152 -0.0042 223 ASP A OD1 
175 O OD2 . ASP A 35 ? 0.2835 0.2080 0.3042 -0.0224 -0.0197 0.0181  223 ASP A OD2 
176 N N   . ASN A 36 ? 0.2082 0.1977 0.2099 -0.0218 -0.0059 0.0077  224 ASN A N   
177 C CA  . ASN A 36 ? 0.2348 0.2188 0.2305 -0.0225 -0.0162 0.0061  224 ASN A CA  
178 C C   . ASN A 36 ? 0.1854 0.1792 0.2087 -0.0227 -0.0212 0.0099  224 ASN A C   
179 O O   . ASN A 36 ? 0.2098 0.2111 0.2398 -0.0215 -0.0141 0.0099  224 ASN A O   
180 C CB  . ASN A 36 ? 0.2290 0.2104 0.2039 -0.0218 -0.0097 -0.0038 224 ASN A CB  
181 C CG  . ASN A 36 ? 0.2498 0.2200 0.2137 -0.0179 -0.0236 -0.0135 224 ASN A CG  
182 O OD1 . ASN A 36 ? 0.2651 0.2254 0.2340 -0.0188 -0.0419 -0.0119 224 ASN A OD1 
183 N ND2 . ASN A 36 ? 0.2728 0.2451 0.2250 -0.0115 -0.0171 -0.0275 224 ASN A ND2 
184 N N   . GLU A 37 ? 0.1925 0.1886 0.2367 -0.0251 -0.0341 0.0167  225 GLU A N   
185 C CA  . GLU A 37 ? 0.1788 0.1868 0.2579 -0.0302 -0.0370 0.0270  225 GLU A CA  
186 C C   . GLU A 37 ? 0.2330 0.2237 0.3106 -0.0333 -0.0454 0.0225  225 GLU A C   
187 O O   . GLU A 37 ? 0.2453 0.2411 0.3471 -0.0383 -0.0444 0.0359  225 GLU A O   
188 C CB  . GLU A 37 ? 0.2046 0.2203 0.3192 -0.0356 -0.0532 0.0346  225 GLU A CB  
189 C CG  . GLU A 37 ? 0.2215 0.2593 0.3518 -0.0289 -0.0471 0.0398  225 GLU A CG  
190 C CD  . GLU A 37 ? 0.2880 0.3607 0.4413 -0.0243 -0.0238 0.0510  225 GLU A CD  
191 O OE1 . GLU A 37 ? 0.2788 0.3606 0.4360 -0.0290 -0.0121 0.0615  225 GLU A OE1 
192 O OE2 . GLU A 37 ? 0.2352 0.3257 0.4003 -0.0133 -0.0185 0.0493  225 GLU A OE2 
193 N N   . ASN A 38 ? 0.2331 0.2030 0.2816 -0.0287 -0.0540 0.0046  226 ASN A N   
194 C CA  . ASN A 38 ? 0.2510 0.2009 0.2980 -0.0257 -0.0658 -0.0073 226 ASN A CA  
195 C C   . ASN A 38 ? 0.2335 0.1877 0.2615 -0.0165 -0.0502 -0.0170 226 ASN A C   
196 O O   . ASN A 38 ? 0.2800 0.2200 0.2999 -0.0076 -0.0578 -0.0343 226 ASN A O   
197 C CB  . ASN A 38 ? 0.2498 0.1776 0.2760 -0.0211 -0.0878 -0.0271 226 ASN A CB  
198 C CG  . ASN A 38 ? 0.2922 0.2169 0.3442 -0.0299 -0.1101 -0.0202 226 ASN A CG  
199 O OD1 . ASN A 38 ? 0.3118 0.2322 0.3398 -0.0261 -0.1217 -0.0275 226 ASN A OD1 
200 N ND2 . ASN A 38 ? 0.2834 0.2117 0.3873 -0.0423 -0.1182 -0.0038 226 ASN A ND2 
201 N N   . CYS A 39 ? 0.2342 0.2082 0.2610 -0.0171 -0.0320 -0.0083 227 CYS A N   
202 C CA  . CYS A 39 ? 0.2015 0.1858 0.2214 -0.0103 -0.0199 -0.0166 227 CYS A CA  
203 C C   . CYS A 39 ? 0.2215 0.1959 0.2539 -0.0029 -0.0297 -0.0213 227 CYS A C   
204 O O   . CYS A 39 ? 0.2555 0.2217 0.3042 -0.0065 -0.0386 -0.0053 227 CYS A O   
205 C CB  . CYS A 39 ? 0.2137 0.2154 0.2376 -0.0120 -0.0087 -0.0070 227 CYS A CB  
206 S SG  . CYS A 39 ? 0.2097 0.2261 0.2361 -0.0056 -0.0019 -0.0183 227 CYS A SG  
207 N N   . GLN A 40 ? 0.2184 0.1944 0.2451 0.0080  -0.0281 -0.0410 228 GLN A N   
208 C CA  . GLN A 40 ? 0.2857 0.2527 0.3280 0.0202  -0.0392 -0.0493 228 GLN A CA  
209 C C   . GLN A 40 ? 0.2429 0.2358 0.2950 0.0269  -0.0292 -0.0531 228 GLN A C   
210 O O   . GLN A 40 ? 0.2648 0.2561 0.3326 0.0414  -0.0381 -0.0645 228 GLN A O   
211 C CB  . GLN A 40 ? 0.2994 0.2521 0.3342 0.0343  -0.0477 -0.0757 228 GLN A CB  
212 C CG  . GLN A 40 ? 0.3916 0.3168 0.4171 0.0284  -0.0647 -0.0772 228 GLN A CG  
213 C CD  . GLN A 40 ? 0.5200 0.4195 0.5745 0.0184  -0.0854 -0.0576 228 GLN A CD  
214 O OE1 . GLN A 40 ? 0.5834 0.4666 0.6572 0.0256  -0.0976 -0.0561 228 GLN A OE1 
215 N NE2 . GLN A 40 ? 0.5474 0.4452 0.6102 0.0015  -0.0893 -0.0389 228 GLN A NE2 
216 N N   . GLY A 41 ? 0.2247 0.2388 0.2729 0.0181  -0.0151 -0.0465 229 GLY A N   
217 C CA  . GLY A 41 ? 0.2057 0.2449 0.2703 0.0216  -0.0106 -0.0520 229 GLY A CA  
218 C C   . GLY A 41 ? 0.2116 0.2506 0.2769 0.0232  -0.0212 -0.0407 229 GLY A C   
219 O O   . GLY A 41 ? 0.2511 0.3095 0.3319 0.0278  -0.0249 -0.0488 229 GLY A O   
220 N N   . GLY A 42 ? 0.2580 0.2799 0.3080 0.0199  -0.0264 -0.0223 230 GLY A N   
221 C CA  . GLY A 42 ? 0.2480 0.2717 0.2860 0.0246  -0.0335 -0.0080 230 GLY A CA  
222 C C   . GLY A 42 ? 0.2229 0.2510 0.2421 0.0182  -0.0233 0.0061  230 GLY A C   
223 O O   . GLY A 42 ? 0.2427 0.2766 0.2421 0.0248  -0.0249 0.0185  230 GLY A O   
224 N N   . GLU A 43 ? 0.2146 0.2419 0.2374 0.0087  -0.0132 0.0038  231 GLU A N   
225 C CA  . GLU A 43 ? 0.1882 0.2220 0.2043 0.0045  -0.0036 0.0156  231 GLU A CA  
226 C C   . GLU A 43 ? 0.1973 0.2450 0.1984 0.0119  0.0014  0.0068  231 GLU A C   
227 O O   . GLU A 43 ? 0.2080 0.2566 0.2125 0.0094  0.0069  0.0008  231 GLU A O   
228 C CB  . GLU A 43 ? 0.2034 0.2373 0.2224 0.0021  -0.0028 0.0422  231 GLU A CB  
229 C CG  . GLU A 43 ? 0.3062 0.3572 0.3321 -0.0021 0.0099  0.0543  231 GLU A CG  
230 C CD  . GLU A 43 ? 0.5657 0.6258 0.6046 -0.0083 0.0151  0.0858  231 GLU A CD  
231 O OE1 . GLU A 43 ? 0.5762 0.6310 0.6023 -0.0054 0.0120  0.1022  231 GLU A OE1 
232 O OE2 . GLU A 43 ? 0.6361 0.7089 0.7026 -0.0174 0.0209  0.0968  231 GLU A OE2 
233 N N   . TRP A 44 ? 0.2233 0.2206 0.2185 -0.0258 0.0262  -0.0024 232 TRP A N   
234 C CA  . TRP A 44 ? 0.2095 0.2098 0.1901 -0.0225 0.0278  0.0069  232 TRP A CA  
235 C C   . TRP A 44 ? 0.2709 0.2672 0.2395 -0.0165 0.0243  0.0102  232 TRP A C   
236 O O   . TRP A 44 ? 0.2596 0.2465 0.2340 -0.0134 0.0235  0.0105  232 TRP A O   
237 C CB  . TRP A 44 ? 0.2303 0.2228 0.2108 -0.0246 0.0382  0.0160  232 TRP A CB  
238 C CG  . TRP A 44 ? 0.2297 0.2335 0.2334 -0.0304 0.0442  0.0118  232 TRP A CG  
239 C CD1 . TRP A 44 ? 0.2284 0.2329 0.2617 -0.0386 0.0488  0.0073  232 TRP A CD1 
240 C CD2 . TRP A 44 ? 0.2061 0.2230 0.2147 -0.0284 0.0462  0.0098  232 TRP A CD2 
241 N NE1 . TRP A 44 ? 0.2386 0.2607 0.2993 -0.0421 0.0525  0.0021  232 TRP A NE1 
242 C CE2 . TRP A 44 ? 0.2203 0.2501 0.2662 -0.0345 0.0514  0.0038  232 TRP A CE2 
243 C CE3 . TRP A 44 ? 0.2162 0.2353 0.2078 -0.0217 0.0434  0.0105  232 TRP A CE3 
244 C CZ2 . TRP A 44 ? 0.2174 0.2641 0.2858 -0.0322 0.0543  -0.0009 232 TRP A CZ2 
245 C CZ3 . TRP A 44 ? 0.2477 0.2788 0.2575 -0.0194 0.0467  0.0059  232 TRP A CZ3 
246 C CH2 . TRP A 44 ? 0.2159 0.2618 0.2643 -0.0235 0.0524  0.0004  232 TRP A CH2 
247 N N   . PHE A 45 ? 0.2293 0.2314 0.1875 -0.0143 0.0211  0.0119  233 PHE A N   
248 C CA  . PHE A 45 ? 0.1924 0.1972 0.1515 -0.0107 0.0161  0.0110  233 PHE A CA  
249 C C   . PHE A 45 ? 0.2378 0.2398 0.1856 -0.0082 0.0105  0.0144  233 PHE A C   
250 O O   . PHE A 45 ? 0.2711 0.2736 0.2113 -0.0098 0.0122  0.0142  233 PHE A O   
251 C CB  . PHE A 45 ? 0.2045 0.2200 0.1680 -0.0139 0.0188  0.0051  233 PHE A CB  
252 C CG  . PHE A 45 ? 0.1859 0.2019 0.1523 -0.0152 0.0231  -0.0025 233 PHE A CG  
253 C CD1 . PHE A 45 ? 0.2265 0.2442 0.2065 -0.0121 0.0272  -0.0096 233 PHE A CD1 
254 C CD2 . PHE A 45 ? 0.2038 0.2187 0.1644 -0.0183 0.0213  -0.0055 233 PHE A CD2 
255 C CE1 . PHE A 45 ? 0.2384 0.2535 0.2191 -0.0125 0.0317  -0.0207 233 PHE A CE1 
256 C CE2 . PHE A 45 ? 0.2074 0.2204 0.1694 -0.0196 0.0222  -0.0168 233 PHE A CE2 
257 C CZ  . PHE A 45 ? 0.2578 0.2692 0.2269 -0.0168 0.0284  -0.0247 233 PHE A CZ  
258 N N   . HIS A 46 ? 0.2349 0.2329 0.1825 -0.0029 0.0014  0.0160  234 HIS A N   
259 C CA  . HIS A 46 ? 0.2234 0.2182 0.1570 -0.0002 -0.0085 0.0151  234 HIS A CA  
260 C C   . HIS A 46 ? 0.2232 0.2297 0.1739 -0.0052 -0.0100 0.0076  234 HIS A C   
261 O O   . HIS A 46 ? 0.2441 0.2622 0.2197 -0.0079 -0.0076 0.0045  234 HIS A O   
262 C CB  . HIS A 46 ? 0.2559 0.2450 0.1880 0.0081  -0.0249 0.0173  234 HIS A CB  
263 C CG  . HIS A 46 ? 0.3173 0.2877 0.2321 0.0132  -0.0235 0.0289  234 HIS A CG  
264 N ND1 . HIS A 46 ? 0.3137 0.2826 0.2521 0.0169  -0.0242 0.0309  234 HIS A ND1 
265 C CD2 . HIS A 46 ? 0.2955 0.2455 0.1738 0.0139  -0.0172 0.0396  234 HIS A CD2 
266 C CE1 . HIS A 46 ? 0.3292 0.2746 0.2473 0.0196  -0.0212 0.0439  234 HIS A CE1 
267 N NE2 . HIS A 46 ? 0.3155 0.2490 0.1951 0.0173  -0.0159 0.0507  234 HIS A NE2 
268 N N   . TYR A 47 ? 0.2455 0.2469 0.1843 -0.0066 -0.0115 0.0042  235 TYR A N   
269 C CA  . TYR A 47 ? 0.2193 0.2258 0.1770 -0.0127 -0.0122 -0.0008 235 TYR A CA  
270 C C   . TYR A 47 ? 0.2203 0.2389 0.2083 -0.0152 -0.0201 -0.0060 235 TYR A C   
271 O O   . TYR A 47 ? 0.2604 0.2871 0.2716 -0.0226 -0.0109 -0.0058 235 TYR A O   
272 C CB  . TYR A 47 ? 0.2727 0.2681 0.2179 -0.0121 -0.0169 -0.0075 235 TYR A CB  
273 C CG  . TYR A 47 ? 0.2704 0.2591 0.2074 -0.0114 -0.0064 -0.0053 235 TYR A CG  
274 C CD1 . TYR A 47 ? 0.2699 0.2623 0.2023 -0.0097 0.0032  0.0015  235 TYR A CD1 
275 C CD2 . TYR A 47 ? 0.2887 0.2672 0.2284 -0.0116 -0.0081 -0.0124 235 TYR A CD2 
276 C CE1 . TYR A 47 ? 0.3144 0.3050 0.2496 -0.0074 0.0091  0.0015  235 TYR A CE1 
277 C CE2 . TYR A 47 ? 0.3211 0.2941 0.2613 -0.0080 -0.0007 -0.0115 235 TYR A CE2 
278 C CZ  . TYR A 47 ? 0.3123 0.2935 0.2518 -0.0055 0.0070  -0.0045 235 TYR A CZ  
279 O OH  . TYR A 47 ? 0.2975 0.2778 0.2473 -0.0004 0.0113  -0.0053 235 TYR A OH  
280 N N   . THR A 48 ? 0.2176 0.2370 0.2060 -0.0088 -0.0372 -0.0104 236 THR A N   
281 C CA  . THR A 48 ? 0.2147 0.2509 0.2452 -0.0107 -0.0480 -0.0186 236 THR A CA  
282 C C   . THR A 48 ? 0.2582 0.3104 0.3201 -0.0113 -0.0347 -0.0163 236 THR A C   
283 O O   . THR A 48 ? 0.2547 0.3241 0.3588 -0.0186 -0.0277 -0.0223 236 THR A O   
284 C CB  . THR A 48 ? 0.3103 0.3435 0.3329 -0.0014 -0.0755 -0.0243 236 THR A CB  
285 O OG1 . THR A 48 ? 0.4244 0.4445 0.4222 -0.0034 -0.0847 -0.0325 236 THR A OG1 
286 C CG2 . THR A 48 ? 0.3721 0.4284 0.4514 -0.0013 -0.0907 -0.0344 236 THR A CG2 
287 N N   . CYS A 49 ? 0.2115 0.2574 0.2557 -0.0054 -0.0276 -0.0095 237 CYS A N   
288 C CA  . CYS A 49 ? 0.1866 0.2443 0.2566 -0.0045 -0.0147 -0.0116 237 CYS A CA  
289 C C   . CYS A 49 ? 0.2101 0.2731 0.2811 -0.0154 0.0087  -0.0118 237 CYS A C   
290 O O   . CYS A 49 ? 0.2218 0.2984 0.3181 -0.0171 0.0234  -0.0175 237 CYS A O   
291 C CB  . CYS A 49 ? 0.2416 0.2855 0.2908 0.0032  -0.0136 -0.0060 237 CYS A CB  
292 S SG  . CYS A 49 ? 0.2456 0.2753 0.2860 0.0170  -0.0384 0.0003  237 CYS A SG  
293 N N   . VAL A 50 ? 0.2089 0.2600 0.2519 -0.0214 0.0121  -0.0058 238 VAL A N   
294 C CA  . VAL A 50 ? 0.2116 0.2607 0.2431 -0.0295 0.0304  -0.0016 238 VAL A CA  
295 C C   . VAL A 50 ? 0.2298 0.2742 0.2681 -0.0391 0.0335  0.0022  238 VAL A C   
296 O O   . VAL A 50 ? 0.2889 0.3230 0.3079 -0.0450 0.0456  0.0107  238 VAL A O   
297 C CB  . VAL A 50 ? 0.2074 0.2438 0.2023 -0.0269 0.0313  0.0037  238 VAL A CB  
298 C CG1 . VAL A 50 ? 0.2272 0.2662 0.2222 -0.0212 0.0332  -0.0018 238 VAL A CG1 
299 C CG2 . VAL A 50 ? 0.2340 0.2592 0.2125 -0.0238 0.0195  0.0076  238 VAL A CG2 
300 N N   . GLY A 51 ? 0.2136 0.2634 0.2802 -0.0408 0.0215  -0.0042 239 GLY A N   
301 C CA  . GLY A 51 ? 0.2333 0.2786 0.3195 -0.0524 0.0262  -0.0032 239 GLY A CA  
302 C C   . GLY A 51 ? 0.2430 0.2647 0.3033 -0.0528 0.0196  0.0020  239 GLY A C   
303 O O   . GLY A 51 ? 0.2762 0.2857 0.3469 -0.0629 0.0271  0.0070  239 GLY A O   
304 N N   . LEU A 52 ? 0.2240 0.2378 0.2554 -0.0424 0.0078  0.0006  240 LEU A N   
305 C CA  . LEU A 52 ? 0.2427 0.2370 0.2561 -0.0400 0.0032  0.0020  240 LEU A CA  
306 C C   . LEU A 52 ? 0.2832 0.2728 0.3020 -0.0378 -0.0128 -0.0124 240 LEU A C   
307 O O   . LEU A 52 ? 0.2709 0.2706 0.2915 -0.0338 -0.0245 -0.0207 240 LEU A O   
308 C CB  . LEU A 52 ? 0.2775 0.2685 0.2618 -0.0310 0.0045  0.0071  240 LEU A CB  
309 C CG  . LEU A 52 ? 0.3205 0.3130 0.2932 -0.0325 0.0147  0.0181  240 LEU A CG  
310 C CD1 . LEU A 52 ? 0.3599 0.3520 0.3155 -0.0242 0.0113  0.0191  240 LEU A CD1 
311 C CD2 . LEU A 52 ? 0.3437 0.3209 0.3150 -0.0390 0.0210  0.0288  240 LEU A CD2 
312 N N   . THR A 53 ? 0.2927 0.2642 0.3141 -0.0400 -0.0148 -0.0161 241 THR A N   
313 C CA  . THR A 53 ? 0.2938 0.2566 0.3155 -0.0378 -0.0300 -0.0342 241 THR A CA  
314 C C   . THR A 53 ? 0.2999 0.2587 0.2827 -0.0250 -0.0330 -0.0399 241 THR A C   
315 O O   . THR A 53 ? 0.3038 0.2549 0.2733 -0.0194 -0.0233 -0.0352 241 THR A O   
316 C CB  . THR A 53 ? 0.3262 0.2656 0.3649 -0.0437 -0.0288 -0.0378 241 THR A CB  
317 O OG1 . THR A 53 ? 0.3625 0.3018 0.4363 -0.0582 -0.0203 -0.0285 241 THR A OG1 
318 C CG2 . THR A 53 ? 0.3657 0.2942 0.4046 -0.0418 -0.0455 -0.0622 241 THR A CG2 
319 N N   . PRO A 54 ? 0.3082 0.2714 0.2728 -0.0201 -0.0464 -0.0499 242 PRO A N   
320 C CA  . PRO A 54 ? 0.3407 0.2954 0.2610 -0.0095 -0.0445 -0.0541 242 PRO A CA  
321 C C   . PRO A 54 ? 0.3685 0.3057 0.2785 -0.0057 -0.0379 -0.0667 242 PRO A C   
322 O O   . PRO A 54 ? 0.3670 0.2922 0.2968 -0.0097 -0.0448 -0.0797 242 PRO A O   
323 C CB  . PRO A 54 ? 0.4060 0.3608 0.3060 -0.0058 -0.0660 -0.0643 242 PRO A CB  
324 C CG  . PRO A 54 ? 0.4013 0.3753 0.3423 -0.0118 -0.0748 -0.0581 242 PRO A CG  
325 C CD  . PRO A 54 ? 0.3269 0.3032 0.3112 -0.0232 -0.0639 -0.0564 242 PRO A CD  
326 N N   . GLU A 55 ? 0.3456 0.2815 0.2313 0.0019  -0.0221 -0.0631 243 GLU A N   
327 C CA  . GLU A 55 ? 0.3978 0.3213 0.2755 0.0087  -0.0111 -0.0766 243 GLU A CA  
328 C C   . GLU A 55 ? 0.3254 0.2432 0.2435 0.0074  -0.0084 -0.0742 243 GLU A C   
329 O O   . GLU A 55 ? 0.3539 0.2550 0.2806 0.0107  -0.0093 -0.0897 243 GLU A O   
330 C CB  . GLU A 55 ? 0.5005 0.4069 0.3465 0.0124  -0.0208 -0.1012 243 GLU A CB  
331 C CG  . GLU A 55 ? 0.6372 0.5343 0.4609 0.0223  -0.0004 -0.1151 243 GLU A CG  
332 C CD  . GLU A 55 ? 0.7097 0.5874 0.4883 0.0274  -0.0067 -0.1424 243 GLU A CD  
333 O OE1 . GLU A 55 ? 0.6906 0.5640 0.4416 0.0248  -0.0295 -0.1472 243 GLU A OE1 
334 O OE2 . GLU A 55 ? 0.7145 0.5816 0.4862 0.0352  0.0103  -0.1605 243 GLU A OE2 
335 N N   . THR A 56 ? 0.3250 0.3374 0.2689 -0.0379 0.0432  -0.0734 244 THR A N   
336 C CA  . THR A 56 ? 0.3267 0.3305 0.3017 -0.0217 0.0394  -0.0750 244 THR A CA  
337 C C   . THR A 56 ? 0.3422 0.3622 0.3283 -0.0268 0.0360  -0.0582 244 THR A C   
338 O O   . THR A 56 ? 0.3525 0.3735 0.3165 -0.0445 0.0298  -0.0408 244 THR A O   
339 C CB  . THR A 56 ? 0.3156 0.2776 0.2870 -0.0189 0.0276  -0.0697 244 THR A CB  
340 O OG1 . THR A 56 ? 0.3271 0.2815 0.2823 -0.0276 0.0178  -0.0524 244 THR A OG1 
341 C CG2 . THR A 56 ? 0.3595 0.3063 0.3145 -0.0200 0.0291  -0.0841 244 THR A CG2 
342 N N   . ARG A 57 ? 0.3058 0.3349 0.3228 -0.0113 0.0355  -0.0642 245 ARG A N   
343 C CA  . ARG A 57 ? 0.2941 0.3380 0.3245 -0.0153 0.0319  -0.0480 245 ARG A CA  
344 C C   . ARG A 57 ? 0.2820 0.2822 0.3143 -0.0121 0.0179  -0.0318 245 ARG A C   
345 O O   . ARG A 57 ? 0.3200 0.2887 0.3471 -0.0079 0.0120  -0.0350 245 ARG A O   
346 C CB  . ARG A 57 ? 0.3591 0.4465 0.4229 0.0024  0.0374  -0.0663 245 ARG A CB  
347 C CG  . ARG A 57 ? 0.4377 0.5879 0.5046 0.0058  0.0511  -0.0924 245 ARG A CG  
348 C CD  . ARG A 57 ? 0.5564 0.7650 0.6056 -0.0280 0.0604  -0.0773 245 ARG A CD  
349 N NE  . ARG A 57 ? 0.6583 0.9644 0.7270 -0.0252 0.0731  -0.1005 245 ARG A NE  
350 C CZ  . ARG A 57 ? 0.7445 1.1159 0.7985 -0.0436 0.0853  -0.1110 245 ARG A CZ  
351 N NH1 . ARG A 57 ? 0.8090 1.1456 0.8269 -0.0658 0.0852  -0.0985 245 ARG A NH1 
352 N NH2 . ARG A 57 ? 0.7630 1.2429 0.8382 -0.0394 0.0965  -0.1361 245 ARG A NH2 
353 N N   . PHE A 58 ? 0.2776 0.2823 0.3159 -0.0171 0.0118  -0.0141 246 PHE A N   
354 C CA  . PHE A 58 ? 0.2653 0.2409 0.3087 -0.0128 -0.0012 -0.0004 246 PHE A CA  
355 C C   . PHE A 58 ? 0.2578 0.2461 0.3276 -0.0072 -0.0031 0.0075  246 PHE A C   
356 O O   . PHE A 58 ? 0.2699 0.2713 0.3344 -0.0180 -0.0067 0.0222  246 PHE A O   
357 C CB  . PHE A 58 ? 0.3084 0.2691 0.3217 -0.0219 -0.0142 0.0123  246 PHE A CB  
358 C CG  . PHE A 58 ? 0.3322 0.2785 0.3473 -0.0156 -0.0267 0.0183  246 PHE A CG  
359 C CD1 . PHE A 58 ? 0.2962 0.2412 0.3274 -0.0116 -0.0351 0.0315  246 PHE A CD1 
360 C CD2 . PHE A 58 ? 0.3776 0.3225 0.3773 -0.0160 -0.0303 0.0105  246 PHE A CD2 
361 C CE1 . PHE A 58 ? 0.3124 0.2570 0.3449 -0.0082 -0.0462 0.0359  246 PHE A CE1 
362 C CE2 . PHE A 58 ? 0.4495 0.4025 0.4498 -0.0149 -0.0415 0.0148  246 PHE A CE2 
363 C CZ  . PHE A 58 ? 0.3382 0.2922 0.3547 -0.0108 -0.0494 0.0274  246 PHE A CZ  
364 N N   . LYS A 59 ? 0.2573 0.2384 0.3520 0.0089  -0.0044 -0.0032 247 LYS A N   
365 C CA  . LYS A 59 ? 0.2544 0.2562 0.3769 0.0191  -0.0052 -0.0033 247 LYS A CA  
366 C C   . LYS A 59 ? 0.2779 0.2605 0.4067 0.0161  -0.0163 0.0190  247 LYS A C   
367 O O   . LYS A 59 ? 0.2915 0.2983 0.4363 0.0168  -0.0156 0.0255  247 LYS A O   
368 C CB  . LYS A 59 ? 0.3211 0.3155 0.4633 0.0437  -0.0105 -0.0281 247 LYS A CB  
369 C CG  . LYS A 59 ? 0.4500 0.4938 0.5974 0.0545  0.0013  -0.0567 247 LYS A CG  
370 C CD  . LYS A 59 ? 0.6053 0.6242 0.7619 0.0850  -0.0135 -0.0872 247 LYS A CD  
371 C CE  . LYS A 59 ? 0.6796 0.6437 0.8453 0.0963  -0.0370 -0.0794 247 LYS A CE  
372 N NZ  . LYS A 59 ? 0.8091 0.6992 0.9555 0.1021  -0.0617 -0.0865 247 LYS A NZ  
373 N N   . GLY A 60 ? 0.3041 0.2543 0.4185 0.0105  -0.0263 0.0302  248 GLY A N   
374 C CA  . GLY A 60 ? 0.3019 0.2398 0.4243 0.0102  -0.0378 0.0472  248 GLY A CA  
375 C C   . GLY A 60 ? 0.2425 0.1863 0.3471 0.0029  -0.0448 0.0612  248 GLY A C   
376 O O   . GLY A 60 ? 0.2629 0.2141 0.3486 -0.0037 -0.0440 0.0616  248 GLY A O   
377 N N   . LYS A 61 ? 0.2538 0.1949 0.3308 0.0405  0.0246  0.0271  249 LYS A N   
378 C CA  . LYS A 61 ? 0.2175 0.1929 0.2884 0.0337  0.0153  0.0261  249 LYS A CA  
379 C C   . LYS A 61 ? 0.2449 0.2190 0.3027 0.0137  0.0182  0.0192  249 LYS A C   
380 O O   . LYS A 61 ? 0.2638 0.2162 0.3170 0.0033  0.0235  0.0213  249 LYS A O   
381 C CB  . LYS A 61 ? 0.3778 0.3628 0.4366 0.0455  0.0046  0.0438  249 LYS A CB  
382 C CG  . LYS A 61 ? 0.4427 0.4022 0.4798 0.0403  0.0125  0.0614  249 LYS A CG  
383 C CD  . LYS A 61 ? 0.5740 0.5376 0.5866 0.0590  0.0040  0.0831  249 LYS A CD  
384 C CE  . LYS A 61 ? 0.6450 0.5854 0.6311 0.0522  0.0191  0.1042  249 LYS A CE  
385 N NZ  . LYS A 61 ? 0.7268 0.6717 0.6736 0.0735  0.0113  0.1258  249 LYS A NZ  
386 N N   . TRP A 62 ? 0.2203 0.2179 0.2782 0.0082  0.0142  0.0104  250 TRP A N   
387 C CA  . TRP A 62 ? 0.1859 0.1857 0.2346 -0.0055 0.0139  0.0045  250 TRP A CA  
388 C C   . TRP A 62 ? 0.1968 0.2203 0.2461 -0.0061 0.0083  0.0021  250 TRP A C   
389 O O   . TRP A 62 ? 0.2023 0.2351 0.2612 -0.0033 0.0086  -0.0032 250 TRP A O   
390 C CB  . TRP A 62 ? 0.2187 0.2036 0.2603 -0.0108 0.0181  -0.0082 250 TRP A CB  
391 C CG  . TRP A 62 ? 0.2207 0.2086 0.2539 -0.0218 0.0117  -0.0138 250 TRP A CG  
392 C CD1 . TRP A 62 ? 0.2162 0.1972 0.2554 -0.0317 0.0084  -0.0168 250 TRP A CD1 
393 C CD2 . TRP A 62 ? 0.2084 0.2093 0.2329 -0.0225 0.0068  -0.0161 250 TRP A CD2 
394 N NE1 . TRP A 62 ? 0.2500 0.2457 0.2880 -0.0375 -0.0015 -0.0228 250 TRP A NE1 
395 C CE2 . TRP A 62 ? 0.1829 0.1882 0.2082 -0.0297 -0.0026 -0.0207 250 TRP A CE2 
396 C CE3 . TRP A 62 ? 0.2409 0.2487 0.2624 -0.0179 0.0100  -0.0140 250 TRP A CE3 
397 C CZ2 . TRP A 62 ? 0.2191 0.2355 0.2372 -0.0277 -0.0115 -0.0219 250 TRP A CZ2 
398 C CZ3 . TRP A 62 ? 0.2187 0.2294 0.2300 -0.0180 0.0052  -0.0134 250 TRP A CZ3 
399 C CH2 . TRP A 62 ? 0.1930 0.2075 0.2000 -0.0206 -0.0067 -0.0166 250 TRP A CH2 
400 N N   . TYR A 63 ? 0.2028 0.2342 0.2463 -0.0105 0.0059  0.0050  251 TYR A N   
401 C CA  . TYR A 63 ? 0.1946 0.2415 0.2386 -0.0110 0.0019  -0.0006 251 TYR A CA  
402 C C   . TYR A 63 ? 0.2156 0.2618 0.2597 -0.0176 0.0016  -0.0040 251 TYR A C   
403 O O   . TYR A 63 ? 0.2185 0.2629 0.2666 -0.0235 0.0027  -0.0024 251 TYR A O   
404 C CB  . TYR A 63 ? 0.1928 0.2522 0.2287 -0.0061 0.0004  0.0029  251 TYR A CB  
405 C CG  . TYR A 63 ? 0.1833 0.2522 0.2148 0.0040  -0.0082 0.0016  251 TYR A CG  
406 C CD1 . TYR A 63 ? 0.1868 0.2641 0.2367 0.0047  -0.0152 -0.0093 251 TYR A CD1 
407 C CD2 . TYR A 63 ? 0.2309 0.3028 0.2404 0.0130  -0.0094 0.0105  251 TYR A CD2 
408 C CE1 . TYR A 63 ? 0.1892 0.2830 0.2432 0.0133  -0.0286 -0.0150 251 TYR A CE1 
409 C CE2 . TYR A 63 ? 0.2155 0.2998 0.2149 0.0255  -0.0238 0.0074  251 TYR A CE2 
410 C CZ  . TYR A 63 ? 0.2149 0.3133 0.2405 0.0254  -0.0364 -0.0077 251 TYR A CZ  
411 O OH  . TYR A 63 ? 0.2239 0.3410 0.2466 0.0371  -0.0558 -0.0150 251 TYR A OH  
412 N N   . CYS A 64 ? 0.1725 0.2214 0.2172 -0.0160 -0.0009 -0.0085 252 CYS A N   
413 C CA  . CYS A 64 ? 0.1723 0.2231 0.2171 -0.0166 -0.0054 -0.0099 252 CYS A CA  
414 C C   . CYS A 64 ? 0.2005 0.2696 0.2583 -0.0160 -0.0052 -0.0103 252 CYS A C   
415 O O   . CYS A 64 ? 0.1923 0.2686 0.2494 -0.0147 0.0010  -0.0086 252 CYS A O   
416 C CB  . CYS A 64 ? 0.1995 0.2414 0.2402 -0.0120 -0.0054 -0.0099 252 CYS A CB  
417 S SG  . CYS A 64 ? 0.1880 0.2358 0.2416 -0.0074 -0.0048 -0.0154 252 CYS A SG  
418 N N   . PRO A 65 ? 0.1691 0.2483 0.2386 -0.0148 -0.0112 -0.0123 253 PRO A N   
419 C CA  . PRO A 65 ? 0.1504 0.2529 0.2420 -0.0141 -0.0063 -0.0135 253 PRO A CA  
420 C C   . PRO A 65 ? 0.1611 0.2690 0.2503 -0.0049 0.0017  -0.0167 253 PRO A C   
421 O O   . PRO A 65 ? 0.1882 0.3132 0.2862 -0.0037 0.0134  -0.0169 253 PRO A O   
422 C CB  . PRO A 65 ? 0.1720 0.2880 0.2827 -0.0105 -0.0195 -0.0173 253 PRO A CB  
423 C CG  . PRO A 65 ? 0.1640 0.2614 0.2538 -0.0150 -0.0310 -0.0180 253 PRO A CG  
424 C CD  . PRO A 65 ? 0.1719 0.2451 0.2346 -0.0137 -0.0234 -0.0140 253 PRO A CD  
425 N N   . THR A 66 ? 0.1522 0.2441 0.2294 0.0008  -0.0022 -0.0204 254 THR A N   
426 C CA  . THR A 66 ? 0.1823 0.2744 0.2565 0.0083  0.0025  -0.0298 254 THR A CA  
427 C C   . THR A 66 ? 0.1841 0.2760 0.2391 0.0059  0.0047  -0.0319 254 THR A C   
428 O O   . THR A 66 ? 0.2117 0.3139 0.2539 0.0114  0.0115  -0.0366 254 THR A O   
429 C CB  . THR A 66 ? 0.1927 0.2636 0.2699 0.0130  -0.0024 -0.0341 254 THR A CB  
430 O OG1 . THR A 66 ? 0.1898 0.2616 0.2800 0.0214  -0.0064 -0.0295 254 THR A OG1 
431 C CG2 . THR A 66 ? 0.1928 0.2586 0.2697 0.0186  0.0006  -0.0498 254 THR A CG2 
432 N N   . CYS A 67 ? 0.1737 0.2550 0.2245 0.0003  -0.0010 -0.0285 255 CYS A N   
433 C CA  . CYS A 67 ? 0.1832 0.2679 0.2211 0.0019  -0.0049 -0.0316 255 CYS A CA  
434 C C   . CYS A 67 ? 0.2125 0.3039 0.2328 0.0043  0.0008  -0.0199 255 CYS A C   
435 O O   . CYS A 67 ? 0.2388 0.3356 0.2366 0.0121  -0.0021 -0.0215 255 CYS A O   
436 C CB  . CYS A 67 ? 0.1954 0.2728 0.2442 -0.0030 -0.0103 -0.0305 255 CYS A CB  
437 S SG  . CYS A 67 ? 0.1899 0.2548 0.2602 -0.0076 -0.0108 -0.0414 255 CYS A SG  
438 N N   . ARG A 68 ? 0.2096 0.2986 0.2384 -0.0021 0.0085  -0.0085 256 ARG A N   
439 C CA  . ARG A 68 ? 0.2075 0.2960 0.2239 -0.0022 0.0191  0.0058  256 ARG A CA  
440 C C   . ARG A 68 ? 0.2334 0.3347 0.2359 0.0033  0.0332  0.0074  256 ARG A C   
441 O O   . ARG A 68 ? 0.2626 0.3602 0.2454 0.0054  0.0462  0.0228  256 ARG A O   
442 C CB  . ARG A 68 ? 0.2328 0.3125 0.2691 -0.0139 0.0240  0.0138  256 ARG A CB  
443 C CG  . ARG A 68 ? 0.2192 0.3140 0.2832 -0.0215 0.0284  0.0091  256 ARG A CG  
444 C CD  . ARG A 68 ? 0.2204 0.3074 0.3065 -0.0351 0.0283  0.0114  256 ARG A CD  
445 N NE  . ARG A 68 ? 0.2132 0.2876 0.2942 -0.0350 0.0131  0.0028  256 ARG A NE  
446 C CZ  . ARG A 68 ? 0.3350 0.4100 0.4297 -0.0420 0.0030  -0.0061 256 ARG A CZ  
447 N NH1 . ARG A 68 ? 0.3750 0.4683 0.5020 -0.0515 0.0029  -0.0099 256 ARG A NH1 
448 N NH2 . ARG A 68 ? 0.2807 0.3415 0.3575 -0.0385 -0.0071 -0.0123 256 ARG A NH2 
449 N N   . LEU A 69 ? 0.2012 0.3145 0.2115 0.0076  0.0342  -0.0069 257 LEU A N   
450 C CA  . LEU A 69 ? 0.2255 0.3526 0.2222 0.0157  0.0514  -0.0096 257 LEU A CA  
451 C C   . LEU A 69 ? 0.2737 0.3996 0.2357 0.0291  0.0441  -0.0267 257 LEU A C   
452 O O   . LEU A 69 ? 0.3374 0.4715 0.2750 0.0391  0.0585  -0.0321 257 LEU A O   
453 C CB  . LEU A 69 ? 0.2138 0.3580 0.2500 0.0143  0.0597  -0.0164 257 LEU A CB  
454 C CG  . LEU A 69 ? 0.2495 0.4022 0.3239 0.0003  0.0642  -0.0046 257 LEU A CG  
455 C CD1 . LEU A 69 ? 0.2122 0.3904 0.3308 0.0029  0.0671  -0.0135 257 LEU A CD1 
456 C CD2 . LEU A 69 ? 0.2746 0.4278 0.3434 -0.0073 0.0865  0.0135  257 LEU A CD2 
457 N N   . LEU A 70 ? 0.2747 0.3912 0.2367 0.0287  0.0222  -0.0377 258 LEU A N   
458 C CA  . LEU A 70 ? 0.2863 0.4026 0.2243 0.0380  0.0100  -0.0595 258 LEU A CA  
459 C C   . LEU A 70 ? 0.3340 0.4546 0.2204 0.0495  0.0085  -0.0529 258 LEU A C   
460 O O   . LEU A 70 ? 0.3474 0.4642 0.2247 0.0487  0.0085  -0.0302 258 LEU A O   
461 C CB  . LEU A 70 ? 0.2864 0.3955 0.2486 0.0311  -0.0111 -0.0715 258 LEU A CB  
462 C CG  . LEU A 70 ? 0.3136 0.4109 0.3141 0.0237  -0.0109 -0.0802 258 LEU A CG  
463 C CD1 . LEU A 70 ? 0.3416 0.4320 0.3667 0.0141  -0.0245 -0.0848 258 LEU A CD1 
464 C CD2 . LEU A 70 ? 0.3197 0.4118 0.3172 0.0315  -0.0075 -0.1031 258 LEU A CD2 
465 N N   . PRO A 71 ? 0.3919 0.5166 0.2400 0.0622  0.0066  -0.0725 259 PRO A N   
466 C CA  . PRO A 71 ? 0.4591 0.5863 0.2438 0.0776  0.0028  -0.0651 259 PRO A CA  
467 C C   . PRO A 71 ? 0.4908 0.6210 0.2747 0.0799  -0.0301 -0.0671 259 PRO A C   
468 O O   . PRO A 71 ? 0.4903 0.6241 0.3148 0.0713  -0.0510 -0.0883 259 PRO A O   
469 C CB  . PRO A 71 ? 0.5883 0.7184 0.3342 0.0906  0.0053  -0.0943 259 PRO A CB  
470 C CG  . PRO A 71 ? 0.5461 0.6723 0.3441 0.0809  -0.0039 -0.1239 259 PRO A CG  
471 C CD  . PRO A 71 ? 0.4377 0.5613 0.2911 0.0665  0.0101  -0.1021 259 PRO A CD  
472 N N   . GLN A 72 ? 0.5653 0.6933 0.3095 0.0917  -0.0327 -0.0425 260 GLN A N   
473 C CA  . GLN A 72 ? 0.6168 0.7524 0.3604 0.0998  -0.0664 -0.0450 260 GLN A CA  
474 C C   . GLN A 72 ? 0.6902 0.8239 0.3864 0.1142  -0.0806 -0.0511 260 GLN A C   
475 O O   . GLN A 72 ? 0.7561 0.8767 0.3974 0.1257  -0.0643 -0.0295 260 GLN A O   
476 C CB  . GLN A 72 ? 0.5758 0.7016 0.3328 0.1003  -0.0623 -0.0103 260 GLN A CB  
477 C CG  . GLN A 72 ? 0.4825 0.6020 0.3028 0.0799  -0.0509 -0.0073 260 GLN A CG  
478 C CD  . GLN A 72 ? 0.4809 0.5839 0.3132 0.0799  -0.0427 0.0231  260 GLN A CD  
479 O OE1 . GLN A 72 ? 0.5204 0.6167 0.3190 0.0977  -0.0507 0.0430  260 GLN A OE1 
480 N NE2 . GLN A 72 ? 0.3848 0.4789 0.2626 0.0625  -0.0294 0.0256  260 GLN A NE2 
481 N N   . ALA B 1  ? 0.2632 0.2324 0.3001 0.0024  0.0084  0.0229  1   ALA P N   
482 C CA  . ALA B 1  ? 0.2519 0.2317 0.2775 -0.0067 0.0109  0.0119  1   ALA P CA  
483 C C   . ALA B 1  ? 0.2178 0.2115 0.2675 -0.0099 0.0147  -0.0002 1   ALA P C   
484 O O   . ALA B 1  ? 0.2487 0.2408 0.3164 -0.0041 0.0200  -0.0034 1   ALA P O   
485 C CB  . ALA B 1  ? 0.2680 0.2391 0.2791 -0.0109 0.0238  0.0135  1   ALA P CB  
486 N N   . ARG B 2  ? 0.2142 0.2154 0.2593 -0.0190 0.0136  -0.0066 2   ARG P N   
487 C CA  . ARG B 2  ? 0.2034 0.2166 0.2635 -0.0249 0.0224  -0.0134 2   ARG P CA  
488 C C   . ARG B 2  ? 0.2220 0.2198 0.2664 -0.0254 0.0317  -0.0161 2   ARG P C   
489 O O   . ARG B 2  ? 0.2513 0.2360 0.2779 -0.0256 0.0311  -0.0138 2   ARG P O   
490 C CB  . ARG B 2  ? 0.2107 0.2310 0.2717 -0.0396 0.0183  -0.0149 2   ARG P CB  
491 C CG  . ARG B 2  ? 0.2268 0.2771 0.3162 -0.0435 0.0047  -0.0130 2   ARG P CG  
492 C CD  . ARG B 2  ? 0.2382 0.2950 0.3346 -0.0666 -0.0005 -0.0146 2   ARG P CD  
493 N NE  . ARG B 2  ? 0.3553 0.4321 0.4739 -0.0739 0.0188  -0.0119 2   ARG P NE  
494 C CZ  . ARG B 2  ? 0.4165 0.4770 0.5237 -0.0936 0.0255  -0.0090 2   ARG P CZ  
495 N NH1 . ARG B 2  ? 0.4359 0.5173 0.5578 -0.0994 0.0465  -0.0029 2   ARG P NH1 
496 N NH2 . ARG B 2  ? 0.3721 0.3916 0.4493 -0.1060 0.0126  -0.0118 2   ARG P NH2 
497 N N   . THR B 3  ? 0.2528 0.2548 0.3034 -0.0230 0.0395  -0.0220 3   THR P N   
498 C CA  . THR B 3  ? 0.2410 0.2325 0.2742 -0.0248 0.0419  -0.0254 3   THR P CA  
499 C C   . THR B 3  ? 0.2626 0.2607 0.2861 -0.0270 0.0516  -0.0299 3   THR P C   
500 O O   . THR B 3  ? 0.2754 0.2905 0.3138 -0.0249 0.0609  -0.0322 3   THR P O   
501 C CB  . THR B 3  ? 0.2305 0.2115 0.2675 -0.0224 0.0385  -0.0300 3   THR P CB  
502 O OG1 . THR B 3  ? 0.2891 0.2645 0.3342 -0.0147 0.0427  -0.0394 3   THR P OG1 
503 C CG2 . THR B 3  ? 0.2638 0.2405 0.3089 -0.0233 0.0339  -0.0198 3   THR P CG2 
504 N N   . M3L B 4  ? 0.2460 0.2354 0.2446 -0.0296 0.0502  -0.0287 4   M3L P N   
505 C CA  . M3L B 4  ? 0.2900 0.2818 0.2664 -0.0316 0.0607  -0.0296 4   M3L P CA  
506 C CB  . M3L B 4  ? 0.3132 0.3028 0.2814 -0.0415 0.0674  -0.0153 4   M3L P CB  
507 C CG  . M3L B 4  ? 0.3017 0.2682 0.2536 -0.0410 0.0554  -0.0053 4   M3L P CG  
508 C CD  . M3L B 4  ? 0.3504 0.2996 0.2934 -0.0533 0.0611  0.0081  4   M3L P CD  
509 C CE  . M3L B 4  ? 0.3333 0.2487 0.2589 -0.0460 0.0498  0.0158  4   M3L P CE  
510 N NZ  . M3L B 4  ? 0.3630 0.2415 0.2705 -0.0580 0.0529  0.0295  4   M3L P NZ  
511 C C   . M3L B 4  ? 0.2853 0.2663 0.2302 -0.0296 0.0519  -0.0335 4   M3L P C   
512 O O   . M3L B 4  ? 0.2871 0.2653 0.2354 -0.0289 0.0367  -0.0315 4   M3L P O   
513 C CM1 . M3L B 4  ? 0.3703 0.2554 0.3027 -0.0790 0.0566  0.0253  4   M3L P CM1 
514 C CM2 . M3L B 4  ? 0.4005 0.2725 0.2780 -0.0627 0.0617  0.0455  4   M3L P CM2 
515 C CM3 . M3L B 4  ? 0.4000 0.2396 0.2913 -0.0414 0.0419  0.0325  4   M3L P CM3 
516 N N   . GLN B 5  ? 0.3275 0.3079 0.2410 -0.0282 0.0619  -0.0395 5   GLN P N   
517 C CA  . GLN B 5  ? 0.3506 0.3207 0.2225 -0.0272 0.0498  -0.0435 5   GLN P CA  
518 C C   . GLN B 5  ? 0.4498 0.4159 0.2852 -0.0295 0.0581  -0.0255 5   GLN P C   
519 O O   . GLN B 5  ? 0.5655 0.5383 0.3943 -0.0326 0.0819  -0.0207 5   GLN P O   
520 C CB  . GLN B 5  ? 0.5410 0.5024 0.3881 -0.0224 0.0535  -0.0676 5   GLN P CB  
521 C CG  . GLN B 5  ? 0.6477 0.5978 0.5008 -0.0266 0.0287  -0.0810 5   GLN P CG  
522 C CD  . GLN B 5  ? 0.7889 0.7173 0.5946 -0.0262 0.0199  -0.1065 5   GLN P CD  
523 O OE1 . GLN B 5  ? 0.8700 0.7914 0.6260 -0.0183 0.0359  -0.1153 5   GLN P OE1 
524 N NE2 . GLN B 5  ? 0.7747 0.6917 0.5923 -0.0370 -0.0059 -0.1186 5   GLN P NE2 
525 N N   . THR B 6  ? 0.4299 0.3869 0.2444 -0.0275 0.0397  -0.0128 6   THR P N   
526 C CA  . THR B 6  ? 0.4683 0.4105 0.2429 -0.0287 0.0465  0.0099  6   THR P CA  
527 C C   . THR B 6  ? 0.5303 0.4664 0.2420 -0.0236 0.0350  0.0095  6   THR P C   
528 O O   . THR B 6  ? 0.5761 0.5194 0.2818 -0.0202 0.0123  -0.0081 6   THR P O   
529 C CB  . THR B 6  ? 0.5026 0.4289 0.2941 -0.0250 0.0349  0.0293  6   THR P CB  
530 O OG1 . THR B 6  ? 0.4978 0.4351 0.3025 -0.0134 0.0088  0.0254  6   THR P OG1 
531 C CG2 . THR B 6  ? 0.4528 0.3793 0.2921 -0.0318 0.0454  0.0265  6   THR P CG2 
532 N N   . ALA B 7  ? 0.5586 0.4804 0.2198 -0.0258 0.0496  0.0296  7   ALA P N   
533 C CA  . ALA B 7  ? 0.6338 0.5473 0.2187 -0.0206 0.0424  0.0309  7   ALA P CA  
534 C C   . ALA B 7  ? 0.6926 0.6026 0.2602 -0.0102 0.0006  0.0384  7   ALA P C   
535 O O   . ALA B 7  ? 0.7245 0.6388 0.2481 -0.0070 -0.0213 0.0239  7   ALA P O   
536 C CB  . ALA B 7  ? 0.7235 0.6213 0.2582 -0.0265 0.0701  0.0590  7   ALA P CB  
537 N N   . ARG B 8  ? 0.6617 0.5643 0.2630 -0.0037 -0.0113 0.0606  8   ARG P N   
538 C CA  . ARG B 8  ? 0.6537 0.5614 0.2518 0.0120  -0.0493 0.0734  8   ARG P CA  
539 C C   . ARG B 8  ? 0.6350 0.5805 0.2829 0.0113  -0.0748 0.0471  8   ARG P C   
540 O O   . ARG B 8  ? 0.5446 0.5024 0.2512 0.0047  -0.0629 0.0321  8   ARG P O   
541 C CB  . ARG B 8  ? 0.6455 0.5309 0.2719 0.0243  -0.0491 0.1005  8   ARG P CB  
542 C CG  . ARG B 8  ? 0.7288 0.6157 0.3429 0.0480  -0.0839 0.1220  8   ARG P CG  
543 C CD  . ARG B 8  ? 0.7745 0.6252 0.4090 0.0665  -0.0805 0.1474  8   ARG P CD  
544 N NE  . ARG B 8  ? 0.8199 0.6169 0.4275 0.0512  -0.0485 0.1622  8   ARG P NE  
545 C CZ  . ARG B 8  ? 0.9674 0.7181 0.5109 0.0485  -0.0415 0.1935  8   ARG P CZ  
546 N NH1 . ARG B 8  ? 1.0472 0.7929 0.5342 0.0652  -0.0660 0.2159  8   ARG P NH1 
547 N NH2 . ARG B 8  ? 1.0014 0.7104 0.5380 0.0270  -0.0109 0.2047  8   ARG P NH2 
548 N N   . LYS B 9  ? 0.6918 0.6567 0.3169 0.0151  -0.1113 0.0425  9   LYS P N   
549 C CA  . LYS B 9  ? 0.6485 0.6513 0.3329 0.0074  -0.1349 0.0204  9   LYS P CA  
550 C C   . LYS B 9  ? 0.6183 0.6539 0.3757 0.0220  -0.1492 0.0379  9   LYS P C   
551 O O   . LYS B 9  ? 0.6480 0.6934 0.3980 0.0420  -0.1721 0.0615  9   LYS P O   
552 C CB  . LYS B 9  ? 0.7493 0.7640 0.3899 -0.0009 -0.1716 0.0029  9   LYS P CB  
553 C CG  . LYS B 9  ? 0.7425 0.7650 0.4158 -0.0224 -0.1751 -0.0323 9   LYS P CG  
554 C CD  . LYS B 9  ? 0.8478 0.8794 0.4836 -0.0348 -0.2191 -0.0532 9   LYS P CD  
555 C CE  . LYS B 9  ? 0.8169 0.8967 0.5386 -0.0509 -0.2522 -0.0597 9   LYS P CE  
556 N NZ  . LYS B 9  ? 0.7619 0.8274 0.5287 -0.0726 -0.2339 -0.0847 9   LYS P NZ  
# 
